data_7YEY
# 
_entry.id   7YEY 
# 
_audit_conform.dict_name       mmcif_pdbx.dic 
_audit_conform.dict_version    5.402 
_audit_conform.dict_location   http://mmcif.pdb.org/dictionaries/ascii/mmcif_pdbx.dic 
# 
loop_
_database_2.database_id 
_database_2.database_code 
_database_2.pdbx_database_accession 
_database_2.pdbx_DOI 
PDB   7YEY         pdb_00007yey 10.2210/pdb7yey/pdb 
WWPDB D_1300030775 ?            ?                   
# 
loop_
_pdbx_audit_revision_history.ordinal 
_pdbx_audit_revision_history.data_content_type 
_pdbx_audit_revision_history.major_revision 
_pdbx_audit_revision_history.minor_revision 
_pdbx_audit_revision_history.revision_date 
_pdbx_audit_revision_history.part_number 
1 'Structure model' 1 0 2023-07-12 ? 
2 'Structure model' 1 1 2023-11-29 ? 
3 'Structure model' 1 2 2025-03-05 ? 
# 
_pdbx_audit_revision_details.ordinal             1 
_pdbx_audit_revision_details.revision_ordinal    1 
_pdbx_audit_revision_details.data_content_type   'Structure model' 
_pdbx_audit_revision_details.provider            repository 
_pdbx_audit_revision_details.type                'Initial release' 
_pdbx_audit_revision_details.description         ? 
_pdbx_audit_revision_details.details             ? 
# 
loop_
_pdbx_audit_revision_group.ordinal 
_pdbx_audit_revision_group.revision_ordinal 
_pdbx_audit_revision_group.data_content_type 
_pdbx_audit_revision_group.group 
1 2 'Structure model' 'Data collection'        
2 2 'Structure model' 'Refinement description' 
3 3 'Structure model' 'Database references'    
4 3 'Structure model' 'Structure summary'      
# 
loop_
_pdbx_audit_revision_category.ordinal 
_pdbx_audit_revision_category.revision_ordinal 
_pdbx_audit_revision_category.data_content_type 
_pdbx_audit_revision_category.category 
1 2 'Structure model' chem_comp_atom                
2 2 'Structure model' chem_comp_bond                
3 2 'Structure model' pdbx_initial_refinement_model 
4 3 'Structure model' citation                      
5 3 'Structure model' citation_author               
6 3 'Structure model' pdbx_entry_details            
# 
loop_
_pdbx_audit_revision_item.ordinal 
_pdbx_audit_revision_item.revision_ordinal 
_pdbx_audit_revision_item.data_content_type 
_pdbx_audit_revision_item.item 
1 3 'Structure model' '_citation.country'                 
2 3 'Structure model' '_citation.journal_abbrev'          
3 3 'Structure model' '_citation.journal_id_ASTM'         
4 3 'Structure model' '_citation.journal_id_CSD'          
5 3 'Structure model' '_citation.journal_id_ISSN'         
6 3 'Structure model' '_citation.pdbx_database_id_DOI'    
7 3 'Structure model' '_citation.pdbx_database_id_PubMed' 
8 3 'Structure model' '_citation.title'                   
9 3 'Structure model' '_citation.year'                    
# 
_pdbx_database_status.status_code                     REL 
_pdbx_database_status.status_code_sf                  REL 
_pdbx_database_status.status_code_mr                  ? 
_pdbx_database_status.entry_id                        7YEY 
_pdbx_database_status.recvd_initial_deposition_date   2022-07-06 
_pdbx_database_status.SG_entry                        N 
_pdbx_database_status.deposit_site                    PDBJ 
_pdbx_database_status.process_site                    PDBJ 
_pdbx_database_status.status_code_cs                  ? 
_pdbx_database_status.status_code_nmr_data            ? 
_pdbx_database_status.methods_development_category    ? 
_pdbx_database_status.pdb_format_compatible           Y 
# 
_pdbx_contact_author.id                 2 
_pdbx_contact_author.email              bxwu15@fudan.edu.cn 
_pdbx_contact_author.name_first         Wu 
_pdbx_contact_author.name_last          Baixing 
_pdbx_contact_author.name_mi            ? 
_pdbx_contact_author.role               'principal investigator/group leader' 
_pdbx_contact_author.identifier_ORCID   0000-0003-2502-9785 
# 
loop_
_audit_author.name 
_audit_author.pdbx_ordinal 
_audit_author.identifier_ORCID 
'Li, X.J.' 1 ? 
'Wu, B.X.' 2 ? 
# 
_citation.abstract                  ? 
_citation.abstract_id_CAS           ? 
_citation.book_id_ISBN              ? 
_citation.book_publisher            ? 
_citation.book_publisher_city       ? 
_citation.book_title                ? 
_citation.coordinate_linkage        ? 
_citation.country                   UK 
_citation.database_id_Medline       ? 
_citation.details                   ? 
_citation.id                        primary 
_citation.journal_abbrev            Structure 
_citation.journal_id_ASTM           STRUE6 
_citation.journal_id_CSD            2005 
_citation.journal_id_ISSN           0969-2126 
_citation.journal_full              ? 
_citation.journal_issue             ? 
_citation.journal_volume            ? 
_citation.language                  ? 
_citation.page_first                ? 
_citation.page_last                 ? 
_citation.title                     'Structural basis for the RNA binding properties of mouse IGF2BP3.' 
_citation.year                      2025 
_citation.database_id_CSD           ? 
_citation.pdbx_database_id_DOI      10.1016/j.str.2025.01.022 
_citation.pdbx_database_id_PubMed   39986276 
_citation.pdbx_database_id_patent   ? 
_citation.unpublished_flag          ? 
# 
loop_
_citation_author.citation_id 
_citation_author.name 
_citation_author.ordinal 
_citation_author.identifier_ORCID 
primary 'Li, X.'    1 ? 
primary 'Guo, W.'   2 ? 
primary 'Wen, Y.'   3 ? 
primary 'Meng, C.'  4 ? 
primary 'Zhang, Q.' 5 ? 
primary 'Chen, H.'  6 ? 
primary 'Zhao, X.'  7 ? 
primary 'Wu, B.'    8 ? 
# 
loop_
_entity.id 
_entity.type 
_entity.src_method 
_entity.pdbx_description 
_entity.formula_weight 
_entity.pdbx_number_of_molecules 
_entity.pdbx_ec 
_entity.pdbx_mutation 
_entity.pdbx_fragment 
_entity.details 
1 polymer man 'Insulin-like growth factor 2 mRNA-binding protein 3' 18327.133 1  ? ? ? ? 
2 polymer syn 
;RNA (5'-R(*CP*AP*CP*GP*GP*CP*AP*C)-3')
;
2524.593  1  ? ? ? ? 
3 water   nat water                                                 18.015    78 ? ? ? ? 
# 
_entity_name_com.entity_id   1 
_entity_name_com.name        'IGF2 mRNA-binding protein 3,IMP-3,mIMP-3,IGF-II mRNA-binding protein 3,VICKZ family member 3' 
# 
loop_
_entity_poly.entity_id 
_entity_poly.type 
_entity_poly.nstd_linkage 
_entity_poly.nstd_monomer 
_entity_poly.pdbx_seq_one_letter_code 
_entity_poly.pdbx_seq_one_letter_code_can 
_entity_poly.pdbx_strand_id 
_entity_poly.pdbx_target_identifier 
1 'polypeptide(L)'   no no 
;KPCDLPLRLLVPTQFVGAIIGKEGATIRNITKQTQSKIDVHRKENTGAAEKSITILSTPEGTSAACKSILEIMHKEAQDI
KFTEEIPLKILAHNNFVGRLIGKEGRNLKKIEQDTDTKITISPLQELTLYNPERTITVKGSVETCAKAEEEIMKKIRESY
ENDI
;
;KPCDLPLRLLVPTQFVGAIIGKEGATIRNITKQTQSKIDVHRKENTGAAEKSITILSTPEGTSAACKSILEIMHKEAQDI
KFTEEIPLKILAHNNFVGRLIGKEGRNLKKIEQDTDTKITISPLQELTLYNPERTITVKGSVETCAKAEEEIMKKIRESY
ENDI
;
A ? 
2 polyribonucleotide no no CACGGCAC CACGGCAC B ? 
# 
_pdbx_entity_nonpoly.entity_id   3 
_pdbx_entity_nonpoly.name        water 
_pdbx_entity_nonpoly.comp_id     HOH 
# 
loop_
_entity_poly_seq.entity_id 
_entity_poly_seq.num 
_entity_poly_seq.mon_id 
_entity_poly_seq.hetero 
1 1   LYS n 
1 2   PRO n 
1 3   CYS n 
1 4   ASP n 
1 5   LEU n 
1 6   PRO n 
1 7   LEU n 
1 8   ARG n 
1 9   LEU n 
1 10  LEU n 
1 11  VAL n 
1 12  PRO n 
1 13  THR n 
1 14  GLN n 
1 15  PHE n 
1 16  VAL n 
1 17  GLY n 
1 18  ALA n 
1 19  ILE n 
1 20  ILE n 
1 21  GLY n 
1 22  LYS n 
1 23  GLU n 
1 24  GLY n 
1 25  ALA n 
1 26  THR n 
1 27  ILE n 
1 28  ARG n 
1 29  ASN n 
1 30  ILE n 
1 31  THR n 
1 32  LYS n 
1 33  GLN n 
1 34  THR n 
1 35  GLN n 
1 36  SER n 
1 37  LYS n 
1 38  ILE n 
1 39  ASP n 
1 40  VAL n 
1 41  HIS n 
1 42  ARG n 
1 43  LYS n 
1 44  GLU n 
1 45  ASN n 
1 46  THR n 
1 47  GLY n 
1 48  ALA n 
1 49  ALA n 
1 50  GLU n 
1 51  LYS n 
1 52  SER n 
1 53  ILE n 
1 54  THR n 
1 55  ILE n 
1 56  LEU n 
1 57  SER n 
1 58  THR n 
1 59  PRO n 
1 60  GLU n 
1 61  GLY n 
1 62  THR n 
1 63  SER n 
1 64  ALA n 
1 65  ALA n 
1 66  CYS n 
1 67  LYS n 
1 68  SER n 
1 69  ILE n 
1 70  LEU n 
1 71  GLU n 
1 72  ILE n 
1 73  MET n 
1 74  HIS n 
1 75  LYS n 
1 76  GLU n 
1 77  ALA n 
1 78  GLN n 
1 79  ASP n 
1 80  ILE n 
1 81  LYS n 
1 82  PHE n 
1 83  THR n 
1 84  GLU n 
1 85  GLU n 
1 86  ILE n 
1 87  PRO n 
1 88  LEU n 
1 89  LYS n 
1 90  ILE n 
1 91  LEU n 
1 92  ALA n 
1 93  HIS n 
1 94  ASN n 
1 95  ASN n 
1 96  PHE n 
1 97  VAL n 
1 98  GLY n 
1 99  ARG n 
1 100 LEU n 
1 101 ILE n 
1 102 GLY n 
1 103 LYS n 
1 104 GLU n 
1 105 GLY n 
1 106 ARG n 
1 107 ASN n 
1 108 LEU n 
1 109 LYS n 
1 110 LYS n 
1 111 ILE n 
1 112 GLU n 
1 113 GLN n 
1 114 ASP n 
1 115 THR n 
1 116 ASP n 
1 117 THR n 
1 118 LYS n 
1 119 ILE n 
1 120 THR n 
1 121 ILE n 
1 122 SER n 
1 123 PRO n 
1 124 LEU n 
1 125 GLN n 
1 126 GLU n 
1 127 LEU n 
1 128 THR n 
1 129 LEU n 
1 130 TYR n 
1 131 ASN n 
1 132 PRO n 
1 133 GLU n 
1 134 ARG n 
1 135 THR n 
1 136 ILE n 
1 137 THR n 
1 138 VAL n 
1 139 LYS n 
1 140 GLY n 
1 141 SER n 
1 142 VAL n 
1 143 GLU n 
1 144 THR n 
1 145 CYS n 
1 146 ALA n 
1 147 LYS n 
1 148 ALA n 
1 149 GLU n 
1 150 GLU n 
1 151 GLU n 
1 152 ILE n 
1 153 MET n 
1 154 LYS n 
1 155 LYS n 
1 156 ILE n 
1 157 ARG n 
1 158 GLU n 
1 159 SER n 
1 160 TYR n 
1 161 GLU n 
1 162 ASN n 
1 163 ASP n 
1 164 ILE n 
2 1   C   n 
2 2   A   n 
2 3   C   n 
2 4   G   n 
2 5   G   n 
2 6   C   n 
2 7   A   n 
2 8   C   n 
# 
_entity_src_gen.entity_id                          1 
_entity_src_gen.pdbx_src_id                        1 
_entity_src_gen.pdbx_alt_source_flag               sample 
_entity_src_gen.pdbx_seq_type                      'Biological sequence' 
_entity_src_gen.pdbx_beg_seq_num                   1 
_entity_src_gen.pdbx_end_seq_num                   164 
_entity_src_gen.gene_src_common_name               'house mouse' 
_entity_src_gen.gene_src_genus                     ? 
_entity_src_gen.pdbx_gene_src_gene                 'Igf2bp3, Vickz3' 
_entity_src_gen.gene_src_species                   ? 
_entity_src_gen.gene_src_strain                    ? 
_entity_src_gen.gene_src_tissue                    ? 
_entity_src_gen.gene_src_tissue_fraction           ? 
_entity_src_gen.gene_src_details                   ? 
_entity_src_gen.pdbx_gene_src_fragment             ? 
_entity_src_gen.pdbx_gene_src_scientific_name      'Mus musculus' 
_entity_src_gen.pdbx_gene_src_ncbi_taxonomy_id     10090 
_entity_src_gen.pdbx_gene_src_variant              ? 
_entity_src_gen.pdbx_gene_src_cell_line            ? 
_entity_src_gen.pdbx_gene_src_atcc                 ? 
_entity_src_gen.pdbx_gene_src_organ                ? 
_entity_src_gen.pdbx_gene_src_organelle            ? 
_entity_src_gen.pdbx_gene_src_cell                 ? 
_entity_src_gen.pdbx_gene_src_cellular_location    ? 
_entity_src_gen.host_org_common_name               ? 
_entity_src_gen.pdbx_host_org_scientific_name      'Escherichia coli BL21(DE3)' 
_entity_src_gen.pdbx_host_org_ncbi_taxonomy_id     469008 
_entity_src_gen.host_org_genus                     ? 
_entity_src_gen.pdbx_host_org_gene                 ? 
_entity_src_gen.pdbx_host_org_organ                ? 
_entity_src_gen.host_org_species                   ? 
_entity_src_gen.pdbx_host_org_tissue               ? 
_entity_src_gen.pdbx_host_org_tissue_fraction      ? 
_entity_src_gen.pdbx_host_org_strain               ? 
_entity_src_gen.pdbx_host_org_variant              ? 
_entity_src_gen.pdbx_host_org_cell_line            ? 
_entity_src_gen.pdbx_host_org_atcc                 ? 
_entity_src_gen.pdbx_host_org_culture_collection   ? 
_entity_src_gen.pdbx_host_org_cell                 ? 
_entity_src_gen.pdbx_host_org_organelle            ? 
_entity_src_gen.pdbx_host_org_cellular_location    ? 
_entity_src_gen.pdbx_host_org_vector_type          ? 
_entity_src_gen.pdbx_host_org_vector               ? 
_entity_src_gen.host_org_details                   ? 
_entity_src_gen.expression_system_id               ? 
_entity_src_gen.plasmid_name                       ? 
_entity_src_gen.plasmid_details                    ? 
_entity_src_gen.pdbx_description                   ? 
# 
_pdbx_entity_src_syn.entity_id              2 
_pdbx_entity_src_syn.pdbx_src_id            1 
_pdbx_entity_src_syn.pdbx_alt_source_flag   sample 
_pdbx_entity_src_syn.pdbx_beg_seq_num       1 
_pdbx_entity_src_syn.pdbx_end_seq_num       8 
_pdbx_entity_src_syn.organism_scientific    'synthetic construct' 
_pdbx_entity_src_syn.organism_common_name   ? 
_pdbx_entity_src_syn.ncbi_taxonomy_id       32630 
_pdbx_entity_src_syn.details                ? 
# 
loop_
_chem_comp.id 
_chem_comp.type 
_chem_comp.mon_nstd_flag 
_chem_comp.name 
_chem_comp.pdbx_synonyms 
_chem_comp.formula 
_chem_comp.formula_weight 
A   'RNA linking'       y "ADENOSINE-5'-MONOPHOSPHATE" ? 'C10 H14 N5 O7 P' 347.221 
ALA 'L-peptide linking' y ALANINE                      ? 'C3 H7 N O2'      89.093  
ARG 'L-peptide linking' y ARGININE                     ? 'C6 H15 N4 O2 1'  175.209 
ASN 'L-peptide linking' y ASPARAGINE                   ? 'C4 H8 N2 O3'     132.118 
ASP 'L-peptide linking' y 'ASPARTIC ACID'              ? 'C4 H7 N O4'      133.103 
C   'RNA linking'       y "CYTIDINE-5'-MONOPHOSPHATE"  ? 'C9 H14 N3 O8 P'  323.197 
CYS 'L-peptide linking' y CYSTEINE                     ? 'C3 H7 N O2 S'    121.158 
G   'RNA linking'       y "GUANOSINE-5'-MONOPHOSPHATE" ? 'C10 H14 N5 O8 P' 363.221 
GLN 'L-peptide linking' y GLUTAMINE                    ? 'C5 H10 N2 O3'    146.144 
GLU 'L-peptide linking' y 'GLUTAMIC ACID'              ? 'C5 H9 N O4'      147.129 
GLY 'peptide linking'   y GLYCINE                      ? 'C2 H5 N O2'      75.067  
HIS 'L-peptide linking' y HISTIDINE                    ? 'C6 H10 N3 O2 1'  156.162 
HOH non-polymer         . WATER                        ? 'H2 O'            18.015  
ILE 'L-peptide linking' y ISOLEUCINE                   ? 'C6 H13 N O2'     131.173 
LEU 'L-peptide linking' y LEUCINE                      ? 'C6 H13 N O2'     131.173 
LYS 'L-peptide linking' y LYSINE                       ? 'C6 H15 N2 O2 1'  147.195 
MET 'L-peptide linking' y METHIONINE                   ? 'C5 H11 N O2 S'   149.211 
PHE 'L-peptide linking' y PHENYLALANINE                ? 'C9 H11 N O2'     165.189 
PRO 'L-peptide linking' y PROLINE                      ? 'C5 H9 N O2'      115.130 
SER 'L-peptide linking' y SERINE                       ? 'C3 H7 N O3'      105.093 
THR 'L-peptide linking' y THREONINE                    ? 'C4 H9 N O3'      119.119 
TYR 'L-peptide linking' y TYROSINE                     ? 'C9 H11 N O3'     181.189 
VAL 'L-peptide linking' y VALINE                       ? 'C5 H11 N O2'     117.146 
# 
loop_
_pdbx_poly_seq_scheme.asym_id 
_pdbx_poly_seq_scheme.entity_id 
_pdbx_poly_seq_scheme.seq_id 
_pdbx_poly_seq_scheme.mon_id 
_pdbx_poly_seq_scheme.ndb_seq_num 
_pdbx_poly_seq_scheme.pdb_seq_num 
_pdbx_poly_seq_scheme.auth_seq_num 
_pdbx_poly_seq_scheme.pdb_mon_id 
_pdbx_poly_seq_scheme.auth_mon_id 
_pdbx_poly_seq_scheme.pdb_strand_id 
_pdbx_poly_seq_scheme.pdb_ins_code 
_pdbx_poly_seq_scheme.hetero 
A 1 1   LYS 1   192 ?   ?   ?   A . n 
A 1 2   PRO 2   193 193 PRO PRO A . n 
A 1 3   CYS 3   194 194 CYS CYS A . n 
A 1 4   ASP 4   195 195 ASP ASP A . n 
A 1 5   LEU 5   196 196 LEU LEU A . n 
A 1 6   PRO 6   197 197 PRO PRO A . n 
A 1 7   LEU 7   198 198 LEU LEU A . n 
A 1 8   ARG 8   199 199 ARG ARG A . n 
A 1 9   LEU 9   200 200 LEU LEU A . n 
A 1 10  LEU 10  201 201 LEU LEU A . n 
A 1 11  VAL 11  202 202 VAL VAL A . n 
A 1 12  PRO 12  203 203 PRO PRO A . n 
A 1 13  THR 13  204 204 THR THR A . n 
A 1 14  GLN 14  205 205 GLN GLN A . n 
A 1 15  PHE 15  206 206 PHE PHE A . n 
A 1 16  VAL 16  207 207 VAL VAL A . n 
A 1 17  GLY 17  208 208 GLY GLY A . n 
A 1 18  ALA 18  209 209 ALA ALA A . n 
A 1 19  ILE 19  210 210 ILE ILE A . n 
A 1 20  ILE 20  211 211 ILE ILE A . n 
A 1 21  GLY 21  212 212 GLY GLY A . n 
A 1 22  LYS 22  213 213 LYS LYS A . n 
A 1 23  GLU 23  214 214 GLU GLU A . n 
A 1 24  GLY 24  215 215 GLY GLY A . n 
A 1 25  ALA 25  216 216 ALA ALA A . n 
A 1 26  THR 26  217 217 THR THR A . n 
A 1 27  ILE 27  218 218 ILE ILE A . n 
A 1 28  ARG 28  219 219 ARG ARG A . n 
A 1 29  ASN 29  220 220 ASN ASN A . n 
A 1 30  ILE 30  221 221 ILE ILE A . n 
A 1 31  THR 31  222 222 THR THR A . n 
A 1 32  LYS 32  223 223 LYS LYS A . n 
A 1 33  GLN 33  224 224 GLN GLN A . n 
A 1 34  THR 34  225 225 THR THR A . n 
A 1 35  GLN 35  226 226 GLN GLN A . n 
A 1 36  SER 36  227 227 SER SER A . n 
A 1 37  LYS 37  228 228 LYS LYS A . n 
A 1 38  ILE 38  229 229 ILE ILE A . n 
A 1 39  ASP 39  230 230 ASP ASP A . n 
A 1 40  VAL 40  231 231 VAL VAL A . n 
A 1 41  HIS 41  232 232 HIS HIS A . n 
A 1 42  ARG 42  233 233 ARG ARG A . n 
A 1 43  LYS 43  234 234 LYS LYS A . n 
A 1 44  GLU 44  235 235 GLU GLU A . n 
A 1 45  ASN 45  236 236 ASN ASN A . n 
A 1 46  THR 46  237 237 THR THR A . n 
A 1 47  GLY 47  238 238 GLY GLY A . n 
A 1 48  ALA 48  239 239 ALA ALA A . n 
A 1 49  ALA 49  240 240 ALA ALA A . n 
A 1 50  GLU 50  241 241 GLU GLU A . n 
A 1 51  LYS 51  242 242 LYS LYS A . n 
A 1 52  SER 52  243 243 SER SER A . n 
A 1 53  ILE 53  244 244 ILE ILE A . n 
A 1 54  THR 54  245 245 THR THR A . n 
A 1 55  ILE 55  246 246 ILE ILE A . n 
A 1 56  LEU 56  247 247 LEU LEU A . n 
A 1 57  SER 57  248 248 SER SER A . n 
A 1 58  THR 58  249 249 THR THR A . n 
A 1 59  PRO 59  250 250 PRO PRO A . n 
A 1 60  GLU 60  251 251 GLU GLU A . n 
A 1 61  GLY 61  252 252 GLY GLY A . n 
A 1 62  THR 62  253 253 THR THR A . n 
A 1 63  SER 63  254 254 SER SER A . n 
A 1 64  ALA 64  255 255 ALA ALA A . n 
A 1 65  ALA 65  256 256 ALA ALA A . n 
A 1 66  CYS 66  257 257 CYS CYS A . n 
A 1 67  LYS 67  258 258 LYS LYS A . n 
A 1 68  SER 68  259 259 SER SER A . n 
A 1 69  ILE 69  260 260 ILE ILE A . n 
A 1 70  LEU 70  261 261 LEU LEU A . n 
A 1 71  GLU 71  262 262 GLU GLU A . n 
A 1 72  ILE 72  263 263 ILE ILE A . n 
A 1 73  MET 73  264 264 MET MET A . n 
A 1 74  HIS 74  265 265 HIS HIS A . n 
A 1 75  LYS 75  266 266 LYS LYS A . n 
A 1 76  GLU 76  267 267 GLU GLU A . n 
A 1 77  ALA 77  268 268 ALA ALA A . n 
A 1 78  GLN 78  269 269 GLN GLN A . n 
A 1 79  ASP 79  270 270 ASP ASP A . n 
A 1 80  ILE 80  271 271 ILE ILE A . n 
A 1 81  LYS 81  272 272 LYS LYS A . n 
A 1 82  PHE 82  273 273 PHE PHE A . n 
A 1 83  THR 83  274 274 THR THR A . n 
A 1 84  GLU 84  275 275 GLU GLU A . n 
A 1 85  GLU 85  276 276 GLU GLU A . n 
A 1 86  ILE 86  277 277 ILE ILE A . n 
A 1 87  PRO 87  278 278 PRO PRO A . n 
A 1 88  LEU 88  279 279 LEU LEU A . n 
A 1 89  LYS 89  280 280 LYS LYS A . n 
A 1 90  ILE 90  281 281 ILE ILE A . n 
A 1 91  LEU 91  282 282 LEU LEU A . n 
A 1 92  ALA 92  283 283 ALA ALA A . n 
A 1 93  HIS 93  284 284 HIS HIS A . n 
A 1 94  ASN 94  285 285 ASN ASN A . n 
A 1 95  ASN 95  286 286 ASN ASN A . n 
A 1 96  PHE 96  287 287 PHE PHE A . n 
A 1 97  VAL 97  288 288 VAL VAL A . n 
A 1 98  GLY 98  289 289 GLY GLY A . n 
A 1 99  ARG 99  290 290 ARG ARG A . n 
A 1 100 LEU 100 291 291 LEU LEU A . n 
A 1 101 ILE 101 292 292 ILE ILE A . n 
A 1 102 GLY 102 293 293 GLY GLY A . n 
A 1 103 LYS 103 294 294 LYS LYS A . n 
A 1 104 GLU 104 295 295 GLU GLU A . n 
A 1 105 GLY 105 296 296 GLY GLY A . n 
A 1 106 ARG 106 297 297 ARG ARG A . n 
A 1 107 ASN 107 298 298 ASN ASN A . n 
A 1 108 LEU 108 299 299 LEU LEU A . n 
A 1 109 LYS 109 300 300 LYS LYS A . n 
A 1 110 LYS 110 301 301 LYS LYS A . n 
A 1 111 ILE 111 302 302 ILE ILE A . n 
A 1 112 GLU 112 303 303 GLU GLU A . n 
A 1 113 GLN 113 304 304 GLN GLN A . n 
A 1 114 ASP 114 305 305 ASP ASP A . n 
A 1 115 THR 115 306 306 THR THR A . n 
A 1 116 ASP 116 307 307 ASP ASP A . n 
A 1 117 THR 117 308 308 THR THR A . n 
A 1 118 LYS 118 309 309 LYS LYS A . n 
A 1 119 ILE 119 310 310 ILE ILE A . n 
A 1 120 THR 120 311 311 THR THR A . n 
A 1 121 ILE 121 312 312 ILE ILE A . n 
A 1 122 SER 122 313 313 SER SER A . n 
A 1 123 PRO 123 314 314 PRO PRO A . n 
A 1 124 LEU 124 315 315 LEU LEU A . n 
A 1 125 GLN 125 316 316 GLN GLN A . n 
A 1 126 GLU 126 317 317 GLU GLU A . n 
A 1 127 LEU 127 318 318 LEU LEU A . n 
A 1 128 THR 128 319 319 THR THR A . n 
A 1 129 LEU 129 320 320 LEU LEU A . n 
A 1 130 TYR 130 321 321 TYR TYR A . n 
A 1 131 ASN 131 322 322 ASN ASN A . n 
A 1 132 PRO 132 323 323 PRO PRO A . n 
A 1 133 GLU 133 324 324 GLU GLU A . n 
A 1 134 ARG 134 325 325 ARG ARG A . n 
A 1 135 THR 135 326 326 THR THR A . n 
A 1 136 ILE 136 327 327 ILE ILE A . n 
A 1 137 THR 137 328 328 THR THR A . n 
A 1 138 VAL 138 329 329 VAL VAL A . n 
A 1 139 LYS 139 330 330 LYS LYS A . n 
A 1 140 GLY 140 331 331 GLY GLY A . n 
A 1 141 SER 141 332 332 SER SER A . n 
A 1 142 VAL 142 333 333 VAL VAL A . n 
A 1 143 GLU 143 334 334 GLU GLU A . n 
A 1 144 THR 144 335 335 THR THR A . n 
A 1 145 CYS 145 336 336 CYS CYS A . n 
A 1 146 ALA 146 337 337 ALA ALA A . n 
A 1 147 LYS 147 338 338 LYS LYS A . n 
A 1 148 ALA 148 339 339 ALA ALA A . n 
A 1 149 GLU 149 340 340 GLU GLU A . n 
A 1 150 GLU 150 341 341 GLU GLU A . n 
A 1 151 GLU 151 342 342 GLU GLU A . n 
A 1 152 ILE 152 343 343 ILE ILE A . n 
A 1 153 MET 153 344 344 MET MET A . n 
A 1 154 LYS 154 345 345 LYS LYS A . n 
A 1 155 LYS 155 346 346 LYS LYS A . n 
A 1 156 ILE 156 347 347 ILE ILE A . n 
A 1 157 ARG 157 348 348 ARG ARG A . n 
A 1 158 GLU 158 349 349 GLU GLU A . n 
A 1 159 SER 159 350 350 SER SER A . n 
A 1 160 TYR 160 351 351 TYR TYR A . n 
A 1 161 GLU 161 352 352 GLU GLU A . n 
A 1 162 ASN 162 353 353 ASN ASN A . n 
A 1 163 ASP 163 354 354 ASP ASP A . n 
A 1 164 ILE 164 355 ?   ?   ?   A . n 
B 2 1   C   1   1   1   C   C   B . n 
B 2 2   A   2   2   2   A   A   B . n 
B 2 3   C   3   3   3   C   C   B . n 
B 2 4   G   4   4   4   G   G   B . n 
B 2 5   G   5   5   5   G   G   B . n 
B 2 6   C   6   6   6   C   C   B . n 
B 2 7   A   7   7   7   A   A   B . n 
B 2 8   C   8   8   8   C   C   B . n 
# 
loop_
_pdbx_nonpoly_scheme.asym_id 
_pdbx_nonpoly_scheme.entity_id 
_pdbx_nonpoly_scheme.mon_id 
_pdbx_nonpoly_scheme.ndb_seq_num 
_pdbx_nonpoly_scheme.pdb_seq_num 
_pdbx_nonpoly_scheme.auth_seq_num 
_pdbx_nonpoly_scheme.pdb_mon_id 
_pdbx_nonpoly_scheme.auth_mon_id 
_pdbx_nonpoly_scheme.pdb_strand_id 
_pdbx_nonpoly_scheme.pdb_ins_code 
C 3 HOH 1  401 79 HOH HOH A . 
C 3 HOH 2  402 77 HOH HOH A . 
C 3 HOH 3  403 67 HOH HOH A . 
C 3 HOH 4  404 69 HOH HOH A . 
C 3 HOH 5  405 9  HOH HOH A . 
C 3 HOH 6  406 7  HOH HOH A . 
C 3 HOH 7  407 60 HOH HOH A . 
C 3 HOH 8  408 38 HOH HOH A . 
C 3 HOH 9  409 55 HOH HOH A . 
C 3 HOH 10 410 5  HOH HOH A . 
C 3 HOH 11 411 57 HOH HOH A . 
C 3 HOH 12 412 12 HOH HOH A . 
C 3 HOH 13 413 74 HOH HOH A . 
C 3 HOH 14 414 53 HOH HOH A . 
C 3 HOH 15 415 64 HOH HOH A . 
C 3 HOH 16 416 35 HOH HOH A . 
C 3 HOH 17 417 1  HOH HOH A . 
C 3 HOH 18 418 26 HOH HOH A . 
C 3 HOH 19 419 10 HOH HOH A . 
C 3 HOH 20 420 59 HOH HOH A . 
C 3 HOH 21 421 8  HOH HOH A . 
C 3 HOH 22 422 25 HOH HOH A . 
C 3 HOH 23 423 37 HOH HOH A . 
C 3 HOH 24 424 17 HOH HOH A . 
C 3 HOH 25 425 33 HOH HOH A . 
C 3 HOH 26 426 22 HOH HOH A . 
C 3 HOH 27 427 58 HOH HOH A . 
C 3 HOH 28 428 29 HOH HOH A . 
C 3 HOH 29 429 48 HOH HOH A . 
C 3 HOH 30 430 43 HOH HOH A . 
C 3 HOH 31 431 78 HOH HOH A . 
C 3 HOH 32 432 11 HOH HOH A . 
C 3 HOH 33 433 34 HOH HOH A . 
C 3 HOH 34 434 13 HOH HOH A . 
C 3 HOH 35 435 6  HOH HOH A . 
C 3 HOH 36 436 56 HOH HOH A . 
C 3 HOH 37 437 47 HOH HOH A . 
C 3 HOH 38 438 28 HOH HOH A . 
C 3 HOH 39 439 31 HOH HOH A . 
C 3 HOH 40 440 73 HOH HOH A . 
C 3 HOH 41 441 72 HOH HOH A . 
C 3 HOH 42 442 23 HOH HOH A . 
C 3 HOH 43 443 4  HOH HOH A . 
C 3 HOH 44 444 32 HOH HOH A . 
C 3 HOH 45 445 15 HOH HOH A . 
C 3 HOH 46 446 16 HOH HOH A . 
C 3 HOH 47 447 20 HOH HOH A . 
C 3 HOH 48 448 66 HOH HOH A . 
C 3 HOH 49 449 18 HOH HOH A . 
C 3 HOH 50 450 46 HOH HOH A . 
C 3 HOH 51 451 19 HOH HOH A . 
C 3 HOH 52 452 3  HOH HOH A . 
C 3 HOH 53 453 2  HOH HOH A . 
C 3 HOH 54 454 71 HOH HOH A . 
C 3 HOH 55 455 54 HOH HOH A . 
C 3 HOH 56 456 65 HOH HOH A . 
C 3 HOH 57 457 44 HOH HOH A . 
C 3 HOH 58 458 36 HOH HOH A . 
C 3 HOH 59 459 76 HOH HOH A . 
C 3 HOH 60 460 70 HOH HOH A . 
C 3 HOH 61 461 62 HOH HOH A . 
C 3 HOH 62 462 24 HOH HOH A . 
C 3 HOH 63 463 68 HOH HOH A . 
C 3 HOH 64 464 52 HOH HOH A . 
C 3 HOH 65 465 51 HOH HOH A . 
C 3 HOH 66 466 40 HOH HOH A . 
C 3 HOH 67 467 42 HOH HOH A . 
C 3 HOH 68 468 27 HOH HOH A . 
C 3 HOH 69 469 63 HOH HOH A . 
C 3 HOH 70 470 41 HOH HOH A . 
D 3 HOH 1  101 50 HOH HOH B . 
D 3 HOH 2  102 49 HOH HOH B . 
D 3 HOH 3  103 39 HOH HOH B . 
D 3 HOH 4  104 21 HOH HOH B . 
D 3 HOH 5  105 30 HOH HOH B . 
D 3 HOH 6  106 14 HOH HOH B . 
D 3 HOH 7  107 75 HOH HOH B . 
D 3 HOH 8  108 61 HOH HOH B . 
# 
loop_
_software.citation_id 
_software.classification 
_software.compiler_name 
_software.compiler_version 
_software.contact_author 
_software.contact_author_email 
_software.date 
_software.description 
_software.dependencies 
_software.hardware 
_software.language 
_software.location 
_software.mods 
_software.name 
_software.os 
_software.os_version 
_software.type 
_software.version 
_software.pdbx_ordinal 
? refinement       ? ? ? ? ? ? ? ? ? ? ? PHENIX   ? ? ? 1.19.2_4158 1 
? 'data reduction' ? ? ? ? ? ? ? ? ? ? ? HKL-3000 ? ? ? .           2 
? 'data scaling'   ? ? ? ? ? ? ? ? ? ? ? HKL-3000 ? ? ? .           3 
? phasing          ? ? ? ? ? ? ? ? ? ? ? PHASER   ? ? ? .           4 
# 
_cell.angle_alpha                  90.000 
_cell.angle_alpha_esd              ? 
_cell.angle_beta                   90.000 
_cell.angle_beta_esd               ? 
_cell.angle_gamma                  90.000 
_cell.angle_gamma_esd              ? 
_cell.entry_id                     7YEY 
_cell.details                      ? 
_cell.formula_units_Z              ? 
_cell.length_a                     38.266 
_cell.length_a_esd                 ? 
_cell.length_b                     62.271 
_cell.length_b_esd                 ? 
_cell.length_c                     66.073 
_cell.length_c_esd                 ? 
_cell.volume                       157442.847 
_cell.volume_esd                   ? 
_cell.Z_PDB                        4 
_cell.reciprocal_angle_alpha       ? 
_cell.reciprocal_angle_beta        ? 
_cell.reciprocal_angle_gamma       ? 
_cell.reciprocal_angle_alpha_esd   ? 
_cell.reciprocal_angle_beta_esd    ? 
_cell.reciprocal_angle_gamma_esd   ? 
_cell.reciprocal_length_a          ? 
_cell.reciprocal_length_b          ? 
_cell.reciprocal_length_c          ? 
_cell.reciprocal_length_a_esd      ? 
_cell.reciprocal_length_b_esd      ? 
_cell.reciprocal_length_c_esd      ? 
_cell.pdbx_unique_axis             ? 
_cell.pdbx_esd_method              ? 
# 
_symmetry.entry_id                         7YEY 
_symmetry.cell_setting                     ? 
_symmetry.Int_Tables_number                19 
_symmetry.space_group_name_Hall            'P 2ac 2ab' 
_symmetry.space_group_name_H-M             'P 21 21 21' 
_symmetry.pdbx_full_space_group_name_H-M   ? 
# 
_exptl.absorpt_coefficient_mu     ? 
_exptl.absorpt_correction_T_max   ? 
_exptl.absorpt_correction_T_min   ? 
_exptl.absorpt_correction_type    ? 
_exptl.absorpt_process_details    ? 
_exptl.entry_id                   7YEY 
_exptl.crystals_number            1 
_exptl.details                    ? 
_exptl.method                     'X-RAY DIFFRACTION' 
_exptl.method_details             ? 
# 
_exptl_crystal.colour                       ? 
_exptl_crystal.density_diffrn               ? 
_exptl_crystal.density_Matthews             1.89 
_exptl_crystal.density_method               ? 
_exptl_crystal.density_percent_sol          34.84 
_exptl_crystal.description                  ? 
_exptl_crystal.F_000                        ? 
_exptl_crystal.id                           1 
_exptl_crystal.preparation                  ? 
_exptl_crystal.size_max                     ? 
_exptl_crystal.size_mid                     ? 
_exptl_crystal.size_min                     ? 
_exptl_crystal.size_rad                     ? 
_exptl_crystal.colour_lustre                ? 
_exptl_crystal.colour_modifier              ? 
_exptl_crystal.colour_primary               ? 
_exptl_crystal.density_meas                 ? 
_exptl_crystal.density_meas_esd             ? 
_exptl_crystal.density_meas_gt              ? 
_exptl_crystal.density_meas_lt              ? 
_exptl_crystal.density_meas_temp            ? 
_exptl_crystal.density_meas_temp_esd        ? 
_exptl_crystal.density_meas_temp_gt         ? 
_exptl_crystal.density_meas_temp_lt         ? 
_exptl_crystal.pdbx_crystal_image_url       ? 
_exptl_crystal.pdbx_crystal_image_format    ? 
_exptl_crystal.pdbx_mosaicity               ? 
_exptl_crystal.pdbx_mosaicity_esd           ? 
_exptl_crystal.pdbx_mosaic_method           ? 
_exptl_crystal.pdbx_mosaic_block_size       ? 
_exptl_crystal.pdbx_mosaic_block_size_esd   ? 
# 
_exptl_crystal_grow.apparatus       ? 
_exptl_crystal_grow.atmosphere      ? 
_exptl_crystal_grow.crystal_id      1 
_exptl_crystal_grow.details         ? 
_exptl_crystal_grow.method          'VAPOR DIFFUSION, HANGING DROP' 
_exptl_crystal_grow.method_ref      ? 
_exptl_crystal_grow.pH              5.6 
_exptl_crystal_grow.pressure        ? 
_exptl_crystal_grow.pressure_esd    ? 
_exptl_crystal_grow.seeding         ? 
_exptl_crystal_grow.seeding_ref     ? 
_exptl_crystal_grow.temp            293 
_exptl_crystal_grow.temp_details    ? 
_exptl_crystal_grow.temp_esd        ? 
_exptl_crystal_grow.time            ? 
_exptl_crystal_grow.pdbx_details    
'containing 0.2 M Ammonium acetate, 0.1 M Sodium citrate tribasic dihydrate pH 5.6, 30% w/v Polyethylene glycol 4000' 
_exptl_crystal_grow.pdbx_pH_range   ? 
# 
_diffrn.ambient_environment              ? 
_diffrn.ambient_temp                     100 
_diffrn.ambient_temp_details             ? 
_diffrn.ambient_temp_esd                 ? 
_diffrn.crystal_id                       1 
_diffrn.crystal_support                  ? 
_diffrn.crystal_treatment                ? 
_diffrn.details                          ? 
_diffrn.id                               1 
_diffrn.ambient_pressure                 ? 
_diffrn.ambient_pressure_esd             ? 
_diffrn.ambient_pressure_gt              ? 
_diffrn.ambient_pressure_lt              ? 
_diffrn.ambient_temp_gt                  ? 
_diffrn.ambient_temp_lt                  ? 
_diffrn.pdbx_serial_crystal_experiment   N 
# 
_diffrn_detector.details                      ? 
_diffrn_detector.detector                     PIXEL 
_diffrn_detector.diffrn_id                    1 
_diffrn_detector.type                         'DECTRIS PILATUS3 6M' 
_diffrn_detector.area_resol_mean              ? 
_diffrn_detector.dtime                        ? 
_diffrn_detector.pdbx_frames_total            ? 
_diffrn_detector.pdbx_collection_time_total   ? 
_diffrn_detector.pdbx_collection_date         2021-05-28 
_diffrn_detector.pdbx_frequency               ? 
# 
_diffrn_radiation.collimation                      ? 
_diffrn_radiation.diffrn_id                        1 
_diffrn_radiation.filter_edge                      ? 
_diffrn_radiation.inhomogeneity                    ? 
_diffrn_radiation.monochromator                    ? 
_diffrn_radiation.polarisn_norm                    ? 
_diffrn_radiation.polarisn_ratio                   ? 
_diffrn_radiation.probe                            ? 
_diffrn_radiation.type                             ? 
_diffrn_radiation.xray_symbol                      ? 
_diffrn_radiation.wavelength_id                    1 
_diffrn_radiation.pdbx_monochromatic_or_laue_m_l   M 
_diffrn_radiation.pdbx_wavelength_list             ? 
_diffrn_radiation.pdbx_wavelength                  ? 
_diffrn_radiation.pdbx_diffrn_protocol             'SINGLE WAVELENGTH' 
_diffrn_radiation.pdbx_analyzer                    ? 
_diffrn_radiation.pdbx_scattering_type             x-ray 
# 
_diffrn_radiation_wavelength.id           1 
_diffrn_radiation_wavelength.wavelength   0.97915 
_diffrn_radiation_wavelength.wt           1.0 
# 
_diffrn_source.current                     ? 
_diffrn_source.details                     ? 
_diffrn_source.diffrn_id                   1 
_diffrn_source.power                       ? 
_diffrn_source.size                        ? 
_diffrn_source.source                      SYNCHROTRON 
_diffrn_source.target                      ? 
_diffrn_source.type                        'SSRF BEAMLINE BL17B1' 
_diffrn_source.voltage                     ? 
_diffrn_source.take-off_angle              ? 
_diffrn_source.pdbx_wavelength_list        0.97915 
_diffrn_source.pdbx_wavelength             ? 
_diffrn_source.pdbx_synchrotron_beamline   BL17B1 
_diffrn_source.pdbx_synchrotron_site       SSRF 
# 
_reflns.B_iso_Wilson_estimate                          38.88 
_reflns.entry_id                                       7YEY 
_reflns.data_reduction_details                         ? 
_reflns.data_reduction_method                          ? 
_reflns.d_resolution_high                              1.85 
_reflns.d_resolution_low                               30 
_reflns.details                                        ? 
_reflns.limit_h_max                                    ? 
_reflns.limit_h_min                                    ? 
_reflns.limit_k_max                                    ? 
_reflns.limit_k_min                                    ? 
_reflns.limit_l_max                                    ? 
_reflns.limit_l_min                                    ? 
_reflns.number_all                                     ? 
_reflns.number_obs                                     14115 
_reflns.observed_criterion                             ? 
_reflns.observed_criterion_F_max                       ? 
_reflns.observed_criterion_F_min                       ? 
_reflns.observed_criterion_I_max                       ? 
_reflns.observed_criterion_I_min                       ? 
_reflns.observed_criterion_sigma_F                     ? 
_reflns.observed_criterion_sigma_I                     ? 
_reflns.percent_possible_obs                           99.5 
_reflns.R_free_details                                 ? 
_reflns.Rmerge_F_all                                   ? 
_reflns.Rmerge_F_obs                                   ? 
_reflns.Friedel_coverage                               ? 
_reflns.number_gt                                      ? 
_reflns.threshold_expression                           ? 
_reflns.pdbx_redundancy                                11.3 
_reflns.pdbx_Rmerge_I_obs                              0.115 
_reflns.pdbx_Rmerge_I_all                              ? 
_reflns.pdbx_Rsym_value                                ? 
_reflns.pdbx_netI_over_av_sigmaI                       ? 
_reflns.pdbx_netI_over_sigmaI                          22.6 
_reflns.pdbx_res_netI_over_av_sigmaI_2                 ? 
_reflns.pdbx_res_netI_over_sigmaI_2                    ? 
_reflns.pdbx_chi_squared                               0.997 
_reflns.pdbx_scaling_rejects                           ? 
_reflns.pdbx_d_res_high_opt                            ? 
_reflns.pdbx_d_res_low_opt                             ? 
_reflns.pdbx_d_res_opt_method                          ? 
_reflns.phase_calculation_details                      ? 
_reflns.pdbx_Rrim_I_all                                0.118 
_reflns.pdbx_Rpim_I_all                                0.034 
_reflns.pdbx_d_opt                                     ? 
_reflns.pdbx_number_measured_all                       ? 
_reflns.pdbx_diffrn_id                                 1 
_reflns.pdbx_ordinal                                   1 
_reflns.pdbx_CC_half                                   0.972 
_reflns.pdbx_CC_star                                   0.993 
_reflns.pdbx_R_split                                   ? 
_reflns.pdbx_aniso_diffraction_limit_axis_1_ortho[1]   ? 
_reflns.pdbx_aniso_diffraction_limit_axis_1_ortho[2]   ? 
_reflns.pdbx_aniso_diffraction_limit_axis_1_ortho[3]   ? 
_reflns.pdbx_aniso_diffraction_limit_axis_2_ortho[1]   ? 
_reflns.pdbx_aniso_diffraction_limit_axis_2_ortho[2]   ? 
_reflns.pdbx_aniso_diffraction_limit_axis_2_ortho[3]   ? 
_reflns.pdbx_aniso_diffraction_limit_axis_3_ortho[1]   ? 
_reflns.pdbx_aniso_diffraction_limit_axis_3_ortho[2]   ? 
_reflns.pdbx_aniso_diffraction_limit_axis_3_ortho[3]   ? 
_reflns.pdbx_aniso_diffraction_limit_1                 ? 
_reflns.pdbx_aniso_diffraction_limit_2                 ? 
_reflns.pdbx_aniso_diffraction_limit_3                 ? 
_reflns.pdbx_aniso_B_tensor_eigenvector_1_ortho[1]     ? 
_reflns.pdbx_aniso_B_tensor_eigenvector_1_ortho[2]     ? 
_reflns.pdbx_aniso_B_tensor_eigenvector_1_ortho[3]     ? 
_reflns.pdbx_aniso_B_tensor_eigenvector_2_ortho[1]     ? 
_reflns.pdbx_aniso_B_tensor_eigenvector_2_ortho[2]     ? 
_reflns.pdbx_aniso_B_tensor_eigenvector_2_ortho[3]     ? 
_reflns.pdbx_aniso_B_tensor_eigenvector_3_ortho[1]     ? 
_reflns.pdbx_aniso_B_tensor_eigenvector_3_ortho[2]     ? 
_reflns.pdbx_aniso_B_tensor_eigenvector_3_ortho[3]     ? 
_reflns.pdbx_aniso_B_tensor_eigenvalue_1               ? 
_reflns.pdbx_aniso_B_tensor_eigenvalue_2               ? 
_reflns.pdbx_aniso_B_tensor_eigenvalue_3               ? 
_reflns.pdbx_orthogonalization_convention              ? 
_reflns.pdbx_percent_possible_ellipsoidal              ? 
_reflns.pdbx_percent_possible_spherical                ? 
_reflns.pdbx_percent_possible_ellipsoidal_anomalous    ? 
_reflns.pdbx_percent_possible_spherical_anomalous      ? 
_reflns.pdbx_redundancy_anomalous                      ? 
_reflns.pdbx_CC_half_anomalous                         ? 
_reflns.pdbx_absDiff_over_sigma_anomalous              ? 
_reflns.pdbx_percent_possible_anomalous                ? 
_reflns.pdbx_observed_signal_threshold                 ? 
_reflns.pdbx_signal_type                               ? 
_reflns.pdbx_signal_details                            ? 
_reflns.pdbx_signal_software_id                        ? 
_reflns.pdbx_CC_split_method                           ? 
# 
_reflns_shell.d_res_high                                    1.85 
_reflns_shell.d_res_low                                     1.92 
_reflns_shell.meanI_over_sigI_all                           ? 
_reflns_shell.meanI_over_sigI_obs                           2 
_reflns_shell.number_measured_all                           ? 
_reflns_shell.number_measured_obs                           ? 
_reflns_shell.number_possible                               ? 
_reflns_shell.number_unique_all                             ? 
_reflns_shell.number_unique_obs                             1369 
_reflns_shell.percent_possible_all                          97.2 
_reflns_shell.percent_possible_obs                          ? 
_reflns_shell.Rmerge_F_all                                  ? 
_reflns_shell.Rmerge_F_obs                                  ? 
_reflns_shell.Rmerge_I_all                                  ? 
_reflns_shell.Rmerge_I_obs                                  0.752 
_reflns_shell.meanI_over_sigI_gt                            ? 
_reflns_shell.meanI_over_uI_all                             ? 
_reflns_shell.meanI_over_uI_gt                              ? 
_reflns_shell.number_measured_gt                            ? 
_reflns_shell.number_unique_gt                              ? 
_reflns_shell.percent_possible_gt                           ? 
_reflns_shell.Rmerge_F_gt                                   ? 
_reflns_shell.Rmerge_I_gt                                   ? 
_reflns_shell.pdbx_redundancy                               7.4 
_reflns_shell.pdbx_Rsym_value                               ? 
_reflns_shell.pdbx_chi_squared                              ? 
_reflns_shell.pdbx_netI_over_sigmaI_all                     ? 
_reflns_shell.pdbx_netI_over_sigmaI_obs                     ? 
_reflns_shell.pdbx_Rrim_I_all                               0.798 
_reflns_shell.pdbx_Rpim_I_all                               0.256 
_reflns_shell.pdbx_rejects                                  ? 
_reflns_shell.pdbx_ordinal                                  1 
_reflns_shell.pdbx_diffrn_id                                1 
_reflns_shell.pdbx_CC_half                                  0.832 
_reflns_shell.pdbx_CC_star                                  0.953 
_reflns_shell.pdbx_R_split                                  ? 
_reflns_shell.pdbx_percent_possible_ellipsoidal             ? 
_reflns_shell.pdbx_percent_possible_spherical               ? 
_reflns_shell.pdbx_percent_possible_ellipsoidal_anomalous   ? 
_reflns_shell.pdbx_percent_possible_spherical_anomalous     ? 
_reflns_shell.pdbx_redundancy_anomalous                     ? 
_reflns_shell.pdbx_CC_half_anomalous                        ? 
_reflns_shell.pdbx_absDiff_over_sigma_anomalous             ? 
_reflns_shell.pdbx_percent_possible_anomalous               ? 
# 
_refine.aniso_B[1][1]                            ? 
_refine.aniso_B[1][2]                            ? 
_refine.aniso_B[1][3]                            ? 
_refine.aniso_B[2][2]                            ? 
_refine.aniso_B[2][3]                            ? 
_refine.aniso_B[3][3]                            ? 
_refine.B_iso_max                                ? 
_refine.B_iso_mean                               22.65 
_refine.B_iso_min                                ? 
_refine.correlation_coeff_Fo_to_Fc               ? 
_refine.correlation_coeff_Fo_to_Fc_free          ? 
_refine.details                                  ? 
_refine.diff_density_max                         ? 
_refine.diff_density_max_esd                     ? 
_refine.diff_density_min                         ? 
_refine.diff_density_min_esd                     ? 
_refine.diff_density_rms                         ? 
_refine.diff_density_rms_esd                     ? 
_refine.entry_id                                 7YEY 
_refine.pdbx_refine_id                           'X-RAY DIFFRACTION' 
_refine.ls_abs_structure_details                 ? 
_refine.ls_abs_structure_Flack                   ? 
_refine.ls_abs_structure_Flack_esd               ? 
_refine.ls_abs_structure_Rogers                  ? 
_refine.ls_abs_structure_Rogers_esd              ? 
_refine.ls_d_res_high                            1.85 
_refine.ls_d_res_low                             30 
_refine.ls_extinction_coef                       ? 
_refine.ls_extinction_coef_esd                   ? 
_refine.ls_extinction_expression                 ? 
_refine.ls_extinction_method                     ? 
_refine.ls_goodness_of_fit_all                   ? 
_refine.ls_goodness_of_fit_all_esd               ? 
_refine.ls_goodness_of_fit_obs                   ? 
_refine.ls_goodness_of_fit_obs_esd               ? 
_refine.ls_hydrogen_treatment                    ? 
_refine.ls_matrix_type                           ? 
_refine.ls_number_constraints                    ? 
_refine.ls_number_parameters                     ? 
_refine.ls_number_reflns_all                     ? 
_refine.ls_number_reflns_obs                     13154 
_refine.ls_number_reflns_R_free                  593 
_refine.ls_number_reflns_R_work                  ? 
_refine.ls_number_restraints                     ? 
_refine.ls_percent_reflns_obs                    93.01 
_refine.ls_percent_reflns_R_free                 4.51 
_refine.ls_R_factor_all                          ? 
_refine.ls_R_factor_obs                          0.2042 
_refine.ls_R_factor_R_free                       0.2382 
_refine.ls_R_factor_R_free_error                 ? 
_refine.ls_R_factor_R_free_error_details         ? 
_refine.ls_R_factor_R_work                       0.2025 
_refine.ls_R_Fsqd_factor_obs                     ? 
_refine.ls_R_I_factor_obs                        ? 
_refine.ls_redundancy_reflns_all                 ? 
_refine.ls_redundancy_reflns_obs                 ? 
_refine.ls_restrained_S_all                      ? 
_refine.ls_restrained_S_obs                      ? 
_refine.ls_shift_over_esd_max                    ? 
_refine.ls_shift_over_esd_mean                   ? 
_refine.ls_structure_factor_coef                 ? 
_refine.ls_weighting_details                     ? 
_refine.ls_weighting_scheme                      ? 
_refine.ls_wR_factor_all                         ? 
_refine.ls_wR_factor_obs                         ? 
_refine.ls_wR_factor_R_free                      ? 
_refine.ls_wR_factor_R_work                      ? 
_refine.occupancy_max                            ? 
_refine.occupancy_min                            ? 
_refine.solvent_model_details                    ? 
_refine.solvent_model_param_bsol                 ? 
_refine.solvent_model_param_ksol                 ? 
_refine.pdbx_R_complete                          ? 
_refine.ls_R_factor_gt                           ? 
_refine.ls_goodness_of_fit_gt                    ? 
_refine.ls_goodness_of_fit_ref                   ? 
_refine.ls_shift_over_su_max                     ? 
_refine.ls_shift_over_su_max_lt                  ? 
_refine.ls_shift_over_su_mean                    ? 
_refine.ls_shift_over_su_mean_lt                 ? 
_refine.pdbx_ls_sigma_I                          ? 
_refine.pdbx_ls_sigma_F                          ? 
_refine.pdbx_ls_sigma_Fsqd                       ? 
_refine.pdbx_data_cutoff_high_absF               ? 
_refine.pdbx_data_cutoff_high_rms_absF           ? 
_refine.pdbx_data_cutoff_low_absF                ? 
_refine.pdbx_isotropic_thermal_model             ? 
_refine.pdbx_ls_cross_valid_method               'FREE R-VALUE' 
_refine.pdbx_method_to_determine_struct          'MOLECULAR REPLACEMENT' 
_refine.pdbx_starting_model                      6GQE 
_refine.pdbx_stereochemistry_target_values       'GeoStd + Monomer Library + CDL v1.2' 
_refine.pdbx_R_Free_selection_details            ? 
_refine.pdbx_stereochem_target_val_spec_case     ? 
_refine.pdbx_overall_ESU_R                       ? 
_refine.pdbx_overall_ESU_R_Free                  ? 
_refine.pdbx_solvent_vdw_probe_radii             ? 
_refine.pdbx_solvent_ion_probe_radii             ? 
_refine.pdbx_solvent_shrinkage_radii             ? 
_refine.pdbx_real_space_R                        ? 
_refine.pdbx_density_correlation                 ? 
_refine.pdbx_pd_number_of_powder_patterns        ? 
_refine.pdbx_pd_number_of_points                 ? 
_refine.pdbx_pd_meas_number_of_points            ? 
_refine.pdbx_pd_proc_ls_prof_R_factor            ? 
_refine.pdbx_pd_proc_ls_prof_wR_factor           ? 
_refine.pdbx_pd_Marquardt_correlation_coeff      ? 
_refine.pdbx_pd_Fsqrd_R_factor                   ? 
_refine.pdbx_pd_ls_matrix_band_width             ? 
_refine.pdbx_overall_phase_error                 ? 
_refine.pdbx_overall_SU_R_free_Cruickshank_DPI   ? 
_refine.pdbx_overall_SU_R_free_Blow_DPI          ? 
_refine.pdbx_overall_SU_R_Blow_DPI               ? 
_refine.pdbx_TLS_residual_ADP_flag               ? 
_refine.pdbx_diffrn_id                           1 
_refine.overall_SU_B                             ? 
_refine.overall_SU_ML                            ? 
_refine.overall_SU_R_Cruickshank_DPI             ? 
_refine.overall_SU_R_free                        ? 
_refine.overall_FOM_free_R_set                   ? 
_refine.overall_FOM_work_R_set                   ? 
_refine.pdbx_average_fsc_overall                 ? 
_refine.pdbx_average_fsc_work                    ? 
_refine.pdbx_average_fsc_free                    ? 
# 
_refine_hist.pdbx_refine_id                   'X-RAY DIFFRACTION' 
_refine_hist.cycle_id                         LAST 
_refine_hist.details                          ? 
_refine_hist.d_res_high                       1.85 
_refine_hist.d_res_low                        30 
_refine_hist.number_atoms_solvent             78 
_refine_hist.number_atoms_total               1509 
_refine_hist.number_reflns_all                ? 
_refine_hist.number_reflns_obs                ? 
_refine_hist.number_reflns_R_free             ? 
_refine_hist.number_reflns_R_work             ? 
_refine_hist.R_factor_all                     ? 
_refine_hist.R_factor_obs                     ? 
_refine_hist.R_factor_R_free                  ? 
_refine_hist.R_factor_R_work                  ? 
_refine_hist.pdbx_number_residues_total       ? 
_refine_hist.pdbx_B_iso_mean_ligand           ? 
_refine_hist.pdbx_B_iso_mean_solvent          ? 
_refine_hist.pdbx_number_atoms_protein        1264 
_refine_hist.pdbx_number_atoms_nucleic_acid   167 
_refine_hist.pdbx_number_atoms_ligand         0 
_refine_hist.pdbx_number_atoms_lipid          ? 
_refine_hist.pdbx_number_atoms_carb           ? 
_refine_hist.pdbx_pseudo_atom_details         ? 
# 
loop_
_refine_ls_restr.pdbx_refine_id 
_refine_ls_restr.criterion 
_refine_ls_restr.dev_ideal 
_refine_ls_restr.dev_ideal_target 
_refine_ls_restr.number 
_refine_ls_restr.rejects 
_refine_ls_restr.type 
_refine_ls_restr.weight 
_refine_ls_restr.pdbx_restraint_function 
'X-RAY DIFFRACTION' ? 0.0082  ? 1464 ? f_bond_d           ? ? 
'X-RAY DIFFRACTION' ? 0.9593  ? 2008 ? f_angle_d          ? ? 
'X-RAY DIFFRACTION' ? 0.0584  ? 246  ? f_chiral_restr     ? ? 
'X-RAY DIFFRACTION' ? 0.0074  ? 227  ? f_plane_restr      ? ? 
'X-RAY DIFFRACTION' ? 15.5388 ? 902  ? f_dihedral_angle_d ? ? 
# 
_refine_ls_shell.R_factor_R_free                  0.2989 
_refine_ls_shell.R_factor_R_free_error            ? 
_refine_ls_shell.R_factor_R_work                  0.2393 
_refine_ls_shell.R_factor_all                     ? 
_refine_ls_shell.R_factor_obs                     ? 
_refine_ls_shell.d_res_high                       1.8457 
_refine_ls_shell.d_res_low                        2.0314 
_refine_ls_shell.number_reflns_R_free             ? 
_refine_ls_shell.number_reflns_R_work             ? 
_refine_ls_shell.number_reflns_all                ? 
_refine_ls_shell.number_reflns_obs                2541 
_refine_ls_shell.pdbx_R_complete                  ? 
_refine_ls_shell.pdbx_fsc_free                    ? 
_refine_ls_shell.pdbx_fsc_work                    ? 
_refine_ls_shell.pdbx_phase_error                 ? 
_refine_ls_shell.pdbx_refine_id                   'X-RAY DIFFRACTION' 
_refine_ls_shell.pdbx_total_number_of_bins_used   ? 
_refine_ls_shell.percent_reflns_R_free            ? 
_refine_ls_shell.percent_reflns_obs               73 
_refine_ls_shell.redundancy_reflns_all            ? 
_refine_ls_shell.redundancy_reflns_obs            ? 
_refine_ls_shell.wR_factor_R_free                 ? 
_refine_ls_shell.wR_factor_R_work                 ? 
_refine_ls_shell.wR_factor_all                    ? 
_refine_ls_shell.wR_factor_obs                    ? 
# 
_struct.entry_id                     7YEY 
_struct.title                        'Structure of MmIGF2BP3-KH12 in complex with 8-mer RNA' 
_struct.pdbx_model_details           ? 
_struct.pdbx_formula_weight          ? 
_struct.pdbx_formula_weight_method   ? 
_struct.pdbx_model_type_details      ? 
_struct.pdbx_CASP_flag               N 
# 
_struct_keywords.entry_id        7YEY 
_struct_keywords.text            
'IGF2BP3, IGF2BP, IMP3, RNA binding, m6A modification, RNA BINDING PROTEIN, RNA BINDING PROTEIN-RNA complex' 
_struct_keywords.pdbx_keywords   'RNA BINDING PROTEIN/RNA' 
# 
loop_
_struct_asym.id 
_struct_asym.pdbx_blank_PDB_chainid_flag 
_struct_asym.pdbx_modified 
_struct_asym.entity_id 
_struct_asym.details 
A N N 1 ? 
B N N 2 ? 
C N N 3 ? 
D N N 3 ? 
# 
loop_
_struct_ref.id 
_struct_ref.db_name 
_struct_ref.db_code 
_struct_ref.pdbx_db_accession 
_struct_ref.pdbx_db_isoform 
_struct_ref.entity_id 
_struct_ref.pdbx_seq_one_letter_code 
_struct_ref.pdbx_align_begin 
1 UNP IF2B3_MOUSE Q9CPN8 ? 1 
;KPCDLPLRLLVPTQFVGAIIGKEGATIRNITKQTQSKIDVHRKENTGAAEKSITILSTPEGTSAACKSILEIMHKEAQDI
KFTEEIPLKILAHNNFVGRLIGKEGRNLKKIEQDTDTKITISPLQELTLYNPERTITVKGSVETCAKAEEEIMKKIRESY
ENDI
;
192 
2 PDB 7YEY        7YEY   ? 2 ? 1   
# 
loop_
_struct_ref_seq.align_id 
_struct_ref_seq.ref_id 
_struct_ref_seq.pdbx_PDB_id_code 
_struct_ref_seq.pdbx_strand_id 
_struct_ref_seq.seq_align_beg 
_struct_ref_seq.pdbx_seq_align_beg_ins_code 
_struct_ref_seq.seq_align_end 
_struct_ref_seq.pdbx_seq_align_end_ins_code 
_struct_ref_seq.pdbx_db_accession 
_struct_ref_seq.db_align_beg 
_struct_ref_seq.pdbx_db_align_beg_ins_code 
_struct_ref_seq.db_align_end 
_struct_ref_seq.pdbx_db_align_end_ins_code 
_struct_ref_seq.pdbx_auth_seq_align_beg 
_struct_ref_seq.pdbx_auth_seq_align_end 
1 1 7YEY A 1 ? 164 ? Q9CPN8 192 ? 355 ? 192 355 
2 2 7YEY B 1 ? 8   ? 7YEY   1   ? 8   ? 1   8   
# 
_pdbx_struct_assembly.id                   1 
_pdbx_struct_assembly.details              author_and_software_defined_assembly 
_pdbx_struct_assembly.method_details       PISA 
_pdbx_struct_assembly.oligomeric_details   dimeric 
_pdbx_struct_assembly.oligomeric_count     2 
# 
loop_
_pdbx_struct_assembly_prop.biol_id 
_pdbx_struct_assembly_prop.type 
_pdbx_struct_assembly_prop.value 
_pdbx_struct_assembly_prop.details 
1 'ABSA (A^2)' 1220  ? 
1 MORE         -6    ? 
1 'SSA (A^2)'  10410 ? 
# 
_pdbx_struct_assembly_gen.assembly_id       1 
_pdbx_struct_assembly_gen.oper_expression   1 
_pdbx_struct_assembly_gen.asym_id_list      A,B,C,D 
# 
_pdbx_struct_assembly_auth_evidence.id                     1 
_pdbx_struct_assembly_auth_evidence.assembly_id            1 
_pdbx_struct_assembly_auth_evidence.experimental_support   'gel filtration' 
_pdbx_struct_assembly_auth_evidence.details                ? 
# 
_pdbx_struct_oper_list.id                   1 
_pdbx_struct_oper_list.type                 'identity operation' 
_pdbx_struct_oper_list.name                 1_555 
_pdbx_struct_oper_list.symmetry_operation   x,y,z 
_pdbx_struct_oper_list.matrix[1][1]         1.0000000000 
_pdbx_struct_oper_list.matrix[1][2]         0.0000000000 
_pdbx_struct_oper_list.matrix[1][3]         0.0000000000 
_pdbx_struct_oper_list.vector[1]            0.0000000000 
_pdbx_struct_oper_list.matrix[2][1]         0.0000000000 
_pdbx_struct_oper_list.matrix[2][2]         1.0000000000 
_pdbx_struct_oper_list.matrix[2][3]         0.0000000000 
_pdbx_struct_oper_list.vector[2]            0.0000000000 
_pdbx_struct_oper_list.matrix[3][1]         0.0000000000 
_pdbx_struct_oper_list.matrix[3][2]         0.0000000000 
_pdbx_struct_oper_list.matrix[3][3]         1.0000000000 
_pdbx_struct_oper_list.vector[3]            0.0000000000 
# 
loop_
_struct_conf.conf_type_id 
_struct_conf.id 
_struct_conf.pdbx_PDB_helix_id 
_struct_conf.beg_label_comp_id 
_struct_conf.beg_label_asym_id 
_struct_conf.beg_label_seq_id 
_struct_conf.pdbx_beg_PDB_ins_code 
_struct_conf.end_label_comp_id 
_struct_conf.end_label_asym_id 
_struct_conf.end_label_seq_id 
_struct_conf.pdbx_end_PDB_ins_code 
_struct_conf.beg_auth_comp_id 
_struct_conf.beg_auth_asym_id 
_struct_conf.beg_auth_seq_id 
_struct_conf.end_auth_comp_id 
_struct_conf.end_auth_asym_id 
_struct_conf.end_auth_seq_id 
_struct_conf.pdbx_PDB_helix_class 
_struct_conf.details 
_struct_conf.pdbx_PDB_helix_length 
HELX_P HELX_P1 AA1 PHE A 15  ? GLY A 21  ? PHE A 206 GLY A 212 1 ? 7  
HELX_P HELX_P2 AA2 GLY A 24  ? GLN A 35  ? GLY A 215 GLN A 226 1 ? 12 
HELX_P HELX_P3 AA3 THR A 58  ? ILE A 80  ? THR A 249 ILE A 271 1 ? 23 
HELX_P HELX_P4 AA4 PHE A 96  ? GLY A 102 ? PHE A 287 GLY A 293 1 ? 7  
HELX_P HELX_P5 AA5 GLY A 105 ? ASP A 116 ? GLY A 296 ASP A 307 1 ? 12 
HELX_P HELX_P6 AA6 PRO A 123 ? LEU A 127 ? PRO A 314 LEU A 318 5 ? 5  
HELX_P HELX_P7 AA7 SER A 141 ? ASP A 163 ? SER A 332 ASP A 354 1 ? 23 
# 
_struct_conf_type.id          HELX_P 
_struct_conf_type.criteria    ? 
_struct_conf_type.reference   ? 
# 
_struct_sheet.id               AA1 
_struct_sheet.type             ? 
_struct_sheet.number_strands   6 
_struct_sheet.details          ? 
# 
loop_
_struct_sheet_order.sheet_id 
_struct_sheet_order.range_id_1 
_struct_sheet_order.range_id_2 
_struct_sheet_order.offset 
_struct_sheet_order.sense 
AA1 1 2 ? anti-parallel 
AA1 2 3 ? anti-parallel 
AA1 3 4 ? anti-parallel 
AA1 4 5 ? anti-parallel 
AA1 5 6 ? anti-parallel 
# 
loop_
_struct_sheet_range.sheet_id 
_struct_sheet_range.id 
_struct_sheet_range.beg_label_comp_id 
_struct_sheet_range.beg_label_asym_id 
_struct_sheet_range.beg_label_seq_id 
_struct_sheet_range.pdbx_beg_PDB_ins_code 
_struct_sheet_range.end_label_comp_id 
_struct_sheet_range.end_label_asym_id 
_struct_sheet_range.end_label_seq_id 
_struct_sheet_range.pdbx_end_PDB_ins_code 
_struct_sheet_range.beg_auth_comp_id 
_struct_sheet_range.beg_auth_asym_id 
_struct_sheet_range.beg_auth_seq_id 
_struct_sheet_range.end_auth_comp_id 
_struct_sheet_range.end_auth_asym_id 
_struct_sheet_range.end_auth_seq_id 
AA1 1 LYS A 37  ? VAL A 40  ? LYS A 228 VAL A 231 
AA1 2 GLU A 50  ? LEU A 56  ? GLU A 241 LEU A 247 
AA1 3 LEU A 7   ? PRO A 12  ? LEU A 198 PRO A 203 
AA1 4 LEU A 88  ? HIS A 93  ? LEU A 279 HIS A 284 
AA1 5 GLU A 133 ? LYS A 139 ? GLU A 324 LYS A 330 
AA1 6 LYS A 118 ? ILE A 121 ? LYS A 309 ILE A 312 
# 
loop_
_pdbx_struct_sheet_hbond.sheet_id 
_pdbx_struct_sheet_hbond.range_id_1 
_pdbx_struct_sheet_hbond.range_id_2 
_pdbx_struct_sheet_hbond.range_1_label_atom_id 
_pdbx_struct_sheet_hbond.range_1_label_comp_id 
_pdbx_struct_sheet_hbond.range_1_label_asym_id 
_pdbx_struct_sheet_hbond.range_1_label_seq_id 
_pdbx_struct_sheet_hbond.range_1_PDB_ins_code 
_pdbx_struct_sheet_hbond.range_1_auth_atom_id 
_pdbx_struct_sheet_hbond.range_1_auth_comp_id 
_pdbx_struct_sheet_hbond.range_1_auth_asym_id 
_pdbx_struct_sheet_hbond.range_1_auth_seq_id 
_pdbx_struct_sheet_hbond.range_2_label_atom_id 
_pdbx_struct_sheet_hbond.range_2_label_comp_id 
_pdbx_struct_sheet_hbond.range_2_label_asym_id 
_pdbx_struct_sheet_hbond.range_2_label_seq_id 
_pdbx_struct_sheet_hbond.range_2_PDB_ins_code 
_pdbx_struct_sheet_hbond.range_2_auth_atom_id 
_pdbx_struct_sheet_hbond.range_2_auth_comp_id 
_pdbx_struct_sheet_hbond.range_2_auth_asym_id 
_pdbx_struct_sheet_hbond.range_2_auth_seq_id 
AA1 1 2 N LYS A 37  ? N LYS A 228 O LEU A 56  ? O LEU A 247 
AA1 2 3 O ILE A 55  ? O ILE A 246 N LEU A 7   ? N LEU A 198 
AA1 3 4 N ARG A 8   ? N ARG A 199 O LEU A 91  ? O LEU A 282 
AA1 4 5 N ILE A 90  ? N ILE A 281 O ILE A 136 ? O ILE A 327 
AA1 5 6 O THR A 137 ? O THR A 328 N THR A 120 ? N THR A 311 
# 
_pdbx_entry_details.entry_id                   7YEY 
_pdbx_entry_details.compound_details           ? 
_pdbx_entry_details.source_details             ? 
_pdbx_entry_details.nonpolymer_details         ? 
_pdbx_entry_details.sequence_details           ? 
_pdbx_entry_details.has_ligand_of_interest     ? 
_pdbx_entry_details.has_protein_modification   N 
# 
_pdbx_validate_rmsd_angle.id                         1 
_pdbx_validate_rmsd_angle.PDB_model_num              1 
_pdbx_validate_rmsd_angle.auth_atom_id_1             "O4'" 
_pdbx_validate_rmsd_angle.auth_asym_id_1             B 
_pdbx_validate_rmsd_angle.auth_comp_id_1             G 
_pdbx_validate_rmsd_angle.auth_seq_id_1              5 
_pdbx_validate_rmsd_angle.PDB_ins_code_1             ? 
_pdbx_validate_rmsd_angle.label_alt_id_1             ? 
_pdbx_validate_rmsd_angle.auth_atom_id_2             "C1'" 
_pdbx_validate_rmsd_angle.auth_asym_id_2             B 
_pdbx_validate_rmsd_angle.auth_comp_id_2             G 
_pdbx_validate_rmsd_angle.auth_seq_id_2              5 
_pdbx_validate_rmsd_angle.PDB_ins_code_2             ? 
_pdbx_validate_rmsd_angle.label_alt_id_2             ? 
_pdbx_validate_rmsd_angle.auth_atom_id_3             N9 
_pdbx_validate_rmsd_angle.auth_asym_id_3             B 
_pdbx_validate_rmsd_angle.auth_comp_id_3             G 
_pdbx_validate_rmsd_angle.auth_seq_id_3              5 
_pdbx_validate_rmsd_angle.PDB_ins_code_3             ? 
_pdbx_validate_rmsd_angle.label_alt_id_3             ? 
_pdbx_validate_rmsd_angle.angle_value                113.14 
_pdbx_validate_rmsd_angle.angle_target_value         108.50 
_pdbx_validate_rmsd_angle.angle_deviation            4.64 
_pdbx_validate_rmsd_angle.angle_standard_deviation   0.70 
_pdbx_validate_rmsd_angle.linker_flag                N 
# 
loop_
_pdbx_validate_torsion.id 
_pdbx_validate_torsion.PDB_model_num 
_pdbx_validate_torsion.auth_comp_id 
_pdbx_validate_torsion.auth_asym_id 
_pdbx_validate_torsion.auth_seq_id 
_pdbx_validate_torsion.PDB_ins_code 
_pdbx_validate_torsion.label_alt_id 
_pdbx_validate_torsion.phi 
_pdbx_validate_torsion.psi 
1 1 THR A 237 ? ? -68.75  0.19   
2 1 ASN A 353 ? ? -130.16 -44.09 
# 
_pdbx_validate_main_chain_plane.id                       1 
_pdbx_validate_main_chain_plane.PDB_model_num            1 
_pdbx_validate_main_chain_plane.auth_comp_id             ASP 
_pdbx_validate_main_chain_plane.auth_asym_id             A 
_pdbx_validate_main_chain_plane.auth_seq_id              305 
_pdbx_validate_main_chain_plane.PDB_ins_code             ? 
_pdbx_validate_main_chain_plane.label_alt_id             ? 
_pdbx_validate_main_chain_plane.improper_torsion_angle   -13.76 
# 
loop_
_space_group_symop.id 
_space_group_symop.operation_xyz 
1 x,y,z           
2 x,-y,-z         
3 -x,y+1/2,-z+1/2 
4 -x,-y+1/2,z+1/2 
# 
loop_
_pdbx_unobs_or_zero_occ_residues.id 
_pdbx_unobs_or_zero_occ_residues.PDB_model_num 
_pdbx_unobs_or_zero_occ_residues.polymer_flag 
_pdbx_unobs_or_zero_occ_residues.occupancy_flag 
_pdbx_unobs_or_zero_occ_residues.auth_asym_id 
_pdbx_unobs_or_zero_occ_residues.auth_comp_id 
_pdbx_unobs_or_zero_occ_residues.auth_seq_id 
_pdbx_unobs_or_zero_occ_residues.PDB_ins_code 
_pdbx_unobs_or_zero_occ_residues.label_asym_id 
_pdbx_unobs_or_zero_occ_residues.label_comp_id 
_pdbx_unobs_or_zero_occ_residues.label_seq_id 
1 1 Y 1 A LYS 192 ? A LYS 1   
2 1 Y 1 A ILE 355 ? A ILE 164 
# 
loop_
_chem_comp_atom.comp_id 
_chem_comp_atom.atom_id 
_chem_comp_atom.type_symbol 
_chem_comp_atom.pdbx_aromatic_flag 
_chem_comp_atom.pdbx_stereo_config 
_chem_comp_atom.pdbx_ordinal 
A   OP3    O N N 1   
A   P      P N N 2   
A   OP1    O N N 3   
A   OP2    O N N 4   
A   "O5'"  O N N 5   
A   "C5'"  C N N 6   
A   "C4'"  C N R 7   
A   "O4'"  O N N 8   
A   "C3'"  C N S 9   
A   "O3'"  O N N 10  
A   "C2'"  C N R 11  
A   "O2'"  O N N 12  
A   "C1'"  C N R 13  
A   N9     N Y N 14  
A   C8     C Y N 15  
A   N7     N Y N 16  
A   C5     C Y N 17  
A   C6     C Y N 18  
A   N6     N N N 19  
A   N1     N Y N 20  
A   C2     C Y N 21  
A   N3     N Y N 22  
A   C4     C Y N 23  
A   HOP3   H N N 24  
A   HOP2   H N N 25  
A   "H5'"  H N N 26  
A   "H5''" H N N 27  
A   "H4'"  H N N 28  
A   "H3'"  H N N 29  
A   "HO3'" H N N 30  
A   "H2'"  H N N 31  
A   "HO2'" H N N 32  
A   "H1'"  H N N 33  
A   H8     H N N 34  
A   H61    H N N 35  
A   H62    H N N 36  
A   H2     H N N 37  
ALA N      N N N 38  
ALA CA     C N S 39  
ALA C      C N N 40  
ALA O      O N N 41  
ALA CB     C N N 42  
ALA OXT    O N N 43  
ALA H      H N N 44  
ALA H2     H N N 45  
ALA HA     H N N 46  
ALA HB1    H N N 47  
ALA HB2    H N N 48  
ALA HB3    H N N 49  
ALA HXT    H N N 50  
ARG N      N N N 51  
ARG CA     C N S 52  
ARG C      C N N 53  
ARG O      O N N 54  
ARG CB     C N N 55  
ARG CG     C N N 56  
ARG CD     C N N 57  
ARG NE     N N N 58  
ARG CZ     C N N 59  
ARG NH1    N N N 60  
ARG NH2    N N N 61  
ARG OXT    O N N 62  
ARG H      H N N 63  
ARG H2     H N N 64  
ARG HA     H N N 65  
ARG HB2    H N N 66  
ARG HB3    H N N 67  
ARG HG2    H N N 68  
ARG HG3    H N N 69  
ARG HD2    H N N 70  
ARG HD3    H N N 71  
ARG HE     H N N 72  
ARG HH11   H N N 73  
ARG HH12   H N N 74  
ARG HH21   H N N 75  
ARG HH22   H N N 76  
ARG HXT    H N N 77  
ASN N      N N N 78  
ASN CA     C N S 79  
ASN C      C N N 80  
ASN O      O N N 81  
ASN CB     C N N 82  
ASN CG     C N N 83  
ASN OD1    O N N 84  
ASN ND2    N N N 85  
ASN OXT    O N N 86  
ASN H      H N N 87  
ASN H2     H N N 88  
ASN HA     H N N 89  
ASN HB2    H N N 90  
ASN HB3    H N N 91  
ASN HD21   H N N 92  
ASN HD22   H N N 93  
ASN HXT    H N N 94  
ASP N      N N N 95  
ASP CA     C N S 96  
ASP C      C N N 97  
ASP O      O N N 98  
ASP CB     C N N 99  
ASP CG     C N N 100 
ASP OD1    O N N 101 
ASP OD2    O N N 102 
ASP OXT    O N N 103 
ASP H      H N N 104 
ASP H2     H N N 105 
ASP HA     H N N 106 
ASP HB2    H N N 107 
ASP HB3    H N N 108 
ASP HD2    H N N 109 
ASP HXT    H N N 110 
C   OP3    O N N 111 
C   P      P N N 112 
C   OP1    O N N 113 
C   OP2    O N N 114 
C   "O5'"  O N N 115 
C   "C5'"  C N N 116 
C   "C4'"  C N R 117 
C   "O4'"  O N N 118 
C   "C3'"  C N S 119 
C   "O3'"  O N N 120 
C   "C2'"  C N R 121 
C   "O2'"  O N N 122 
C   "C1'"  C N R 123 
C   N1     N N N 124 
C   C2     C N N 125 
C   O2     O N N 126 
C   N3     N N N 127 
C   C4     C N N 128 
C   N4     N N N 129 
C   C5     C N N 130 
C   C6     C N N 131 
C   HOP3   H N N 132 
C   HOP2   H N N 133 
C   "H5'"  H N N 134 
C   "H5''" H N N 135 
C   "H4'"  H N N 136 
C   "H3'"  H N N 137 
C   "HO3'" H N N 138 
C   "H2'"  H N N 139 
C   "HO2'" H N N 140 
C   "H1'"  H N N 141 
C   H41    H N N 142 
C   H42    H N N 143 
C   H5     H N N 144 
C   H6     H N N 145 
CYS N      N N N 146 
CYS CA     C N R 147 
CYS C      C N N 148 
CYS O      O N N 149 
CYS CB     C N N 150 
CYS SG     S N N 151 
CYS OXT    O N N 152 
CYS H      H N N 153 
CYS H2     H N N 154 
CYS HA     H N N 155 
CYS HB2    H N N 156 
CYS HB3    H N N 157 
CYS HG     H N N 158 
CYS HXT    H N N 159 
G   OP3    O N N 160 
G   P      P N N 161 
G   OP1    O N N 162 
G   OP2    O N N 163 
G   "O5'"  O N N 164 
G   "C5'"  C N N 165 
G   "C4'"  C N R 166 
G   "O4'"  O N N 167 
G   "C3'"  C N S 168 
G   "O3'"  O N N 169 
G   "C2'"  C N R 170 
G   "O2'"  O N N 171 
G   "C1'"  C N R 172 
G   N9     N Y N 173 
G   C8     C Y N 174 
G   N7     N Y N 175 
G   C5     C Y N 176 
G   C6     C N N 177 
G   O6     O N N 178 
G   N1     N N N 179 
G   C2     C N N 180 
G   N2     N N N 181 
G   N3     N N N 182 
G   C4     C Y N 183 
G   HOP3   H N N 184 
G   HOP2   H N N 185 
G   "H5'"  H N N 186 
G   "H5''" H N N 187 
G   "H4'"  H N N 188 
G   "H3'"  H N N 189 
G   "HO3'" H N N 190 
G   "H2'"  H N N 191 
G   "HO2'" H N N 192 
G   "H1'"  H N N 193 
G   H8     H N N 194 
G   H1     H N N 195 
G   H21    H N N 196 
G   H22    H N N 197 
GLN N      N N N 198 
GLN CA     C N S 199 
GLN C      C N N 200 
GLN O      O N N 201 
GLN CB     C N N 202 
GLN CG     C N N 203 
GLN CD     C N N 204 
GLN OE1    O N N 205 
GLN NE2    N N N 206 
GLN OXT    O N N 207 
GLN H      H N N 208 
GLN H2     H N N 209 
GLN HA     H N N 210 
GLN HB2    H N N 211 
GLN HB3    H N N 212 
GLN HG2    H N N 213 
GLN HG3    H N N 214 
GLN HE21   H N N 215 
GLN HE22   H N N 216 
GLN HXT    H N N 217 
GLU N      N N N 218 
GLU CA     C N S 219 
GLU C      C N N 220 
GLU O      O N N 221 
GLU CB     C N N 222 
GLU CG     C N N 223 
GLU CD     C N N 224 
GLU OE1    O N N 225 
GLU OE2    O N N 226 
GLU OXT    O N N 227 
GLU H      H N N 228 
GLU H2     H N N 229 
GLU HA     H N N 230 
GLU HB2    H N N 231 
GLU HB3    H N N 232 
GLU HG2    H N N 233 
GLU HG3    H N N 234 
GLU HE2    H N N 235 
GLU HXT    H N N 236 
GLY N      N N N 237 
GLY CA     C N N 238 
GLY C      C N N 239 
GLY O      O N N 240 
GLY OXT    O N N 241 
GLY H      H N N 242 
GLY H2     H N N 243 
GLY HA2    H N N 244 
GLY HA3    H N N 245 
GLY HXT    H N N 246 
HIS N      N N N 247 
HIS CA     C N S 248 
HIS C      C N N 249 
HIS O      O N N 250 
HIS CB     C N N 251 
HIS CG     C Y N 252 
HIS ND1    N Y N 253 
HIS CD2    C Y N 254 
HIS CE1    C Y N 255 
HIS NE2    N Y N 256 
HIS OXT    O N N 257 
HIS H      H N N 258 
HIS H2     H N N 259 
HIS HA     H N N 260 
HIS HB2    H N N 261 
HIS HB3    H N N 262 
HIS HD1    H N N 263 
HIS HD2    H N N 264 
HIS HE1    H N N 265 
HIS HE2    H N N 266 
HIS HXT    H N N 267 
HOH O      O N N 268 
HOH H1     H N N 269 
HOH H2     H N N 270 
ILE N      N N N 271 
ILE CA     C N S 272 
ILE C      C N N 273 
ILE O      O N N 274 
ILE CB     C N S 275 
ILE CG1    C N N 276 
ILE CG2    C N N 277 
ILE CD1    C N N 278 
ILE OXT    O N N 279 
ILE H      H N N 280 
ILE H2     H N N 281 
ILE HA     H N N 282 
ILE HB     H N N 283 
ILE HG12   H N N 284 
ILE HG13   H N N 285 
ILE HG21   H N N 286 
ILE HG22   H N N 287 
ILE HG23   H N N 288 
ILE HD11   H N N 289 
ILE HD12   H N N 290 
ILE HD13   H N N 291 
ILE HXT    H N N 292 
LEU N      N N N 293 
LEU CA     C N S 294 
LEU C      C N N 295 
LEU O      O N N 296 
LEU CB     C N N 297 
LEU CG     C N N 298 
LEU CD1    C N N 299 
LEU CD2    C N N 300 
LEU OXT    O N N 301 
LEU H      H N N 302 
LEU H2     H N N 303 
LEU HA     H N N 304 
LEU HB2    H N N 305 
LEU HB3    H N N 306 
LEU HG     H N N 307 
LEU HD11   H N N 308 
LEU HD12   H N N 309 
LEU HD13   H N N 310 
LEU HD21   H N N 311 
LEU HD22   H N N 312 
LEU HD23   H N N 313 
LEU HXT    H N N 314 
LYS N      N N N 315 
LYS CA     C N S 316 
LYS C      C N N 317 
LYS O      O N N 318 
LYS CB     C N N 319 
LYS CG     C N N 320 
LYS CD     C N N 321 
LYS CE     C N N 322 
LYS NZ     N N N 323 
LYS OXT    O N N 324 
LYS H      H N N 325 
LYS H2     H N N 326 
LYS HA     H N N 327 
LYS HB2    H N N 328 
LYS HB3    H N N 329 
LYS HG2    H N N 330 
LYS HG3    H N N 331 
LYS HD2    H N N 332 
LYS HD3    H N N 333 
LYS HE2    H N N 334 
LYS HE3    H N N 335 
LYS HZ1    H N N 336 
LYS HZ2    H N N 337 
LYS HZ3    H N N 338 
LYS HXT    H N N 339 
MET N      N N N 340 
MET CA     C N S 341 
MET C      C N N 342 
MET O      O N N 343 
MET CB     C N N 344 
MET CG     C N N 345 
MET SD     S N N 346 
MET CE     C N N 347 
MET OXT    O N N 348 
MET H      H N N 349 
MET H2     H N N 350 
MET HA     H N N 351 
MET HB2    H N N 352 
MET HB3    H N N 353 
MET HG2    H N N 354 
MET HG3    H N N 355 
MET HE1    H N N 356 
MET HE2    H N N 357 
MET HE3    H N N 358 
MET HXT    H N N 359 
PHE N      N N N 360 
PHE CA     C N S 361 
PHE C      C N N 362 
PHE O      O N N 363 
PHE CB     C N N 364 
PHE CG     C Y N 365 
PHE CD1    C Y N 366 
PHE CD2    C Y N 367 
PHE CE1    C Y N 368 
PHE CE2    C Y N 369 
PHE CZ     C Y N 370 
PHE OXT    O N N 371 
PHE H      H N N 372 
PHE H2     H N N 373 
PHE HA     H N N 374 
PHE HB2    H N N 375 
PHE HB3    H N N 376 
PHE HD1    H N N 377 
PHE HD2    H N N 378 
PHE HE1    H N N 379 
PHE HE2    H N N 380 
PHE HZ     H N N 381 
PHE HXT    H N N 382 
PRO N      N N N 383 
PRO CA     C N S 384 
PRO C      C N N 385 
PRO O      O N N 386 
PRO CB     C N N 387 
PRO CG     C N N 388 
PRO CD     C N N 389 
PRO OXT    O N N 390 
PRO H      H N N 391 
PRO HA     H N N 392 
PRO HB2    H N N 393 
PRO HB3    H N N 394 
PRO HG2    H N N 395 
PRO HG3    H N N 396 
PRO HD2    H N N 397 
PRO HD3    H N N 398 
PRO HXT    H N N 399 
SER N      N N N 400 
SER CA     C N S 401 
SER C      C N N 402 
SER O      O N N 403 
SER CB     C N N 404 
SER OG     O N N 405 
SER OXT    O N N 406 
SER H      H N N 407 
SER H2     H N N 408 
SER HA     H N N 409 
SER HB2    H N N 410 
SER HB3    H N N 411 
SER HG     H N N 412 
SER HXT    H N N 413 
THR N      N N N 414 
THR CA     C N S 415 
THR C      C N N 416 
THR O      O N N 417 
THR CB     C N R 418 
THR OG1    O N N 419 
THR CG2    C N N 420 
THR OXT    O N N 421 
THR H      H N N 422 
THR H2     H N N 423 
THR HA     H N N 424 
THR HB     H N N 425 
THR HG1    H N N 426 
THR HG21   H N N 427 
THR HG22   H N N 428 
THR HG23   H N N 429 
THR HXT    H N N 430 
TYR N      N N N 431 
TYR CA     C N S 432 
TYR C      C N N 433 
TYR O      O N N 434 
TYR CB     C N N 435 
TYR CG     C Y N 436 
TYR CD1    C Y N 437 
TYR CD2    C Y N 438 
TYR CE1    C Y N 439 
TYR CE2    C Y N 440 
TYR CZ     C Y N 441 
TYR OH     O N N 442 
TYR OXT    O N N 443 
TYR H      H N N 444 
TYR H2     H N N 445 
TYR HA     H N N 446 
TYR HB2    H N N 447 
TYR HB3    H N N 448 
TYR HD1    H N N 449 
TYR HD2    H N N 450 
TYR HE1    H N N 451 
TYR HE2    H N N 452 
TYR HH     H N N 453 
TYR HXT    H N N 454 
VAL N      N N N 455 
VAL CA     C N S 456 
VAL C      C N N 457 
VAL O      O N N 458 
VAL CB     C N N 459 
VAL CG1    C N N 460 
VAL CG2    C N N 461 
VAL OXT    O N N 462 
VAL H      H N N 463 
VAL H2     H N N 464 
VAL HA     H N N 465 
VAL HB     H N N 466 
VAL HG11   H N N 467 
VAL HG12   H N N 468 
VAL HG13   H N N 469 
VAL HG21   H N N 470 
VAL HG22   H N N 471 
VAL HG23   H N N 472 
VAL HXT    H N N 473 
# 
loop_
_chem_comp_bond.comp_id 
_chem_comp_bond.atom_id_1 
_chem_comp_bond.atom_id_2 
_chem_comp_bond.value_order 
_chem_comp_bond.pdbx_aromatic_flag 
_chem_comp_bond.pdbx_stereo_config 
_chem_comp_bond.pdbx_ordinal 
A   OP3   P      sing N N 1   
A   OP3   HOP3   sing N N 2   
A   P     OP1    doub N N 3   
A   P     OP2    sing N N 4   
A   P     "O5'"  sing N N 5   
A   OP2   HOP2   sing N N 6   
A   "O5'" "C5'"  sing N N 7   
A   "C5'" "C4'"  sing N N 8   
A   "C5'" "H5'"  sing N N 9   
A   "C5'" "H5''" sing N N 10  
A   "C4'" "O4'"  sing N N 11  
A   "C4'" "C3'"  sing N N 12  
A   "C4'" "H4'"  sing N N 13  
A   "O4'" "C1'"  sing N N 14  
A   "C3'" "O3'"  sing N N 15  
A   "C3'" "C2'"  sing N N 16  
A   "C3'" "H3'"  sing N N 17  
A   "O3'" "HO3'" sing N N 18  
A   "C2'" "O2'"  sing N N 19  
A   "C2'" "C1'"  sing N N 20  
A   "C2'" "H2'"  sing N N 21  
A   "O2'" "HO2'" sing N N 22  
A   "C1'" N9     sing N N 23  
A   "C1'" "H1'"  sing N N 24  
A   N9    C8     sing Y N 25  
A   N9    C4     sing Y N 26  
A   C8    N7     doub Y N 27  
A   C8    H8     sing N N 28  
A   N7    C5     sing Y N 29  
A   C5    C6     sing Y N 30  
A   C5    C4     doub Y N 31  
A   C6    N6     sing N N 32  
A   C6    N1     doub Y N 33  
A   N6    H61    sing N N 34  
A   N6    H62    sing N N 35  
A   N1    C2     sing Y N 36  
A   C2    N3     doub Y N 37  
A   C2    H2     sing N N 38  
A   N3    C4     sing Y N 39  
ALA N     CA     sing N N 40  
ALA N     H      sing N N 41  
ALA N     H2     sing N N 42  
ALA CA    C      sing N N 43  
ALA CA    CB     sing N N 44  
ALA CA    HA     sing N N 45  
ALA C     O      doub N N 46  
ALA C     OXT    sing N N 47  
ALA CB    HB1    sing N N 48  
ALA CB    HB2    sing N N 49  
ALA CB    HB3    sing N N 50  
ALA OXT   HXT    sing N N 51  
ARG N     CA     sing N N 52  
ARG N     H      sing N N 53  
ARG N     H2     sing N N 54  
ARG CA    C      sing N N 55  
ARG CA    CB     sing N N 56  
ARG CA    HA     sing N N 57  
ARG C     O      doub N N 58  
ARG C     OXT    sing N N 59  
ARG CB    CG     sing N N 60  
ARG CB    HB2    sing N N 61  
ARG CB    HB3    sing N N 62  
ARG CG    CD     sing N N 63  
ARG CG    HG2    sing N N 64  
ARG CG    HG3    sing N N 65  
ARG CD    NE     sing N N 66  
ARG CD    HD2    sing N N 67  
ARG CD    HD3    sing N N 68  
ARG NE    CZ     sing N N 69  
ARG NE    HE     sing N N 70  
ARG CZ    NH1    sing N N 71  
ARG CZ    NH2    doub N N 72  
ARG NH1   HH11   sing N N 73  
ARG NH1   HH12   sing N N 74  
ARG NH2   HH21   sing N N 75  
ARG NH2   HH22   sing N N 76  
ARG OXT   HXT    sing N N 77  
ASN N     CA     sing N N 78  
ASN N     H      sing N N 79  
ASN N     H2     sing N N 80  
ASN CA    C      sing N N 81  
ASN CA    CB     sing N N 82  
ASN CA    HA     sing N N 83  
ASN C     O      doub N N 84  
ASN C     OXT    sing N N 85  
ASN CB    CG     sing N N 86  
ASN CB    HB2    sing N N 87  
ASN CB    HB3    sing N N 88  
ASN CG    OD1    doub N N 89  
ASN CG    ND2    sing N N 90  
ASN ND2   HD21   sing N N 91  
ASN ND2   HD22   sing N N 92  
ASN OXT   HXT    sing N N 93  
ASP N     CA     sing N N 94  
ASP N     H      sing N N 95  
ASP N     H2     sing N N 96  
ASP CA    C      sing N N 97  
ASP CA    CB     sing N N 98  
ASP CA    HA     sing N N 99  
ASP C     O      doub N N 100 
ASP C     OXT    sing N N 101 
ASP CB    CG     sing N N 102 
ASP CB    HB2    sing N N 103 
ASP CB    HB3    sing N N 104 
ASP CG    OD1    doub N N 105 
ASP CG    OD2    sing N N 106 
ASP OD2   HD2    sing N N 107 
ASP OXT   HXT    sing N N 108 
C   OP3   P      sing N N 109 
C   OP3   HOP3   sing N N 110 
C   P     OP1    doub N N 111 
C   P     OP2    sing N N 112 
C   P     "O5'"  sing N N 113 
C   OP2   HOP2   sing N N 114 
C   "O5'" "C5'"  sing N N 115 
C   "C5'" "C4'"  sing N N 116 
C   "C5'" "H5'"  sing N N 117 
C   "C5'" "H5''" sing N N 118 
C   "C4'" "O4'"  sing N N 119 
C   "C4'" "C3'"  sing N N 120 
C   "C4'" "H4'"  sing N N 121 
C   "O4'" "C1'"  sing N N 122 
C   "C3'" "O3'"  sing N N 123 
C   "C3'" "C2'"  sing N N 124 
C   "C3'" "H3'"  sing N N 125 
C   "O3'" "HO3'" sing N N 126 
C   "C2'" "O2'"  sing N N 127 
C   "C2'" "C1'"  sing N N 128 
C   "C2'" "H2'"  sing N N 129 
C   "O2'" "HO2'" sing N N 130 
C   "C1'" N1     sing N N 131 
C   "C1'" "H1'"  sing N N 132 
C   N1    C2     sing N N 133 
C   N1    C6     sing N N 134 
C   C2    O2     doub N N 135 
C   C2    N3     sing N N 136 
C   N3    C4     doub N N 137 
C   C4    N4     sing N N 138 
C   C4    C5     sing N N 139 
C   N4    H41    sing N N 140 
C   N4    H42    sing N N 141 
C   C5    C6     doub N N 142 
C   C5    H5     sing N N 143 
C   C6    H6     sing N N 144 
CYS N     CA     sing N N 145 
CYS N     H      sing N N 146 
CYS N     H2     sing N N 147 
CYS CA    C      sing N N 148 
CYS CA    CB     sing N N 149 
CYS CA    HA     sing N N 150 
CYS C     O      doub N N 151 
CYS C     OXT    sing N N 152 
CYS CB    SG     sing N N 153 
CYS CB    HB2    sing N N 154 
CYS CB    HB3    sing N N 155 
CYS SG    HG     sing N N 156 
CYS OXT   HXT    sing N N 157 
G   OP3   P      sing N N 158 
G   OP3   HOP3   sing N N 159 
G   P     OP1    doub N N 160 
G   P     OP2    sing N N 161 
G   P     "O5'"  sing N N 162 
G   OP2   HOP2   sing N N 163 
G   "O5'" "C5'"  sing N N 164 
G   "C5'" "C4'"  sing N N 165 
G   "C5'" "H5'"  sing N N 166 
G   "C5'" "H5''" sing N N 167 
G   "C4'" "O4'"  sing N N 168 
G   "C4'" "C3'"  sing N N 169 
G   "C4'" "H4'"  sing N N 170 
G   "O4'" "C1'"  sing N N 171 
G   "C3'" "O3'"  sing N N 172 
G   "C3'" "C2'"  sing N N 173 
G   "C3'" "H3'"  sing N N 174 
G   "O3'" "HO3'" sing N N 175 
G   "C2'" "O2'"  sing N N 176 
G   "C2'" "C1'"  sing N N 177 
G   "C2'" "H2'"  sing N N 178 
G   "O2'" "HO2'" sing N N 179 
G   "C1'" N9     sing N N 180 
G   "C1'" "H1'"  sing N N 181 
G   N9    C8     sing Y N 182 
G   N9    C4     sing Y N 183 
G   C8    N7     doub Y N 184 
G   C8    H8     sing N N 185 
G   N7    C5     sing Y N 186 
G   C5    C6     sing N N 187 
G   C5    C4     doub Y N 188 
G   C6    O6     doub N N 189 
G   C6    N1     sing N N 190 
G   N1    C2     sing N N 191 
G   N1    H1     sing N N 192 
G   C2    N2     sing N N 193 
G   C2    N3     doub N N 194 
G   N2    H21    sing N N 195 
G   N2    H22    sing N N 196 
G   N3    C4     sing N N 197 
GLN N     CA     sing N N 198 
GLN N     H      sing N N 199 
GLN N     H2     sing N N 200 
GLN CA    C      sing N N 201 
GLN CA    CB     sing N N 202 
GLN CA    HA     sing N N 203 
GLN C     O      doub N N 204 
GLN C     OXT    sing N N 205 
GLN CB    CG     sing N N 206 
GLN CB    HB2    sing N N 207 
GLN CB    HB3    sing N N 208 
GLN CG    CD     sing N N 209 
GLN CG    HG2    sing N N 210 
GLN CG    HG3    sing N N 211 
GLN CD    OE1    doub N N 212 
GLN CD    NE2    sing N N 213 
GLN NE2   HE21   sing N N 214 
GLN NE2   HE22   sing N N 215 
GLN OXT   HXT    sing N N 216 
GLU N     CA     sing N N 217 
GLU N     H      sing N N 218 
GLU N     H2     sing N N 219 
GLU CA    C      sing N N 220 
GLU CA    CB     sing N N 221 
GLU CA    HA     sing N N 222 
GLU C     O      doub N N 223 
GLU C     OXT    sing N N 224 
GLU CB    CG     sing N N 225 
GLU CB    HB2    sing N N 226 
GLU CB    HB3    sing N N 227 
GLU CG    CD     sing N N 228 
GLU CG    HG2    sing N N 229 
GLU CG    HG3    sing N N 230 
GLU CD    OE1    doub N N 231 
GLU CD    OE2    sing N N 232 
GLU OE2   HE2    sing N N 233 
GLU OXT   HXT    sing N N 234 
GLY N     CA     sing N N 235 
GLY N     H      sing N N 236 
GLY N     H2     sing N N 237 
GLY CA    C      sing N N 238 
GLY CA    HA2    sing N N 239 
GLY CA    HA3    sing N N 240 
GLY C     O      doub N N 241 
GLY C     OXT    sing N N 242 
GLY OXT   HXT    sing N N 243 
HIS N     CA     sing N N 244 
HIS N     H      sing N N 245 
HIS N     H2     sing N N 246 
HIS CA    C      sing N N 247 
HIS CA    CB     sing N N 248 
HIS CA    HA     sing N N 249 
HIS C     O      doub N N 250 
HIS C     OXT    sing N N 251 
HIS CB    CG     sing N N 252 
HIS CB    HB2    sing N N 253 
HIS CB    HB3    sing N N 254 
HIS CG    ND1    sing Y N 255 
HIS CG    CD2    doub Y N 256 
HIS ND1   CE1    doub Y N 257 
HIS ND1   HD1    sing N N 258 
HIS CD2   NE2    sing Y N 259 
HIS CD2   HD2    sing N N 260 
HIS CE1   NE2    sing Y N 261 
HIS CE1   HE1    sing N N 262 
HIS NE2   HE2    sing N N 263 
HIS OXT   HXT    sing N N 264 
HOH O     H1     sing N N 265 
HOH O     H2     sing N N 266 
ILE N     CA     sing N N 267 
ILE N     H      sing N N 268 
ILE N     H2     sing N N 269 
ILE CA    C      sing N N 270 
ILE CA    CB     sing N N 271 
ILE CA    HA     sing N N 272 
ILE C     O      doub N N 273 
ILE C     OXT    sing N N 274 
ILE CB    CG1    sing N N 275 
ILE CB    CG2    sing N N 276 
ILE CB    HB     sing N N 277 
ILE CG1   CD1    sing N N 278 
ILE CG1   HG12   sing N N 279 
ILE CG1   HG13   sing N N 280 
ILE CG2   HG21   sing N N 281 
ILE CG2   HG22   sing N N 282 
ILE CG2   HG23   sing N N 283 
ILE CD1   HD11   sing N N 284 
ILE CD1   HD12   sing N N 285 
ILE CD1   HD13   sing N N 286 
ILE OXT   HXT    sing N N 287 
LEU N     CA     sing N N 288 
LEU N     H      sing N N 289 
LEU N     H2     sing N N 290 
LEU CA    C      sing N N 291 
LEU CA    CB     sing N N 292 
LEU CA    HA     sing N N 293 
LEU C     O      doub N N 294 
LEU C     OXT    sing N N 295 
LEU CB    CG     sing N N 296 
LEU CB    HB2    sing N N 297 
LEU CB    HB3    sing N N 298 
LEU CG    CD1    sing N N 299 
LEU CG    CD2    sing N N 300 
LEU CG    HG     sing N N 301 
LEU CD1   HD11   sing N N 302 
LEU CD1   HD12   sing N N 303 
LEU CD1   HD13   sing N N 304 
LEU CD2   HD21   sing N N 305 
LEU CD2   HD22   sing N N 306 
LEU CD2   HD23   sing N N 307 
LEU OXT   HXT    sing N N 308 
LYS N     CA     sing N N 309 
LYS N     H      sing N N 310 
LYS N     H2     sing N N 311 
LYS CA    C      sing N N 312 
LYS CA    CB     sing N N 313 
LYS CA    HA     sing N N 314 
LYS C     O      doub N N 315 
LYS C     OXT    sing N N 316 
LYS CB    CG     sing N N 317 
LYS CB    HB2    sing N N 318 
LYS CB    HB3    sing N N 319 
LYS CG    CD     sing N N 320 
LYS CG    HG2    sing N N 321 
LYS CG    HG3    sing N N 322 
LYS CD    CE     sing N N 323 
LYS CD    HD2    sing N N 324 
LYS CD    HD3    sing N N 325 
LYS CE    NZ     sing N N 326 
LYS CE    HE2    sing N N 327 
LYS CE    HE3    sing N N 328 
LYS NZ    HZ1    sing N N 329 
LYS NZ    HZ2    sing N N 330 
LYS NZ    HZ3    sing N N 331 
LYS OXT   HXT    sing N N 332 
MET N     CA     sing N N 333 
MET N     H      sing N N 334 
MET N     H2     sing N N 335 
MET CA    C      sing N N 336 
MET CA    CB     sing N N 337 
MET CA    HA     sing N N 338 
MET C     O      doub N N 339 
MET C     OXT    sing N N 340 
MET CB    CG     sing N N 341 
MET CB    HB2    sing N N 342 
MET CB    HB3    sing N N 343 
MET CG    SD     sing N N 344 
MET CG    HG2    sing N N 345 
MET CG    HG3    sing N N 346 
MET SD    CE     sing N N 347 
MET CE    HE1    sing N N 348 
MET CE    HE2    sing N N 349 
MET CE    HE3    sing N N 350 
MET OXT   HXT    sing N N 351 
PHE N     CA     sing N N 352 
PHE N     H      sing N N 353 
PHE N     H2     sing N N 354 
PHE CA    C      sing N N 355 
PHE CA    CB     sing N N 356 
PHE CA    HA     sing N N 357 
PHE C     O      doub N N 358 
PHE C     OXT    sing N N 359 
PHE CB    CG     sing N N 360 
PHE CB    HB2    sing N N 361 
PHE CB    HB3    sing N N 362 
PHE CG    CD1    doub Y N 363 
PHE CG    CD2    sing Y N 364 
PHE CD1   CE1    sing Y N 365 
PHE CD1   HD1    sing N N 366 
PHE CD2   CE2    doub Y N 367 
PHE CD2   HD2    sing N N 368 
PHE CE1   CZ     doub Y N 369 
PHE CE1   HE1    sing N N 370 
PHE CE2   CZ     sing Y N 371 
PHE CE2   HE2    sing N N 372 
PHE CZ    HZ     sing N N 373 
PHE OXT   HXT    sing N N 374 
PRO N     CA     sing N N 375 
PRO N     CD     sing N N 376 
PRO N     H      sing N N 377 
PRO CA    C      sing N N 378 
PRO CA    CB     sing N N 379 
PRO CA    HA     sing N N 380 
PRO C     O      doub N N 381 
PRO C     OXT    sing N N 382 
PRO CB    CG     sing N N 383 
PRO CB    HB2    sing N N 384 
PRO CB    HB3    sing N N 385 
PRO CG    CD     sing N N 386 
PRO CG    HG2    sing N N 387 
PRO CG    HG3    sing N N 388 
PRO CD    HD2    sing N N 389 
PRO CD    HD3    sing N N 390 
PRO OXT   HXT    sing N N 391 
SER N     CA     sing N N 392 
SER N     H      sing N N 393 
SER N     H2     sing N N 394 
SER CA    C      sing N N 395 
SER CA    CB     sing N N 396 
SER CA    HA     sing N N 397 
SER C     O      doub N N 398 
SER C     OXT    sing N N 399 
SER CB    OG     sing N N 400 
SER CB    HB2    sing N N 401 
SER CB    HB3    sing N N 402 
SER OG    HG     sing N N 403 
SER OXT   HXT    sing N N 404 
THR N     CA     sing N N 405 
THR N     H      sing N N 406 
THR N     H2     sing N N 407 
THR CA    C      sing N N 408 
THR CA    CB     sing N N 409 
THR CA    HA     sing N N 410 
THR C     O      doub N N 411 
THR C     OXT    sing N N 412 
THR CB    OG1    sing N N 413 
THR CB    CG2    sing N N 414 
THR CB    HB     sing N N 415 
THR OG1   HG1    sing N N 416 
THR CG2   HG21   sing N N 417 
THR CG2   HG22   sing N N 418 
THR CG2   HG23   sing N N 419 
THR OXT   HXT    sing N N 420 
TYR N     CA     sing N N 421 
TYR N     H      sing N N 422 
TYR N     H2     sing N N 423 
TYR CA    C      sing N N 424 
TYR CA    CB     sing N N 425 
TYR CA    HA     sing N N 426 
TYR C     O      doub N N 427 
TYR C     OXT    sing N N 428 
TYR CB    CG     sing N N 429 
TYR CB    HB2    sing N N 430 
TYR CB    HB3    sing N N 431 
TYR CG    CD1    doub Y N 432 
TYR CG    CD2    sing Y N 433 
TYR CD1   CE1    sing Y N 434 
TYR CD1   HD1    sing N N 435 
TYR CD2   CE2    doub Y N 436 
TYR CD2   HD2    sing N N 437 
TYR CE1   CZ     doub Y N 438 
TYR CE1   HE1    sing N N 439 
TYR CE2   CZ     sing Y N 440 
TYR CE2   HE2    sing N N 441 
TYR CZ    OH     sing N N 442 
TYR OH    HH     sing N N 443 
TYR OXT   HXT    sing N N 444 
VAL N     CA     sing N N 445 
VAL N     H      sing N N 446 
VAL N     H2     sing N N 447 
VAL CA    C      sing N N 448 
VAL CA    CB     sing N N 449 
VAL CA    HA     sing N N 450 
VAL C     O      doub N N 451 
VAL C     OXT    sing N N 452 
VAL CB    CG1    sing N N 453 
VAL CB    CG2    sing N N 454 
VAL CB    HB     sing N N 455 
VAL CG1   HG11   sing N N 456 
VAL CG1   HG12   sing N N 457 
VAL CG1   HG13   sing N N 458 
VAL CG2   HG21   sing N N 459 
VAL CG2   HG22   sing N N 460 
VAL CG2   HG23   sing N N 461 
VAL OXT   HXT    sing N N 462 
# 
_pdbx_audit_support.funding_organization   'Not funded' 
_pdbx_audit_support.country                ? 
_pdbx_audit_support.grant_number           ? 
_pdbx_audit_support.ordinal                1 
# 
_pdbx_initial_refinement_model.id               1 
_pdbx_initial_refinement_model.entity_id_list   ? 
_pdbx_initial_refinement_model.type             'experimental model' 
_pdbx_initial_refinement_model.source_name      PDB 
_pdbx_initial_refinement_model.accession_code   6GQE 
_pdbx_initial_refinement_model.details          ? 
# 
_space_group.name_H-M_alt     'P 2 21 21' 
_space_group.name_Hall        'P 2 2ab (z,x,y)' 
_space_group.IT_number        18 
_space_group.crystal_system   orthorhombic 
_space_group.id               1 
# 
_atom_sites.entry_id                    7YEY 
_atom_sites.Cartn_transf_matrix[1][1]   ? 
_atom_sites.Cartn_transf_matrix[1][2]   ? 
_atom_sites.Cartn_transf_matrix[1][3]   ? 
_atom_sites.Cartn_transf_matrix[2][1]   ? 
_atom_sites.Cartn_transf_matrix[2][2]   ? 
_atom_sites.Cartn_transf_matrix[2][3]   ? 
_atom_sites.Cartn_transf_matrix[3][1]   ? 
_atom_sites.Cartn_transf_matrix[3][2]   ? 
_atom_sites.Cartn_transf_matrix[3][3]   ? 
_atom_sites.Cartn_transf_vector[1]      ? 
_atom_sites.Cartn_transf_vector[2]      ? 
_atom_sites.Cartn_transf_vector[3]      ? 
_atom_sites.fract_transf_matrix[1][1]   -0.01772516 
_atom_sites.fract_transf_matrix[1][2]   0.01761984 
_atom_sites.fract_transf_matrix[1][3]   -0.00763503 
_atom_sites.fract_transf_matrix[2][1]   -0.00901664 
_atom_sites.fract_transf_matrix[2][2]   -0.00351765 
_atom_sites.fract_transf_matrix[2][3]   0.01281475 
_atom_sites.fract_transf_matrix[3][1]   0.00717446 
_atom_sites.fract_transf_matrix[3][2]   0.01067445 
_atom_sites.fract_transf_matrix[3][3]   0.00797819 
_atom_sites.fract_transf_vector[1]      0.115849 
_atom_sites.fract_transf_vector[2]      0.127863 
_atom_sites.fract_transf_vector[3]      0.246016 
_atom_sites.solution_primary            ? 
_atom_sites.solution_secondary          ? 
_atom_sites.solution_hydrogens          ? 
_atom_sites.special_details             ? 
# 
loop_
_atom_type.symbol 
_atom_type.scat_dispersion_real 
_atom_type.scat_dispersion_imag 
_atom_type.scat_Cromer_Mann_a1 
_atom_type.scat_Cromer_Mann_a2 
_atom_type.scat_Cromer_Mann_a3 
_atom_type.scat_Cromer_Mann_a4 
_atom_type.scat_Cromer_Mann_b1 
_atom_type.scat_Cromer_Mann_b2 
_atom_type.scat_Cromer_Mann_b3 
_atom_type.scat_Cromer_Mann_b4 
_atom_type.scat_Cromer_Mann_c 
_atom_type.scat_source 
_atom_type.scat_dispersion_source 
C ? ? 3.54356 2.42580 ? ? 25.62398 1.50364  ? ? 0.0 
;2-Gaussian fit: Grosse-Kunstleve RW, Sauter NK, Adams PD: Newsletter of the IUCr Commission on Crystallographic Computing 2004, 3, 22-31.
;
? 
N ? ? 4.01032 2.96436 ? ? 19.97189 1.75589  ? ? 0.0 
;2-Gaussian fit: Grosse-Kunstleve RW, Sauter NK, Adams PD: Newsletter of the IUCr Commission on Crystallographic Computing 2004, 3, 22-31.
;
? 
O ? ? 4.49882 3.47563 ? ? 15.80542 1.70748  ? ? 0.0 
;2-Gaussian fit: Grosse-Kunstleve RW, Sauter NK, Adams PD: Newsletter of the IUCr Commission on Crystallographic Computing 2004, 3, 22-31.
;
? 
P ? ? 9.51135 5.44231 ? ? 1.42069  35.72801 ? ? 0.0 
;2-Gaussian fit: Grosse-Kunstleve RW, Sauter NK, Adams PD: Newsletter of the IUCr Commission on Crystallographic Computing 2004, 3, 22-31.
;
? 
S ? ? 9.55732 6.39887 ? ? 1.23737  29.19336 ? ? 0.0 
;2-Gaussian fit: Grosse-Kunstleve RW, Sauter NK, Adams PD: Newsletter of the IUCr Commission on Crystallographic Computing 2004, 3, 22-31.
;
? 
# 
loop_
_atom_site.group_PDB 
_atom_site.id 
_atom_site.type_symbol 
_atom_site.label_atom_id 
_atom_site.label_alt_id 
_atom_site.label_comp_id 
_atom_site.label_asym_id 
_atom_site.label_entity_id 
_atom_site.label_seq_id 
_atom_site.pdbx_PDB_ins_code 
_atom_site.Cartn_x 
_atom_site.Cartn_y 
_atom_site.Cartn_z 
_atom_site.occupancy 
_atom_site.B_iso_or_equiv 
_atom_site.pdbx_formal_charge 
_atom_site.auth_seq_id 
_atom_site.auth_comp_id 
_atom_site.auth_asym_id 
_atom_site.auth_atom_id 
_atom_site.pdbx_PDB_model_num 
ATOM   1    N N     . PRO A 1 2   ? -10.69453 4.76775   -17.12622 1.000 52.07000 ? 193 PRO A N     1 
ATOM   2    C CA    . PRO A 1 2   ? -9.81798  3.60398   -16.94547 1.000 45.07000 ? 193 PRO A CA    1 
ATOM   3    C C     . PRO A 1 2   ? -8.40312  4.00576   -16.53392 1.000 45.60000 ? 193 PRO A C     1 
ATOM   4    O O     . PRO A 1 2   ? -7.43488  3.63771   -17.20434 1.000 47.86000 ? 193 PRO A O     1 
ATOM   5    C CB    . PRO A 1 2   ? -9.82241  2.94820   -18.32537 1.000 45.63000 ? 193 PRO A CB    1 
ATOM   6    C CG    . PRO A 1 2   ? -10.00787 4.09555   -19.26876 1.000 54.70000 ? 193 PRO A CG    1 
ATOM   7    C CD    . PRO A 1 2   ? -10.86369 5.12047   -18.54821 1.000 54.78000 ? 193 PRO A CD    1 
ATOM   8    N N     . CYS A 1 3   ? -8.31360  4.76228   -15.43743 1.000 42.10000 ? 194 CYS A N     1 
ATOM   9    C CA    . CYS A 1 3   ? -7.04799  5.21384   -14.86910 1.000 38.01000 ? 194 CYS A CA    1 
ATOM   10   C C     . CYS A 1 3   ? -6.01605  4.09219   -14.82184 1.000 33.97000 ? 194 CYS A C     1 
ATOM   11   O O     . CYS A 1 3   ? -6.33372  2.95296   -14.47836 1.000 38.38000 ? 194 CYS A O     1 
ATOM   12   C CB    . CYS A 1 3   ? -7.30529  5.75315   -13.45845 1.000 31.36000 ? 194 CYS A CB    1 
ATOM   13   S SG    . CYS A 1 3   ? -5.90403  6.55849   -12.70008 1.000 39.39000 ? 194 CYS A SG    1 
ATOM   14   N N     . ASP A 1 4   ? -4.76730  4.41677   -15.16116 1.000 34.60000 ? 195 ASP A N     1 
ATOM   15   C CA    . ASP A 1 4   ? -3.71785  3.40393   -15.21833 1.000 29.00000 ? 195 ASP A CA    1 
ATOM   16   C C     . ASP A 1 4   ? -2.59711  3.66719   -14.21088 1.000 30.80000 ? 195 ASP A C     1 
ATOM   17   O O     . ASP A 1 4   ? -1.46038  3.22361   -14.40628 1.000 27.39000 ? 195 ASP A O     1 
ATOM   18   C CB    . ASP A 1 4   ? -3.15161  3.28306   -16.63385 1.000 38.35000 ? 195 ASP A CB    1 
ATOM   19   C CG    . ASP A 1 4   ? -2.62344  4.59628   -17.17746 1.000 43.77000 ? 195 ASP A CG    1 
ATOM   20   O OD1   . ASP A 1 4   ? -2.31549  5.50856   -16.37576 1.000 38.33000 ? 195 ASP A OD1   1 
ATOM   21   O OD2   . ASP A 1 4   ? -2.51563  4.71513   -18.41989 1.000 47.41000 ? 195 ASP A OD2   1 
ATOM   22   N N     . LEU A 1 5   ? -2.89416  4.40429   -13.14484 1.000 25.14000 ? 196 LEU A N     1 
ATOM   23   C CA    . LEU A 1 5   ? -1.92666  4.57950   -12.06010 1.000 21.05000 ? 196 LEU A CA    1 
ATOM   24   C C     . LEU A 1 5   ? -2.02583  3.38016   -11.12698 1.000 20.08000 ? 196 LEU A C     1 
ATOM   25   O O     . LEU A 1 5   ? -3.13315  3.04843   -10.67383 1.000 19.40000 ? 196 LEU A O     1 
ATOM   26   C CB    . LEU A 1 5   ? -2.18995  5.87556   -11.30561 1.000 22.26000 ? 196 LEU A CB    1 
ATOM   27   C CG    . LEU A 1 5   ? -1.30777  6.18467   -10.09377 1.000 20.70000 ? 196 LEU A CG    1 
ATOM   28   C CD1   . LEU A 1 5   ? 0.12779   6.47143   -10.51253 1.000 25.98000 ? 196 LEU A CD1   1 
ATOM   29   C CD2   . LEU A 1 5   ? -1.86876  7.36048   -9.32611  1.000 22.25000 ? 196 LEU A CD2   1 
ATOM   30   N N     . PRO A 1 6   ? -0.93483  2.67824   -10.85403 1.000 15.72000 ? 197 PRO A N     1 
ATOM   31   C CA    . PRO A 1 6   ? -1.02036  1.51040   -9.97911  1.000 13.92000 ? 197 PRO A CA    1 
ATOM   32   C C     . PRO A 1 6   ? -0.97995  1.89591   -8.50898  1.000 14.63000 ? 197 PRO A C     1 
ATOM   33   O O     . PRO A 1 6   ? -0.58168  3.00048   -8.12355  1.000 12.68000 ? 197 PRO A O     1 
ATOM   34   C CB    . PRO A 1 6   ? 0.22905   0.71745   -10.34903 1.000 13.60000 ? 197 PRO A CB    1 
ATOM   35   C CG    . PRO A 1 6   ? 1.22974   1.80240   -10.64413 1.000 19.37000 ? 197 PRO A CG    1 
ATOM   36   C CD    . PRO A 1 6   ? 0.44853   2.93198   -11.28600 1.000 17.34000 ? 197 PRO A CD    1 
ATOM   37   N N     . LEU A 1 7   ? -1.36292  0.93138   -7.68603  1.000 10.93000 ? 198 LEU A N     1 
ATOM   38   C CA    . LEU A 1 7   ? -1.07072  0.99092   -6.26231  1.000 10.17000 ? 198 LEU A CA    1 
ATOM   39   C C     . LEU A 1 7   ? 0.32494   0.43511   -6.02060  1.000 10.20000 ? 198 LEU A C     1 
ATOM   40   O O     . LEU A 1 7   ? 0.66609   -0.63601  -6.52573  1.000 11.46000 ? 198 LEU A O     1 
ATOM   41   C CB    . LEU A 1 7   ? -2.10605  0.18171   -5.47978  1.000 8.36000  ? 198 LEU A CB    1 
ATOM   42   C CG    . LEU A 1 7   ? -1.78439  -0.15129  -4.02402  1.000 11.17000 ? 198 LEU A CG    1 
ATOM   43   C CD1   . LEU A 1 7   ? -1.73631  1.11029   -3.17521  1.000 10.50000 ? 198 LEU A CD1   1 
ATOM   44   C CD2   . LEU A 1 7   ? -2.85503  -1.08603  -3.48000  1.000 9.95000  ? 198 LEU A CD2   1 
ATOM   45   N N     . ARG A 1 8   ? 1.13107   1.14608   -5.23818  1.000 9.10000  ? 199 ARG A N     1 
ATOM   46   C CA    . ARG A 1 8   ? 2.46617   0.68451   -4.89167  1.000 9.65000  ? 199 ARG A CA    1 
ATOM   47   C C     . ARG A 1 8   ? 2.55288   0.51706   -3.37784  1.000 12.17000 ? 199 ARG A C     1 
ATOM   48   O O     . ARG A 1 8   ? 2.24272   1.45531   -2.63174  1.000 9.61000  ? 199 ARG A O     1 
ATOM   49   C CB    . ARG A 1 8   ? 3.52512   1.66867   -5.40403  1.000 14.39000 ? 199 ARG A CB    1 
ATOM   50   C CG    . ARG A 1 8   ? 3.70681   1.58185   -6.93666  1.000 16.80000 ? 199 ARG A CG    1 
ATOM   51   C CD    . ARG A 1 8   ? 4.72364   2.55840   -7.49202  1.000 23.20000 ? 199 ARG A CD    1 
ATOM   52   N NE    . ARG A 1 8   ? 5.94606   2.62280   -6.69694  0.700 18.49000 ? 199 ARG A NE    1 
ATOM   53   C CZ    . ARG A 1 8   ? 6.87174   1.67177   -6.62875  0.750 21.29000 ? 199 ARG A CZ    1 
ATOM   54   N NH1   . ARG A 1 8   ? 6.74063   0.54088   -7.30837  0.750 24.53000 ? 199 ARG A NH1   1 
ATOM   55   N NH2   . ARG A 1 8   ? 7.93947   1.85921   -5.86487  0.860 20.21000 ? 199 ARG A NH2   1 
ATOM   56   N N     . LEU A 1 9   ? 2.95536   -0.67162  -2.93095  1.000 10.42000 ? 200 LEU A N     1 
ATOM   57   C CA    . LEU A 1 9   ? 3.09500   -0.99340  -1.51623  1.000 11.94000 ? 200 LEU A CA    1 
ATOM   58   C C     . LEU A 1 9   ? 4.55508   -1.19580  -1.16978  1.000 12.13000 ? 200 LEU A C     1 
ATOM   59   O O     . LEU A 1 9   ? 5.36454   -1.54370  -2.02409  1.000 12.13000 ? 200 LEU A O     1 
ATOM   60   C CB    . LEU A 1 9   ? 2.33763   -2.27336  -1.13729  1.000 11.74000 ? 200 LEU A CB    1 
ATOM   61   C CG    . LEU A 1 9   ? 0.85980   -2.34647  -1.46908  1.000 13.05000 ? 200 LEU A CG    1 
ATOM   62   C CD1   . LEU A 1 9   ? 0.27221   -3.68576  -1.04962  1.000 7.42000  ? 200 LEU A CD1   1 
ATOM   63   C CD2   . LEU A 1 9   ? 0.13207   -1.19965  -0.79538  1.000 11.80000 ? 200 LEU A CD2   1 
ATOM   64   N N     . LEU A 1 10  ? 4.86367   -1.00889  0.11622   1.000 14.52000 ? 201 LEU A N     1 
ATOM   65   C CA    . LEU A 1 10  ? 6.14225   -1.37276  0.71672   1.000 11.87000 ? 201 LEU A CA    1 
ATOM   66   C C     . LEU A 1 10  ? 5.87121   -2.41802  1.79175   1.000 12.44000 ? 201 LEU A C     1 
ATOM   67   O O     . LEU A 1 10  ? 5.17701   -2.12279  2.77035   1.000 10.87000 ? 201 LEU A O     1 
ATOM   68   C CB    . LEU A 1 10  ? 6.81389   -0.15154  1.35283   1.000 17.12000 ? 201 LEU A CB    1 
ATOM   69   C CG    . LEU A 1 10  ? 7.91524   0.65236   0.67169   1.000 25.63000 ? 201 LEU A CG    1 
ATOM   70   C CD1   . LEU A 1 10  ? 8.52674   1.61845   1.67668   1.000 18.70000 ? 201 LEU A CD1   1 
ATOM   71   C CD2   . LEU A 1 10  ? 8.96763   -0.26209  0.11601   1.000 16.04000 ? 201 LEU A CD2   1 
ATOM   72   N N     . VAL A 1 11  ? 6.41020   -3.62248  1.62858   1.000 10.70000 ? 202 VAL A N     1 
ATOM   73   C CA    . VAL A 1 11  ? 6.15160   -4.67004  2.62152   1.000 12.02000 ? 202 VAL A CA    1 
ATOM   74   C C     . VAL A 1 11  ? 7.49125   -5.18530  3.13821   1.000 14.76000 ? 202 VAL A C     1 
ATOM   75   O O     . VAL A 1 11  ? 8.51799   -5.06978  2.45873   1.000 11.87000 ? 202 VAL A O     1 
ATOM   76   C CB    . VAL A 1 11  ? 5.31418   -5.83576  2.04315   1.000 10.95000 ? 202 VAL A CB    1 
ATOM   77   C CG1   . VAL A 1 11  ? 3.98227   -5.34484  1.42496   1.000 13.32000 ? 202 VAL A CG1   1 
ATOM   78   C CG2   . VAL A 1 11  ? 6.14821   -6.67754  1.06680   1.000 11.84000 ? 202 VAL A CG2   1 
ATOM   79   N N     . PRO A 1 12  ? 7.49424   -5.77546  4.33299   1.000 16.54000 ? 203 PRO A N     1 
ATOM   80   C CA    . PRO A 1 12  ? 8.74848   -6.32688  4.86863   1.000 16.56000 ? 203 PRO A CA    1 
ATOM   81   C C     . PRO A 1 12  ? 9.24340   -7.49093  4.02137   1.000 13.20000 ? 203 PRO A C     1 
ATOM   82   O O     . PRO A 1 12  ? 8.46942   -8.33854  3.57119   1.000 16.41000 ? 203 PRO A O     1 
ATOM   83   C CB    . PRO A 1 12  ? 8.36017   -6.77723  6.28136   1.000 16.99000 ? 203 PRO A CB    1 
ATOM   84   C CG    . PRO A 1 12  ? 7.15309   -5.94682  6.60863   1.000 15.70000 ? 203 PRO A CG    1 
ATOM   85   C CD    . PRO A 1 12  ? 6.41055   -5.81558  5.32894   1.000 12.25000 ? 203 PRO A CD    1 
ATOM   86   N N     . THR A 1 13  ? 10.55067  -7.48726  3.77424   1.000 14.30000 ? 204 THR A N     1 
ATOM   87   C CA    . THR A 1 13  ? 11.17019  -8.50642  2.93787   1.000 15.48000 ? 204 THR A CA    1 
ATOM   88   C C     . THR A 1 13  ? 10.82748  -9.90219  3.42516   1.000 13.44000 ? 204 THR A C     1 
ATOM   89   O O     . THR A 1 13  ? 10.61533  -10.81482 2.61934   1.000 11.59000 ? 204 THR A O     1 
ATOM   90   C CB    . THR A 1 13  ? 12.68029  -8.27679  2.91930   1.000 16.92000 ? 204 THR A CB    1 
ATOM   91   O OG1   . THR A 1 13  ? 12.94054  -7.02963  2.26678   1.000 19.35000 ? 204 THR A OG1   1 
ATOM   92   C CG2   . THR A 1 13  ? 13.41988  -9.39656  2.19494   1.000 18.37000 ? 204 THR A CG2   1 
ATOM   93   N N     . GLN A 1 14  ? 10.72602  -10.08293 4.74279   1.000 15.02000 ? 205 GLN A N     1 
ATOM   94   C CA    . GLN A 1 14  ? 10.53229  -11.42689 5.26391   1.000 18.28000 ? 205 GLN A CA    1 
ATOM   95   C C     . GLN A 1 14  ? 9.14010   -11.98826 4.99618   1.000 15.25000 ? 205 GLN A C     1 
ATOM   96   O O     . GLN A 1 14  ? 8.92800   -13.18054 5.21517   1.000 16.72000 ? 205 GLN A O     1 
ATOM   97   C CB    . GLN A 1 14  ? 10.81818  -11.45459 6.76451   1.000 20.02000 ? 205 GLN A CB    1 
ATOM   98   C CG    . GLN A 1 14  ? 9.79259   -10.75702 7.61662   1.000 23.61000 ? 205 GLN A CG    1 
ATOM   99   C CD    . GLN A 1 14  ? 10.25989  -10.62287 9.05244   1.000 37.36000 ? 205 GLN A CD    1 
ATOM   100  O OE1   . GLN A 1 14  ? 10.58176  -11.62043 9.70310   1.000 40.72000 ? 205 GLN A OE1   1 
ATOM   101  N NE2   . GLN A 1 14  ? 10.32628  -9.38469  9.54806   1.000 34.20000 ? 205 GLN A NE2   1 
ATOM   102  N N     . PHE A 1 15  ? 8.19630   -11.18951 4.51252   1.000 15.32000 ? 206 PHE A N     1 
ATOM   103  C CA    . PHE A 1 15  ? 6.85125   -11.68700 4.25540   1.000 17.02000 ? 206 PHE A CA    1 
ATOM   104  C C     . PHE A 1 15  ? 6.58819   -11.95008 2.78377   1.000 14.35000 ? 206 PHE A C     1 
ATOM   105  O O     . PHE A 1 15  ? 5.49874   -12.40796 2.43540   1.000 13.49000 ? 206 PHE A O     1 
ATOM   106  C CB    . PHE A 1 15  ? 5.81958   -10.70738 4.82099   1.000 17.60000 ? 206 PHE A CB    1 
ATOM   107  C CG    . PHE A 1 15  ? 5.92293   -10.55764 6.29575   1.000 22.35000 ? 206 PHE A CG    1 
ATOM   108  C CD1   . PHE A 1 15  ? 5.93931   -11.68254 7.10503   1.000 23.17000 ? 206 PHE A CD1   1 
ATOM   109  C CD2   . PHE A 1 15  ? 6.05933   -9.31509  6.88192   1.000 29.17000 ? 206 PHE A CD2   1 
ATOM   110  C CE1   . PHE A 1 15  ? 6.06185   -11.57132 8.47370   1.000 23.56000 ? 206 PHE A CE1   1 
ATOM   111  C CE2   . PHE A 1 15  ? 6.18941   -9.20000  8.25570   1.000 26.77000 ? 206 PHE A CE2   1 
ATOM   112  C CZ    . PHE A 1 15  ? 6.18561   -10.32524 9.04945   1.000 24.28000 ? 206 PHE A CZ    1 
ATOM   113  N N     . VAL A 1 16  ? 7.57432   -11.70861 1.92106   1.000 12.20000 ? 207 VAL A N     1 
ATOM   114  C CA    . VAL A 1 16  ? 7.35920   -11.83955 0.48561   1.000 13.53000 ? 207 VAL A CA    1 
ATOM   115  C C     . VAL A 1 16  ? 7.20009   -13.30233 0.08741   1.000 13.23000 ? 207 VAL A C     1 
ATOM   116  O O     . VAL A 1 16  ? 6.39415   -13.63388 -0.79875  1.000 11.90000 ? 207 VAL A O     1 
ATOM   117  C CB    . VAL A 1 16  ? 8.50722   -11.14877 -0.27395  1.000 13.69000 ? 207 VAL A CB    1 
ATOM   118  C CG1   . VAL A 1 16  ? 8.51448   -11.55710 -1.74312  1.000 18.19000 ? 207 VAL A CG1   1 
ATOM   119  C CG2   . VAL A 1 16  ? 8.37105   -9.62347  -0.13779  1.000 13.90000 ? 207 VAL A CG2   1 
ATOM   120  N N     . GLY A 1 17  ? 7.96290   -14.20101 0.71956   1.000 15.09000 ? 208 GLY A N     1 
ATOM   121  C CA    . GLY A 1 17  ? 7.82096   -15.61661 0.40405   1.000 16.13000 ? 208 GLY A CA    1 
ATOM   122  C C     . GLY A 1 17  ? 6.39709   -16.11245 0.60070   1.000 18.20000 ? 208 GLY A C     1 
ATOM   123  O O     . GLY A 1 17  ? 5.89675   -16.92765 -0.18064  1.000 19.85000 ? 208 GLY A O     1 
ATOM   124  N N     . ALA A 1 18  ? 5.71687   -15.60962 1.63233   1.000 15.39000 ? 209 ALA A N     1 
ATOM   125  C CA    . ALA A 1 18  ? 4.33402   -15.99957 1.88567   1.000 15.21000 ? 209 ALA A CA    1 
ATOM   126  C C     . ALA A 1 18  ? 3.37584   -15.34753 0.90173   1.000 13.63000 ? 209 ALA A C     1 
ATOM   127  O O     . ALA A 1 18  ? 2.34647   -15.94086 0.54968   1.000 15.03000 ? 209 ALA A O     1 
ATOM   128  C CB    . ALA A 1 18  ? 3.93965   -15.63015 3.31489   1.000 16.28000 ? 209 ALA A CB    1 
ATOM   129  N N     . ILE A 1 19  ? 3.68095   -14.11912 0.47488   1.000 11.06000 ? 210 ILE A N     1 
ATOM   130  C CA    . ILE A 1 19  ? 2.83842   -13.43625 -0.50444  1.000 10.52000 ? 210 ILE A CA    1 
ATOM   131  C C     . ILE A 1 19  ? 2.88180   -14.17581 -1.83610  1.000 12.13000 ? 210 ILE A C     1 
ATOM   132  O O     . ILE A 1 19  ? 1.84826   -14.37086 -2.49154  1.000 14.02000 ? 210 ILE A O     1 
ATOM   133  C CB    . ILE A 1 19  ? 3.27803   -11.96276 -0.64029  1.000 7.69000  ? 210 ILE A CB    1 
ATOM   134  C CG1   . ILE A 1 19  ? 2.99727   -11.20176 0.66558   1.000 11.02000 ? 210 ILE A CG1   1 
ATOM   135  C CG2   . ILE A 1 19  ? 2.52908   -11.27798 -1.75375  1.000 10.40000 ? 210 ILE A CG2   1 
ATOM   136  C CD1   . ILE A 1 19  ? 3.57821   -9.77573  0.70135   1.000 11.41000 ? 210 ILE A CD1   1 
ATOM   137  N N     . ILE A 1 20  ? 4.06675   -14.65291 -2.23109  1.000 12.09000 ? 211 ILE A N     1 
ATOM   138  C CA    . ILE A 1 20  ? 4.19021   -15.30411 -3.53103  1.000 13.40000 ? 211 ILE A CA    1 
ATOM   139  C C     . ILE A 1 20  ? 3.74557   -16.75878 -3.44618  1.000 15.73000 ? 211 ILE A C     1 
ATOM   140  O O     . ILE A 1 20  ? 3.01190   -17.24721 -4.31452  1.000 13.91000 ? 211 ILE A O     1 
ATOM   141  C CB    . ILE A 1 20  ? 5.62730   -15.18239 -4.06043  1.000 15.67000 ? 211 ILE A CB    1 
ATOM   142  C CG1   . ILE A 1 20  ? 5.98573   -13.71479 -4.30891  1.000 12.76000 ? 211 ILE A CG1   1 
ATOM   143  C CG2   . ILE A 1 20  ? 5.78764   -15.98809 -5.34049  1.000 16.31000 ? 211 ILE A CG2   1 
ATOM   144  C CD1   . ILE A 1 20  ? 7.44053   -13.50581 -4.70541  1.000 17.16000 ? 211 ILE A CD1   1 
ATOM   145  N N     . GLY A 1 21  ? 4.17179   -17.46927 -2.40269  1.000 18.85000 ? 212 GLY A N     1 
ATOM   146  C CA    . GLY A 1 21  ? 3.79592   -18.86523 -2.24957  1.000 20.24000 ? 212 GLY A CA    1 
ATOM   147  C C     . GLY A 1 21  ? 4.70251   -19.79270 -3.03423  1.000 21.42000 ? 212 GLY A C     1 
ATOM   148  O O     . GLY A 1 21  ? 5.26319   -19.39288 -4.06009  1.000 21.03000 ? 212 GLY A O     1 
ATOM   149  N N     . LYS A 1 22  ? 4.86480   -21.02965 -2.55530  1.000 25.72000 ? 213 LYS A N     1 
ATOM   150  C CA    . LYS A 1 22  ? 5.69929   -21.99795 -3.25652  1.000 25.49000 ? 213 LYS A CA    1 
ATOM   151  C C     . LYS A 1 22  ? 5.23011   -22.13887 -4.69678  1.000 22.71000 ? 213 LYS A C     1 
ATOM   152  O O     . LYS A 1 22  ? 4.02716   -22.22125 -4.96931  1.000 24.48000 ? 213 LYS A O     1 
ATOM   153  C CB    . LYS A 1 22  ? 5.67315   -23.34800 -2.53269  1.000 25.93000 ? 213 LYS A CB    1 
ATOM   154  C CG    . LYS A 1 22  ? 6.54082   -23.34756 -1.27042  1.000 34.55000 ? 213 LYS A CG    1 
ATOM   155  C CD    . LYS A 1 22  ? 7.01096   -24.73345 -0.85387  1.000 41.79000 ? 213 LYS A CD    1 
ATOM   156  C CE    . LYS A 1 22  ? 5.85577   -25.71415 -0.76041  1.000 42.98000 ? 213 LYS A CE    1 
ATOM   157  N NZ    . LYS A 1 22  ? 6.32174   -27.04854 -0.28379  1.000 43.97000 ? 213 LYS A NZ    1 
ATOM   158  N N     . GLU A 1 23  ? 6.18558   -22.08606 -5.61907  1.000 23.29000 ? 214 GLU A N     1 
ATOM   159  C CA    . GLU A 1 23  ? 5.94259   -22.14968 -7.05691  1.000 25.98000 ? 214 GLU A CA    1 
ATOM   160  C C     . GLU A 1 23  ? 5.05813   -21.00732 -7.56992  1.000 27.49000 ? 214 GLU A C     1 
ATOM   161  O O     . GLU A 1 23  ? 4.53539   -21.08050 -8.68841  1.000 24.14000 ? 214 GLU A O     1 
ATOM   162  C CB    . GLU A 1 23  ? 5.34769   -23.50588 -7.44675  1.000 32.45000 ? 214 GLU A CB    1 
ATOM   163  C CG    . GLU A 1 23  ? 6.33530   -24.65099 -7.31307  1.000 38.08000 ? 214 GLU A CG    1 
ATOM   164  C CD    . GLU A 1 23  ? 5.71145   -25.97543 -7.67195  1.000 48.93000 ? 214 GLU A CD    1 
ATOM   165  O OE1   . GLU A 1 23  ? 4.94058   -26.50560 -6.84229  1.000 52.91000 ? 214 GLU A OE1   1 
ATOM   166  O OE2   . GLU A 1 23  ? 5.97624   -26.47511 -8.78950  1.000 54.75000 ? 214 GLU A OE2   1 
ATOM   167  N N     . GLY A 1 24  ? 4.90121   -19.92992 -6.79685  1.000 25.09000 ? 215 GLY A N     1 
ATOM   168  C CA    . GLY A 1 24  ? 4.06132   -18.81770 -7.20907  1.000 21.96000 ? 215 GLY A CA    1 
ATOM   169  C C     . GLY A 1 24  ? 2.57855   -19.01514 -6.99826  1.000 21.33000 ? 215 GLY A C     1 
ATOM   170  O O     . GLY A 1 24  ? 1.78750   -18.17458 -7.44568  1.000 21.47000 ? 215 GLY A O     1 
ATOM   171  N N     . ALA A 1 25  ? 2.17779   -20.07220 -6.28591  1.000 23.10000 ? 216 ALA A N     1 
ATOM   172  C CA    . ALA A 1 25  ? 0.77094   -20.47511 -6.24977  1.000 22.93000 ? 216 ALA A CA    1 
ATOM   173  C C     . ALA A 1 25  ? -0.10749  -19.43646 -5.56141  1.000 19.47000 ? 216 ALA A C     1 
ATOM   174  O O     . ALA A 1 25  ? -1.25541  -19.22051 -5.97147  1.000 20.08000 ? 216 ALA A O     1 
ATOM   175  C CB    . ALA A 1 25  ? 0.63405   -21.82771 -5.55193  1.000 22.56000 ? 216 ALA A CB    1 
ATOM   176  N N     . THR A 1 26  ? 0.39942   -18.79345 -4.50816  1.000 15.95000 ? 217 THR A N     1 
ATOM   177  C CA    . THR A 1 26  ? -0.41740  -17.83351 -3.76798  1.000 20.57000 ? 217 THR A CA    1 
ATOM   178  C C     . THR A 1 26  ? -0.65259  -16.56458 -4.57891  1.000 17.22000 ? 217 THR A C     1 
ATOM   179  O O     . THR A 1 26  ? -1.79664  -16.11726 -4.73100  1.000 17.38000 ? 217 THR A O     1 
ATOM   180  C CB    . THR A 1 26  ? 0.23491   -17.49117 -2.43181  1.000 17.34000 ? 217 THR A CB    1 
ATOM   181  O OG1   . THR A 1 26  ? 0.34593   -18.67991 -1.63361  1.000 21.77000 ? 217 THR A OG1   1 
ATOM   182  C CG2   . THR A 1 26  ? -0.60482  -16.45364 -1.69898  1.000 16.60000 ? 217 THR A CG2   1 
ATOM   183  N N     . ILE A 1 27  ? 0.41471   -15.97498 -5.12102  1.000 15.50000 ? 218 ILE A N     1 
ATOM   184  C CA    . ILE A 1 27  ? 0.23310   -14.75932 -5.90886  1.000 14.62000 ? 218 ILE A CA    1 
ATOM   185  C C     . ILE A 1 27  ? -0.47195  -15.06227 -7.21995  1.000 19.55000 ? 218 ILE A C     1 
ATOM   186  O O     . ILE A 1 27  ? -1.19892  -14.21079 -7.73959  1.000 13.62000 ? 218 ILE A O     1 
ATOM   187  C CB    . ILE A 1 27  ? 1.57601   -14.04128 -6.14410  1.000 17.55000 ? 218 ILE A CB    1 
ATOM   188  C CG1   . ILE A 1 27  ? 1.33227   -12.63233 -6.69076  1.000 13.37000 ? 218 ILE A CG1   1 
ATOM   189  C CG2   . ILE A 1 27  ? 2.47121   -14.84124 -7.08723  1.000 17.97000 ? 218 ILE A CG2   1 
ATOM   190  C CD1   . ILE A 1 27  ? 2.58899   -11.73299 -6.67371  1.000 14.49000 ? 218 ILE A CD1   1 
ATOM   191  N N     . ARG A 1 28  ? -0.28049  -16.26217 -7.78430  1.000 17.04000 ? 219 ARG A N     1 
ATOM   192  C CA    . ARG A 1 28  ? -1.01262  -16.60730 -9.00321  1.000 18.51000 ? 219 ARG A CA    1 
ATOM   193  C C     . ARG A 1 28  ? -2.51471  -16.61645 -8.74428  1.000 15.96000 ? 219 ARG A C     1 
ATOM   194  O O     . ARG A 1 28  ? -3.30066  -16.09625 -9.54924  1.000 18.72000 ? 219 ARG A O     1 
ATOM   195  C CB    . ARG A 1 28  ? -0.55118  -17.96375 -9.54588  1.000 22.16000 ? 219 ARG A CB    1 
ATOM   196  C CG    . ARG A 1 28  ? -1.01028  -18.25480 -10.97264 1.000 28.22000 ? 219 ARG A CG    1 
ATOM   197  C CD    . ARG A 1 28  ? -0.55593  -19.63740 -11.43600 1.000 32.43000 ? 219 ARG A CD    1 
ATOM   198  N NE    . ARG A 1 28  ? 0.84063   -19.61376 -11.87172 1.000 44.43000 ? 219 ARG A NE    1 
ATOM   199  C CZ    . ARG A 1 28  ? 1.86954   -20.06019 -11.15251 1.000 39.45000 ? 219 ARG A CZ    1 
ATOM   200  N NH1   . ARG A 1 28  ? 1.67096   -20.59352 -9.94736  1.000 35.93000 ? 219 ARG A NH1   1 
ATOM   201  N NH2   . ARG A 1 28  ? 3.10023   -19.97850 -11.64764 1.000 35.23000 ? 219 ARG A NH2   1 
ATOM   202  N N     . ASN A 1 29  ? -2.93010  -17.18513 -7.61367  1.000 14.80000 ? 220 ASN A N     1 
ATOM   203  C CA    . ASN A 1 29  ? -4.33952  -17.15765 -7.25944  1.000 16.73000 ? 220 ASN A CA    1 
ATOM   204  C C     . ASN A 1 29  ? -4.83752  -15.73455 -7.04626  1.000 18.54000 ? 220 ASN A C     1 
ATOM   205  O O     . ASN A 1 29  ? -5.95478  -15.39254 -7.45904  1.000 16.55000 ? 220 ASN A O     1 
ATOM   206  C CB    . ASN A 1 29  ? -4.58715  -17.98640 -6.00949  1.000 21.49000 ? 220 ASN A CB    1 
ATOM   207  C CG    . ASN A 1 29  ? -6.05904  -18.11183 -5.68855  1.000 25.75000 ? 220 ASN A CG    1 
ATOM   208  O OD1   . ASN A 1 29  ? -6.47781  -17.86938 -4.56073  1.000 35.77000 ? 220 ASN A OD1   1 
ATOM   209  N ND2   . ASN A 1 29  ? -6.85321  -18.50699 -6.68039  1.000 23.21000 ? 220 ASN A ND2   1 
ATOM   210  N N     . ILE A 1 30  ? -4.04778  -14.89429 -6.36896  1.000 15.33000 ? 221 ILE A N     1 
ATOM   211  C CA    . ILE A 1 30  ? -4.48400  -13.51584 -6.14211  1.000 15.81000 ? 221 ILE A CA    1 
ATOM   212  C C     . ILE A 1 30  ? -4.72633  -12.80186 -7.46755  1.000 13.88000 ? 221 ILE A C     1 
ATOM   213  O O     . ILE A 1 30  ? -5.76594  -12.16284 -7.66271  1.000 14.65000 ? 221 ILE A O     1 
ATOM   214  C CB    . ILE A 1 30  ? -3.45824  -12.74810 -5.29359  1.000 16.72000 ? 221 ILE A CB    1 
ATOM   215  C CG1   . ILE A 1 30  ? -3.46381  -13.25274 -3.85078  1.000 15.40000 ? 221 ILE A CG1   1 
ATOM   216  C CG2   . ILE A 1 30  ? -3.78700  -11.25510 -5.33940  1.000 14.12000 ? 221 ILE A CG2   1 
ATOM   217  C CD1   . ILE A 1 30  ? -2.36316  -12.66750 -3.03600  1.000 16.63000 ? 221 ILE A CD1   1 
ATOM   218  N N     . THR A 1 31  ? -3.75155  -12.86577 -8.38572  1.000 14.12000 ? 222 THR A N     1 
ATOM   219  C CA    . THR A 1 31  ? -3.88762  -12.12257 -9.63714  1.000 13.19000 ? 222 THR A CA    1 
ATOM   220  C C     . THR A 1 31  ? -5.01932  -12.68338 -10.49463 1.000 16.15000 ? 222 THR A C     1 
ATOM   221  O O     . THR A 1 31  ? -5.66588  -11.93210 -11.23708 1.000 12.91000 ? 222 THR A O     1 
ATOM   222  C CB    . THR A 1 31  ? -2.56818  -12.11610 -10.42634 1.000 17.41000 ? 222 THR A CB    1 
ATOM   223  O OG1   . THR A 1 31  ? -2.12559  -13.44965 -10.66019 1.000 17.70000 ? 222 THR A OG1   1 
ATOM   224  C CG2   . THR A 1 31  ? -1.45400  -11.32941 -9.68459  1.000 12.30000 ? 222 THR A CG2   1 
ATOM   225  N N     . LYS A 1 32  ? -5.30114  -13.98026 -10.38599 1.000 15.67000 ? 223 LYS A N     1 
ATOM   226  C CA    . LYS A 1 32  ? -6.47066  -14.52005 -11.07635 1.000 18.90000 ? 223 LYS A CA    1 
ATOM   227  C C     . LYS A 1 32  ? -7.76432  -14.00535 -10.45178 1.000 14.58000 ? 223 LYS A C     1 
ATOM   228  O O     . LYS A 1 32  ? -8.63839  -13.48210 -11.15123 1.000 14.81000 ? 223 LYS A O     1 
ATOM   229  C CB    . LYS A 1 32  ? -6.44502  -16.04512 -11.05462 1.000 15.60000 ? 223 LYS A CB    1 
ATOM   230  C CG    . LYS A 1 32  ? -7.68212  -16.65356 -11.69859 1.000 18.79000 ? 223 LYS A CG    1 
ATOM   231  C CD    . LYS A 1 32  ? -7.68214  -18.16553 -11.59733 1.000 25.70000 ? 223 LYS A CD    1 
ATOM   232  C CE    . LYS A 1 32  ? -9.06239  -18.73097 -11.93296 1.000 28.91000 ? 223 LYS A CE    1 
ATOM   233  N NZ    . LYS A 1 32  ? -9.05270  -20.22254 -11.91326 1.000 30.97000 ? 223 LYS A NZ    1 
ATOM   234  N N     . GLN A 1 33  ? -7.89744  -14.14943 -9.13007  1.000 14.59000 ? 224 GLN A N     1 
ATOM   235  C CA    . GLN A 1 33  ? -9.13946  -13.80176 -8.44610  1.000 15.18000 ? 224 GLN A CA    1 
ATOM   236  C C     . GLN A 1 33  ? -9.45197  -12.30909 -8.52693  1.000 14.17000 ? 224 GLN A C     1 
ATOM   237  O O     . GLN A 1 33  ? -10.61727 -11.92081 -8.67008  1.000 15.58000 ? 224 GLN A O     1 
ATOM   238  C CB    . GLN A 1 33  ? -9.06928  -14.25494 -6.98849  1.000 18.25000 ? 224 GLN A CB    1 
ATOM   239  C CG    . GLN A 1 33  ? -9.04624  -15.76214 -6.82709  1.000 23.91000 ? 224 GLN A CG    1 
ATOM   240  C CD    . GLN A 1 33  ? -10.19351 -16.42728 -7.55375  1.000 22.43000 ? 224 GLN A CD    1 
ATOM   241  O OE1   . GLN A 1 33  ? -9.98544  -17.25009 -8.43649  0.690 25.38000 ? 224 GLN A OE1   1 
ATOM   242  N NE2   . GLN A 1 33  ? -11.41505 -16.06465 -7.19086  0.810 25.68000 ? 224 GLN A NE2   1 
ATOM   243  N N     . THR A 1 34  ? -8.44035  -11.45098 -8.44678  1.000 13.39000 ? 225 THR A N     1 
ATOM   244  C CA    . THR A 1 34  ? -8.67000  -10.01451 -8.43210  1.000 14.06000 ? 225 THR A CA    1 
ATOM   245  C C     . THR A 1 34  ? -8.46758  -9.36254  -9.78995  1.000 15.83000 ? 225 THR A C     1 
ATOM   246  O O     . THR A 1 34  ? -8.63363  -8.13896  -9.90426  1.000 17.18000 ? 225 THR A O     1 
ATOM   247  C CB    . THR A 1 34  ? -7.75863  -9.34237  -7.39832  1.000 13.56000 ? 225 THR A CB    1 
ATOM   248  O OG1   . THR A 1 34  ? -6.39008  -9.57775  -7.75066  1.000 14.36000 ? 225 THR A OG1   1 
ATOM   249  C CG2   . THR A 1 34  ? -8.02231  -9.92846  -6.01662  1.000 14.91000 ? 225 THR A CG2   1 
ATOM   250  N N     . GLN A 1 35  ? -8.14045  -10.14507 -10.81847 1.000 13.15000 ? 226 GLN A N     1 
ATOM   251  C CA    . GLN A 1 35  ? -7.93303  -9.63551  -12.17430 1.000 12.75000 ? 226 GLN A CA    1 
ATOM   252  C C     . GLN A 1 35  ? -6.91985  -8.49149  -12.14991 1.000 14.37000 ? 226 GLN A C     1 
ATOM   253  O O     . GLN A 1 35  ? -7.17830  -7.37672  -12.61224 1.000 11.62000 ? 226 GLN A O     1 
ATOM   254  C CB    . GLN A 1 35  ? -9.26922  -9.21795  -12.80811 1.000 15.27000 ? 226 GLN A CB    1 
ATOM   255  C CG    . GLN A 1 35  ? -10.28694 -10.38070 -12.85838 1.000 19.04000 ? 226 GLN A CG    1 
ATOM   256  C CD    . GLN A 1 35  ? -11.62219 -10.01196 -13.51119 1.000 20.96000 ? 226 GLN A CD    1 
ATOM   257  O OE1   . GLN A 1 35  ? -12.01124 -8.84927  -13.55976 1.000 26.61000 ? 226 GLN A OE1   1 
ATOM   258  N NE2   . GLN A 1 35  ? -12.32215 -11.01823 -14.01675 1.000 23.07000 ? 226 GLN A NE2   1 
ATOM   259  N N     . SER A 1 36  ? -5.74545  -8.78656  -11.58002 1.000 12.16000 ? 227 SER A N     1 
ATOM   260  C CA    . SER A 1 36  ? -4.71555  -7.79294  -11.32199 1.000 13.97000 ? 227 SER A CA    1 
ATOM   261  C C     . SER A 1 36  ? -3.38216  -8.26543  -11.88320 1.000 13.18000 ? 227 SER A C     1 
ATOM   262  O O     . SER A 1 36  ? -3.13292  -9.47033  -12.01477 1.000 14.06000 ? 227 SER A O     1 
ATOM   263  C CB    . SER A 1 36  ? -4.55264  -7.51551  -9.80035  1.000 11.23000 ? 227 SER A CB    1 
ATOM   264  O OG    . SER A 1 36  ? -4.22132  -8.71443  -9.09556  1.000 14.34000 ? 227 SER A OG    1 
ATOM   265  N N     . LYS A 1 37  ? -2.53677  -7.29539  -12.23015 1.000 12.09000 ? 228 LYS A N     1 
ATOM   266  C CA    . LYS A 1 37  ? -1.12071  -7.52004  -12.49349 1.000 12.41000 ? 228 LYS A CA    1 
ATOM   267  C C     . LYS A 1 37  ? -0.34029  -7.08317  -11.26052 1.000 13.30000 ? 228 LYS A C     1 
ATOM   268  O O     . LYS A 1 37  ? -0.47663  -5.93532  -10.81079 1.000 11.45000 ? 228 LYS A O     1 
ATOM   269  C CB    . LYS A 1 37  ? -0.66286  -6.73779  -13.72608 1.000 14.99000 ? 228 LYS A CB    1 
ATOM   270  C CG    . LYS A 1 37  ? 0.81487   -6.92401  -14.05076 1.000 24.88000 ? 228 LYS A CG    1 
ATOM   271  C CD    . LYS A 1 37  ? 1.20264   -6.26549  -15.37540 1.000 27.30000 ? 228 LYS A CD    1 
ATOM   272  C CE    . LYS A 1 37  ? 2.62992   -6.62273  -15.78253 1.000 31.97000 ? 228 LYS A CE    1 
ATOM   273  N NZ    . LYS A 1 37  ? 3.62744   -5.64438  -15.27577 1.000 32.05000 ? 228 LYS A NZ    1 
ATOM   274  N N     . ILE A 1 38  ? 0.45868   -7.98774  -10.69854 1.000 10.84000 ? 229 ILE A N     1 
ATOM   275  C CA    . ILE A 1 38  ? 1.19480   -7.69078  -9.46998  1.000 12.36000 ? 229 ILE A CA    1 
ATOM   276  C C     . ILE A 1 38  ? 2.67264   -7.97834  -9.69333  1.000 15.75000 ? 229 ILE A C     1 
ATOM   277  O O     . ILE A 1 38  ? 3.05001   -9.09694  -10.06696 1.000 13.78000 ? 229 ILE A O     1 
ATOM   278  C CB    . ILE A 1 38  ? 0.66294   -8.48285  -8.26961  1.000 10.24000 ? 229 ILE A CB    1 
ATOM   279  C CG1   . ILE A 1 38  ? -0.81279  -8.13935  -8.02817  1.000 12.34000 ? 229 ILE A CG1   1 
ATOM   280  C CG2   . ILE A 1 38  ? 1.51053   -8.17868  -7.03333  1.000 10.37000 ? 229 ILE A CG2   1 
ATOM   281  C CD1   . ILE A 1 38  ? -1.46106  -8.91102  -6.90409  1.000 12.22000 ? 229 ILE A CD1   1 
ATOM   282  N N     . ASP A 1 39  ? 3.50818   -6.97552  -9.44546  1.000 15.82000 ? 230 ASP A N     1 
ATOM   283  C CA    . ASP A 1 39  ? 4.94573   -7.08533  -9.64085  1.000 13.69000 ? 230 ASP A CA    1 
ATOM   284  C C     . ASP A 1 39  ? 5.61192   -6.87967  -8.28606  1.000 13.79000 ? 230 ASP A C     1 
ATOM   285  O O     . ASP A 1 39  ? 5.50686   -5.79822  -7.69594  1.000 13.32000 ? 230 ASP A O     1 
ATOM   286  C CB    . ASP A 1 39  ? 5.41934   -6.07215  -10.67490 1.000 17.48000 ? 230 ASP A CB    1 
ATOM   287  C CG    . ASP A 1 39  ? 4.70312   -6.22862  -12.00878 1.000 27.09000 ? 230 ASP A CG    1 
ATOM   288  O OD1   . ASP A 1 39  ? 4.83089   -7.31206  -12.61855 1.000 28.93000 ? 230 ASP A OD1   1 
ATOM   289  O OD2   . ASP A 1 39  ? 4.00074   -5.28133  -12.43970 1.000 32.95000 ? 230 ASP A OD2   1 
ATOM   290  N N     . VAL A 1 40  ? 6.26240   -7.92163  -7.77854  1.000 16.44000 ? 231 VAL A N     1 
ATOM   291  C CA    . VAL A 1 40  ? 7.00372   -7.83840  -6.52480  1.000 14.17000 ? 231 VAL A CA    1 
ATOM   292  C C     . VAL A 1 40  ? 8.46977   -7.62310  -6.86779  1.000 24.59000 ? 231 VAL A C     1 
ATOM   293  O O     . VAL A 1 40  ? 9.08572   -8.46428  -7.53500  1.000 15.97000 ? 231 VAL A O     1 
ATOM   294  C CB    . VAL A 1 40  ? 6.82267   -9.09865  -5.65850  1.000 17.65000 ? 231 VAL A CB    1 
ATOM   295  C CG1   . VAL A 1 40  ? 7.53048   -8.90628  -4.30439  1.000 15.82000 ? 231 VAL A CG1   1 
ATOM   296  C CG2   . VAL A 1 40  ? 5.34211   -9.41144  -5.44521  1.000 13.63000 ? 231 VAL A CG2   1 
ATOM   297  N N     . HIS A 1 41  ? 9.02846   -6.49949  -6.42065  1.000 21.49000 ? 232 HIS A N     1 
ATOM   298  C CA    . HIS A 1 41  ? 10.46494  -6.29542  -6.55318  1.000 27.91000 ? 232 HIS A CA    1 
ATOM   299  C C     . HIS A 1 41  ? 11.21446  -7.39955  -5.82011  1.000 32.99000 ? 232 HIS A C     1 
ATOM   300  O O     . HIS A 1 41  ? 10.88851  -7.74603  -4.68212  1.000 31.74000 ? 232 HIS A O     1 
ATOM   301  C CB    . HIS A 1 41  ? 10.85763  -4.93100  -6.00009  1.000 27.20000 ? 232 HIS A CB    1 
ATOM   302  C CG    . HIS A 1 41  ? 10.54562  -3.80582  -6.92333  1.000 34.13000 ? 232 HIS A CG    1 
ATOM   303  N ND1   . HIS A 1 41  ? 9.42945   -3.80155  -7.73131  1.000 37.41000 ? 232 HIS A ND1   1 
ATOM   304  C CD2   . HIS A 1 41  ? 11.20538  -2.65107  -7.17975  1.000 38.54000 ? 232 HIS A CD2   1 
ATOM   305  C CE1   . HIS A 1 41  ? 9.40867   -2.68697  -8.44126  1.000 41.70000 ? 232 HIS A CE1   1 
ATOM   306  N NE2   . HIS A 1 41  ? 10.47574  -1.97284  -8.12728  1.000 44.90000 ? 232 HIS A NE2   1 
ATOM   307  N N     . ARG A 1 42  ? 12.21498  -7.94490  -6.53654  1.000 33.06000 ? 233 ARG A N     1 
ATOM   308  C CA    . ARG A 1 42  ? 13.04661  -9.10277  -6.09754  1.000 35.44000 ? 233 ARG A CA    1 
ATOM   309  C C     . ARG A 1 42  ? 14.25602  -8.63456  -5.28849  1.000 38.36000 ? 233 ARG A C     1 
ATOM   310  O O     . ARG A 1 42  ? 14.86706  -9.45005  -4.64254  1.000 39.28000 ? 233 ARG A O     1 
ATOM   311  C CB    . ARG A 1 42  ? 13.50794  -9.94249  -7.29922  1.000 39.88000 ? 233 ARG A CB    1 
ATOM   312  C CG    . ARG A 1 42  ? 12.40339  -10.34457 -8.26070  1.000 45.25000 ? 233 ARG A CG    1 
ATOM   313  C CD    . ARG A 1 42  ? 12.55426  -11.31985 -9.41728  1.000 56.35000 ? 233 ARG A CD    1 
ATOM   314  N NE    . ARG A 1 42  ? 12.29382  -10.73350 -10.74537 1.000 56.58000 ? 233 ARG A NE    1 
ATOM   315  C CZ    . ARG A 1 42  ? 12.15603  -11.43551 -11.88467 1.000 56.46000 ? 233 ARG A CZ    1 
ATOM   316  N NH1   . ARG A 1 42  ? 12.20895  -12.75558 -11.86392 1.000 54.22000 ? 233 ARG A NH1   1 
ATOM   317  N NH2   . ARG A 1 42  ? 11.97547  -10.81933 -13.04185 1.000 47.49000 ? 233 ARG A NH2   1 
ATOM   318  N N     . LYS A 1 43  ? 14.56077  -7.35796  -5.36024  1.000 35.81000 ? 234 LYS A N     1 
ATOM   319  C CA    . LYS A 1 43  ? 15.67968  -6.74418  -4.65887  1.000 41.28000 ? 234 LYS A CA    1 
ATOM   320  C C     . LYS A 1 43  ? 15.13808  -5.71606  -3.67124  1.000 41.48000 ? 234 LYS A C     1 
ATOM   321  O O     . LYS A 1 43  ? 14.33524  -4.84886  -4.04695  1.000 39.59000 ? 234 LYS A O     1 
ATOM   322  C CB    . LYS A 1 43  ? 16.64591  -6.07242  -5.63928  1.000 42.57000 ? 234 LYS A CB    1 
ATOM   323  C CG    . LYS A 1 43  ? 15.96513  -5.07043  -6.57258  1.000 42.34000 ? 234 LYS A CG    1 
ATOM   324  C CD    . LYS A 1 43  ? 16.76951  -3.77401  -6.70090  1.000 41.98000 ? 234 LYS A CD    1 
ATOM   325  C CE    . LYS A 1 43  ? 16.82696  -2.97277  -5.42672  1.000 42.11000 ? 234 LYS A CE    1 
ATOM   326  N NZ    . LYS A 1 43  ? 18.00826  -2.04276  -5.38289  1.000 46.68000 ? 234 LYS A NZ    1 
ATOM   327  N N     . GLU A 1 44  ? 15.55957  -5.83288  -2.41047  1.000 38.01000 ? 235 GLU A N     1 
ATOM   328  C CA    . GLU A 1 44  ? 15.17367  -4.87979  -1.37899  1.000 39.10000 ? 235 GLU A CA    1 
ATOM   329  C C     . GLU A 1 44  ? 15.48001  -3.45923  -1.81363  1.000 44.08000 ? 235 GLU A C     1 
ATOM   330  O O     . GLU A 1 44  ? 16.50927  -3.19361  -2.44011  1.000 49.90000 ? 235 GLU A O     1 
ATOM   331  C CB    . GLU A 1 44  ? 15.94985  -5.14594  -0.09512  1.000 33.34000 ? 235 GLU A CB    1 
ATOM   332  C CG    . GLU A 1 44  ? 15.45685  -6.25721  0.74046   1.000 31.49000 ? 235 GLU A CG    1 
ATOM   333  C CD    . GLU A 1 44  ? 16.09078  -6.22764  2.10943   1.000 27.27000 ? 235 GLU A CD    1 
ATOM   334  O OE1   . GLU A 1 44  ? 17.04185  -5.43299  2.31378   1.000 30.76000 ? 235 GLU A OE1   1 
ATOM   335  O OE2   . GLU A 1 44  ? 15.63464  -6.98701  2.98358   1.000 25.76000 ? 235 GLU A OE2   1 
ATOM   336  N N     . ASN A 1 45  ? 14.61578  -2.52772  -1.43291  1.000 38.44000 ? 236 ASN A N     1 
ATOM   337  C CA    . ASN A 1 45  ? 15.04053  -1.13931  -1.43967  1.000 46.09000 ? 236 ASN A CA    1 
ATOM   338  C C     . ASN A 1 45  ? 16.19832  -0.99929  -0.46379  1.000 52.95000 ? 236 ASN A C     1 
ATOM   339  O O     . ASN A 1 45  ? 16.10870  -1.45046  0.68143   1.000 50.83000 ? 236 ASN A O     1 
ATOM   340  C CB    . ASN A 1 45  ? 13.89531  -0.21472  -1.04552  1.000 43.67000 ? 236 ASN A CB    1 
ATOM   341  C CG    . ASN A 1 45  ? 12.70867  -0.34600  -1.96161  1.000 44.03000 ? 236 ASN A CG    1 
ATOM   342  O OD1   . ASN A 1 45  ? 12.81889  -0.85414  -3.07871  1.000 45.74000 ? 236 ASN A OD1   1 
ATOM   343  N ND2   . ASN A 1 45  ? 11.56307  0.11575   -1.50179  1.000 39.35000 ? 236 ASN A ND2   1 
ATOM   344  N N     . THR A 1 46  ? 17.30089  -0.40322  -0.91539  1.000 54.97000 ? 237 THR A N     1 
ATOM   345  C CA    . THR A 1 46  ? 18.42097  -0.26429  0.00860   1.000 56.93000 ? 237 THR A CA    1 
ATOM   346  C C     . THR A 1 46  ? 18.12806  0.72316   1.13624   1.000 57.66000 ? 237 THR A C     1 
ATOM   347  O O     . THR A 1 46  ? 18.98932  0.92116   2.00335   1.000 58.14000 ? 237 THR A O     1 
ATOM   348  C CB    . THR A 1 46  ? 19.69392  0.13440   -0.75326  1.000 62.19000 ? 237 THR A CB    1 
ATOM   349  O OG1   . THR A 1 46  ? 20.70014  0.57785   0.16919   1.000 60.63000 ? 237 THR A OG1   1 
ATOM   350  C CG2   . THR A 1 46  ? 19.40416  1.23099   -1.77019  1.000 55.82000 ? 237 THR A CG2   1 
ATOM   351  N N     . GLY A 1 47  ? 16.93349  1.32205   1.15687   1.000 54.23000 ? 238 GLY A N     1 
ATOM   352  C CA    . GLY A 1 47  ? 16.54202  2.14033   2.29405   1.000 50.30000 ? 238 GLY A CA    1 
ATOM   353  C C     . GLY A 1 47  ? 16.39854  1.33875   3.57712   1.000 52.65000 ? 238 GLY A C     1 
ATOM   354  O O     . GLY A 1 47  ? 16.97146  1.69114   4.61081   1.000 49.51000 ? 238 GLY A O     1 
ATOM   355  N N     . ALA A 1 48  ? 15.62744  0.25291   3.53226   1.000 47.19000 ? 239 ALA A N     1 
ATOM   356  C CA    . ALA A 1 48  ? 15.39319  -0.58528  4.70882   1.000 34.77000 ? 239 ALA A CA    1 
ATOM   357  C C     . ALA A 1 48  ? 15.16930  -2.02226  4.24330   1.000 31.91000 ? 239 ALA A C     1 
ATOM   358  O O     . ALA A 1 48  ? 15.43723  -2.36436  3.08851   1.000 33.74000 ? 239 ALA A O     1 
ATOM   359  C CB    . ALA A 1 48  ? 14.21174  -0.05675  5.53268   1.000 31.88000 ? 239 ALA A CB    1 
ATOM   360  N N     . ALA A 1 49  ? 14.67838  -2.87367  5.14667   1.000 23.14000 ? 240 ALA A N     1 
ATOM   361  C CA    . ALA A 1 49  ? 14.43341  -4.28183  4.81710   1.000 20.71000 ? 240 ALA A CA    1 
ATOM   362  C C     . ALA A 1 49  ? 13.00776  -4.47970  4.28850   1.000 18.13000 ? 240 ALA A C     1 
ATOM   363  O O     . ALA A 1 49  ? 12.17759  -5.19309  4.85697   1.000 15.32000 ? 240 ALA A O     1 
ATOM   364  C CB    . ALA A 1 49  ? 14.70174  -5.16448  6.03181   1.000 25.58000 ? 240 ALA A CB    1 
ATOM   365  N N     . GLU A 1 50  ? 12.73970  -3.84944  3.15132   1.000 16.61000 ? 241 GLU A N     1 
ATOM   366  C CA    . GLU A 1 50  ? 11.40176  -3.83700  2.57927   1.000 13.68000 ? 241 GLU A CA    1 
ATOM   367  C C     . GLU A 1 50  ? 11.49441  -3.96693  1.06489   1.000 17.03000 ? 241 GLU A C     1 
ATOM   368  O O     . GLU A 1 50  ? 12.47597  -3.53937  0.45055   1.000 16.56000 ? 241 GLU A O     1 
ATOM   369  C CB    . GLU A 1 50  ? 10.65903  -2.54468  2.93900   1.000 14.86000 ? 241 GLU A CB    1 
ATOM   370  C CG    . GLU A 1 50  ? 10.39632  -2.36179  4.41592   1.000 17.97000 ? 241 GLU A CG    1 
ATOM   371  C CD    . GLU A 1 50  ? 9.84714   -0.98140  4.74177   1.000 18.14000 ? 241 GLU A CD    1 
ATOM   372  O OE1   . GLU A 1 50  ? 10.27132  -0.00678  4.09971   1.000 18.93000 ? 241 GLU A OE1   1 
ATOM   373  O OE2   . GLU A 1 50  ? 8.99692   -0.86983  5.64162   1.000 17.05000 ? 241 GLU A OE2   1 
ATOM   374  N N     . LYS A 1 51  ? 10.45204  -4.54598  0.46450   1.000 12.96000 ? 242 LYS A N     1 
ATOM   375  C CA    . LYS A 1 51  ? 10.35316  -4.67691  -0.98065  1.000 15.66000 ? 242 LYS A CA    1 
ATOM   376  C C     . LYS A 1 51  ? 9.07683   -4.01040  -1.46641  1.000 13.63000 ? 242 LYS A C     1 
ATOM   377  O O     . LYS A 1 51  ? 8.05364   -4.01188  -0.76816  1.000 12.38000 ? 242 LYS A O     1 
ATOM   378  C CB    . LYS A 1 51  ? 10.37047  -6.14615  -1.41313  1.000 17.90000 ? 242 LYS A CB    1 
ATOM   379  C CG    . LYS A 1 51  ? 11.73403  -6.81883  -1.25366  1.000 17.52000 ? 242 LYS A CG    1 
ATOM   380  C CD    . LYS A 1 51  ? 11.66853  -8.28511  -1.63081  1.000 24.44000 ? 242 LYS A CD    1 
ATOM   381  C CE    . LYS A 1 51  ? 13.07009  -8.83843  -1.84544  1.000 28.83000 ? 242 LYS A CE    1 
ATOM   382  N NZ    . LYS A 1 51  ? 13.10742  -10.33414 -1.84127  1.000 25.13000 ? 242 LYS A NZ    1 
ATOM   383  N N     . SER A 1 52  ? 9.13577   -3.42908  -2.65763  1.000 12.52000 ? 243 SER A N     1 
ATOM   384  C CA    . SER A 1 52  ? 7.95038   -2.77789  -3.19138  1.000 12.73000 ? 243 SER A CA    1 
ATOM   385  C C     . SER A 1 52  ? 7.14429   -3.75478  -4.04676  1.000 16.73000 ? 243 SER A C     1 
ATOM   386  O O     . SER A 1 52  ? 7.69106   -4.66502  -4.67509  1.000 14.37000 ? 243 SER A O     1 
ATOM   387  C CB    . SER A 1 52  ? 8.32273   -1.51558  -3.98016  1.000 18.96000 ? 243 SER A CB    1 
ATOM   388  O OG    . SER A 1 52  ? 8.53282   -1.78750  -5.34186  1.000 20.88000 ? 243 SER A OG    1 
ATOM   389  N N     . ILE A 1 53  ? 5.82273   -3.58253  -4.01078  1.000 9.96000  ? 244 ILE A N     1 
ATOM   390  C CA    . ILE A 1 53  ? 4.87139   -4.35751  -4.79890  1.000 10.47000 ? 244 ILE A CA    1 
ATOM   391  C C     . ILE A 1 53  ? 4.02127   -3.36723  -5.58513  1.000 13.43000 ? 244 ILE A C     1 
ATOM   392  O O     . ILE A 1 53  ? 3.46376   -2.42737  -5.00386  1.000 14.64000 ? 244 ILE A O     1 
ATOM   393  C CB    . ILE A 1 53  ? 3.97800   -5.23350  -3.90100  1.000 9.97000  ? 244 ILE A CB    1 
ATOM   394  C CG1   . ILE A 1 53  ? 4.81185   -6.20774  -3.07419  1.000 11.12000 ? 244 ILE A CG1   1 
ATOM   395  C CG2   . ILE A 1 53  ? 2.88778   -5.93973  -4.74541  1.000 12.02000 ? 244 ILE A CG2   1 
ATOM   396  C CD1   . ILE A 1 53  ? 3.98174   -7.03632  -2.09744  1.000 12.70000 ? 244 ILE A CD1   1 
ATOM   397  N N     . THR A 1 54  ? 3.92556   -3.56320  -6.89678  1.000 8.22000  ? 245 THR A N     1 
ATOM   398  C CA    . THR A 1 54  ? 3.10054   -2.71891  -7.75305  1.000 10.17000 ? 245 THR A CA    1 
ATOM   399  C C     . THR A 1 54  ? 1.88670   -3.51936  -8.20277  1.000 10.03000 ? 245 THR A C     1 
ATOM   400  O O     . THR A 1 54  ? 2.03142   -4.65529  -8.66840  1.000 10.36000 ? 245 THR A O     1 
ATOM   401  C CB    . THR A 1 54  ? 3.89906   -2.23338  -8.96900  1.000 13.72000 ? 245 THR A CB    1 
ATOM   402  O OG1   . THR A 1 54  ? 5.06112   -1.52937  -8.52579  1.000 15.05000 ? 245 THR A OG1   1 
ATOM   403  C CG2   . THR A 1 54  ? 3.06191   -1.29044  -9.81926  1.000 14.47000 ? 245 THR A CG2   1 
ATOM   404  N N     . ILE A 1 55  ? 0.69375   -2.94287  -8.04930  1.000 8.37000  ? 246 ILE A N     1 
ATOM   405  C CA    . ILE A 1 55  ? -0.56505  -3.63689  -8.33727  1.000 11.03000 ? 246 ILE A CA    1 
ATOM   406  C C     . ILE A 1 55  ? -1.35060  -2.80227  -9.34512  1.000 13.08000 ? 246 ILE A C     1 
ATOM   407  O O     . ILE A 1 55  ? -1.71086  -1.65381  -9.05528  1.000 11.20000 ? 246 ILE A O     1 
ATOM   408  C CB    . ILE A 1 55  ? -1.39319  -3.85685  -7.05924  1.000 11.51000 ? 246 ILE A CB    1 
ATOM   409  C CG1   . ILE A 1 55  ? -0.59804  -4.66369  -6.02323  1.000 9.16000  ? 246 ILE A CG1   1 
ATOM   410  C CG2   . ILE A 1 55  ? -2.75343  -4.53334  -7.37243  1.000 8.13000  ? 246 ILE A CG2   1 
ATOM   411  C CD1   . ILE A 1 55  ? -1.07474  -4.46201  -4.59146  1.000 11.44000 ? 246 ILE A CD1   1 
ATOM   412  N N     . LEU A 1 56  ? -1.64835  -3.38183  -10.50822 1.000 7.29000  ? 247 LEU A N     1 
ATOM   413  C CA    . LEU A 1 56  ? -2.40122  -2.68841  -11.54812 1.000 11.66000 ? 247 LEU A CA    1 
ATOM   414  C C     . LEU A 1 56  ? -3.70565  -3.43452  -11.77850 1.000 10.80000 ? 247 LEU A C     1 
ATOM   415  O O     . LEU A 1 56  ? -3.69639  -4.63799  -12.05471 1.000 11.78000 ? 247 LEU A O     1 
ATOM   416  C CB    . LEU A 1 56  ? -1.59533  -2.58226  -12.84548 1.000 11.71000 ? 247 LEU A CB    1 
ATOM   417  C CG    . LEU A 1 56  ? -2.31812  -1.82058  -13.96203 1.000 18.14000 ? 247 LEU A CG    1 
ATOM   418  C CD1   . LEU A 1 56  ? -2.56915  -0.36757  -13.54807 0.800 19.19000 ? 247 LEU A CD1   1 
ATOM   419  C CD2   . LEU A 1 56  ? -1.52690  -1.88898  -15.26875 0.610 19.29000 ? 247 LEU A CD2   1 
ATOM   420  N N     . SER A 1 57  ? -4.82037  -2.73324  -11.63848 1.000 12.47000 ? 248 SER A N     1 
ATOM   421  C CA    . SER A 1 57  ? -6.13544  -3.35477  -11.72434 1.000 9.87000  ? 248 SER A CA    1 
ATOM   422  C C     . SER A 1 57  ? -7.16838  -2.23678  -11.69561 1.000 11.78000 ? 248 SER A C     1 
ATOM   423  O O     . SER A 1 57  ? -6.82359  -1.05425  -11.58455 1.000 10.97000 ? 248 SER A O     1 
ATOM   424  C CB    . SER A 1 57  ? -6.34562  -4.35106  -10.58175 1.000 13.90000 ? 248 SER A CB    1 
ATOM   425  O OG    . SER A 1 57  ? -7.49392  -5.14106  -10.79327 1.000 10.86000 ? 248 SER A OG    1 
ATOM   426  N N     . THR A 1 58  ? -8.44272  -2.62732  -11.80845 1.000 13.10000 ? 249 THR A N     1 
ATOM   427  C CA    . THR A 1 58  ? -9.54145  -1.75006  -11.45348 1.000 12.58000 ? 249 THR A CA    1 
ATOM   428  C C     . THR A 1 58  ? -9.37254  -1.29503  -10.01171 1.000 14.30000 ? 249 THR A C     1 
ATOM   429  O O     . THR A 1 58  ? -8.68938  -1.95685  -9.22647  1.000 14.46000 ? 249 THR A O     1 
ATOM   430  C CB    . THR A 1 58  ? -10.87757 -2.47073  -11.59265 1.000 15.32000 ? 249 THR A CB    1 
ATOM   431  O OG1   . THR A 1 58  ? -10.97966 -3.48856  -10.58294 1.000 14.08000 ? 249 THR A OG1   1 
ATOM   432  C CG2   . THR A 1 58  ? -11.00286 -3.10591  -12.97299 1.000 19.22000 ? 249 THR A CG2   1 
ATOM   433  N N     . PRO A 1 59  ? -9.98570  -0.16889  -9.62773  1.000 13.48000 ? 250 PRO A N     1 
ATOM   434  C CA    . PRO A 1 59  ? -9.92381  0.21334   -8.20479  1.000 14.49000 ? 250 PRO A CA    1 
ATOM   435  C C     . PRO A 1 59  ? -10.34659 -0.92632  -7.28625  1.000 13.67000 ? 250 PRO A C     1 
ATOM   436  O O     . PRO A 1 59  ? -9.68354  -1.20151  -6.27744  1.000 10.84000 ? 250 PRO A O     1 
ATOM   437  C CB    . PRO A 1 59  ? -10.86913 1.42356   -8.13922  1.000 16.06000 ? 250 PRO A CB    1 
ATOM   438  C CG    . PRO A 1 59  ? -10.72396 2.06013   -9.49898  1.000 15.54000 ? 250 PRO A CG    1 
ATOM   439  C CD    . PRO A 1 59  ? -10.60983 0.88020   -10.46063 1.000 12.93000 ? 250 PRO A CD    1 
ATOM   440  N N     . GLU A 1 60  ? -11.40937 -1.64468  -7.66103  1.000 17.55000 ? 251 GLU A N     1 
ATOM   441  C CA    . GLU A 1 60  ? -11.92308 -2.73659  -6.84223  1.000 13.80000 ? 251 GLU A CA    1 
ATOM   442  C C     . GLU A 1 60  ? -10.96105 -3.91787  -6.80789  1.000 14.45000 ? 251 GLU A C     1 
ATOM   443  O O     . GLU A 1 60  ? -10.72156 -4.50208  -5.74458  1.000 12.80000 ? 251 GLU A O     1 
ATOM   444  C CB    . GLU A 1 60  ? -13.29234 -3.17631  -7.37873  1.000 19.21000 ? 251 GLU A CB    1 
ATOM   445  C CG    . GLU A 1 60  ? -14.40958 -2.16652  -7.13700  1.000 23.37000 ? 251 GLU A CG    1 
ATOM   446  C CD    . GLU A 1 60  ? -14.51703 -1.07064  -8.21257  1.000 27.09000 ? 251 GLU A CD    1 
ATOM   447  O OE1   . GLU A 1 60  ? -13.70487 -1.03262  -9.16832  1.000 21.12000 ? 251 GLU A OE1   1 
ATOM   448  O OE2   . GLU A 1 60  ? -15.42933 -0.22740  -8.09166  1.000 32.77000 ? 251 GLU A OE2   1 
ATOM   449  N N     . GLY A 1 61  ? -10.43508 -4.31628  -7.96952  1.000 11.69000 ? 252 GLY A N     1 
ATOM   450  C CA    . GLY A 1 61  ? -9.47184  -5.40866  -7.99640  1.000 11.08000 ? 252 GLY A CA    1 
ATOM   451  C C     . GLY A 1 61  ? -8.19340  -5.05508  -7.26298  1.000 9.55000  ? 252 GLY A C     1 
ATOM   452  O O     . GLY A 1 61  ? -7.57227  -5.90655  -6.63109  1.000 9.69000  ? 252 GLY A O     1 
ATOM   453  N N     . THR A 1 62  ? -7.78944  -3.79363  -7.34678  1.000 11.05000 ? 253 THR A N     1 
ATOM   454  C CA    . THR A 1 62  ? -6.61963  -3.31463  -6.62278  1.000 11.06000 ? 253 THR A CA    1 
ATOM   455  C C     . THR A 1 62  ? -6.83480  -3.42405  -5.11620  1.000 10.27000 ? 253 THR A C     1 
ATOM   456  O O     . THR A 1 62  ? -5.96376  -3.90963  -4.38097  1.000 11.29000 ? 253 THR A O     1 
ATOM   457  C CB    . THR A 1 62  ? -6.34514  -1.86572  -7.03445  1.000 11.34000 ? 253 THR A CB    1 
ATOM   458  O OG1   . THR A 1 62  ? -6.06565  -1.79323  -8.44702  1.000 13.41000 ? 253 THR A OG1   1 
ATOM   459  C CG2   . THR A 1 62  ? -5.16879  -1.28446  -6.25397  1.000 8.75000  ? 253 THR A CG2   1 
ATOM   460  N N     . SER A 1 63  ? -8.00203  -2.97585  -4.63397  1.000 9.62000  ? 254 SER A N     1 
ATOM   461  C CA    . SER A 1 63  ? -8.29076  -3.06290  -3.19932  1.000 14.03000 ? 254 SER A CA    1 
ATOM   462  C C     . SER A 1 63  ? -8.35725  -4.51082  -2.72750  1.000 11.66000 ? 254 SER A C     1 
ATOM   463  O O     . SER A 1 63  ? -7.92913  -4.83280  -1.60986  1.000 11.10000 ? 254 SER A O     1 
ATOM   464  C CB    . SER A 1 63  ? -9.60757  -2.35575  -2.87783  1.000 14.29000 ? 254 SER A CB    1 
ATOM   465  O OG    . SER A 1 63  ? -9.55966  -1.00847  -3.30263  1.000 15.59000 ? 254 SER A OG    1 
ATOM   466  N N     . ALA A 1 64  ? -8.89726  -5.40189  -3.55758  1.000 11.27000 ? 255 ALA A N     1 
ATOM   467  C CA    . ALA A 1 64  ? -9.01208  -6.79449  -3.13339  1.000 13.06000 ? 255 ALA A CA    1 
ATOM   468  C C     . ALA A 1 64  ? -7.64231  -7.45930  -3.04885  1.000 12.40000 ? 255 ALA A C     1 
ATOM   469  O O     . ALA A 1 64  ? -7.36712  -8.20266  -2.09685  1.000 12.24000 ? 255 ALA A O     1 
ATOM   470  C CB    . ALA A 1 64  ? -9.93029  -7.55450  -4.08708  1.000 13.32000 ? 255 ALA A CB    1 
ATOM   471  N N     . ALA A 1 65  ? -6.76334  -7.17785  -4.02235  1.000 9.76000  ? 256 ALA A N     1 
ATOM   472  C CA    . ALA A 1 65  ? -5.38950  -7.67542  -3.97551  1.000 9.12000  ? 256 ALA A CA    1 
ATOM   473  C C     . ALA A 1 65  ? -4.64173  -7.12471  -2.76685  1.000 9.29000  ? 256 ALA A C     1 
ATOM   474  O O     . ALA A 1 65  ? -3.91699  -7.86262  -2.08603  1.000 10.71000 ? 256 ALA A O     1 
ATOM   475  C CB    . ALA A 1 65  ? -4.65695  -7.31880  -5.27075  1.000 9.25000  ? 256 ALA A CB    1 
ATOM   476  N N     . CYS A 1 66  ? -4.81630  -5.83353  -2.47260  1.000 9.84000  ? 257 CYS A N     1 
ATOM   477  C CA    . CYS A 1 66  ? -4.17540  -5.25988  -1.29149  1.000 10.38000 ? 257 CYS A CA    1 
ATOM   478  C C     . CYS A 1 66  ? -4.62447  -5.98174  -0.01860  1.000 11.56000 ? 257 CYS A C     1 
ATOM   479  O O     . CYS A 1 66  ? -3.79554  -6.37506  0.81509   1.000 11.55000 ? 257 CYS A O     1 
ATOM   480  C CB    . CYS A 1 66  ? -4.48906  -3.76589  -1.20233  1.000 8.96000  ? 257 CYS A CB    1 
ATOM   481  S SG    . CYS A 1 66  ? -3.67888  -2.94099  0.21697   1.000 12.65000 ? 257 CYS A SG    1 
ATOM   482  N N     . LYS A 1 67  ? -5.93761  -6.16993  0.14493   1.000 12.13000 ? 258 LYS A N     1 
ATOM   483  C CA    . LYS A 1 67  ? -6.44557  -6.83784  1.34358   1.000 14.35000 ? 258 LYS A CA    1 
ATOM   484  C C     . LYS A 1 67  ? -5.90143  -8.25801  1.46818   1.000 11.18000 ? 258 LYS A C     1 
ATOM   485  O O     . LYS A 1 67  ? -5.55362  -8.70013  2.57027   1.000 14.20000 ? 258 LYS A O     1 
ATOM   486  C CB    . LYS A 1 67  ? -7.97659  -6.85338  1.32976   1.000 15.17000 ? 258 LYS A CB    1 
ATOM   487  C CG    . LYS A 1 67  ? -8.60798  -7.25999  2.67869   1.000 18.78000 ? 258 LYS A CG    1 
ATOM   488  C CD    . LYS A 1 67  ? -10.12885 -7.37521  2.54817   1.000 23.29000 ? 258 LYS A CD    1 
ATOM   489  C CE    . LYS A 1 67  ? -10.82112 -7.32524  3.90441   1.000 30.00000 ? 258 LYS A CE    1 
ATOM   490  N NZ    . LYS A 1 67  ? -12.30921 -7.26227  3.73934   1.000 31.28000 ? 258 LYS A NZ    1 
ATOM   491  N N     . SER A 1 68  ? -5.82505  -8.98579  0.34719   1.000 10.27000 ? 259 SER A N     1 
ATOM   492  C CA    . SER A 1 68  ? -5.27210  -10.33595 0.34934   1.000 15.41000 ? 259 SER A CA    1 
ATOM   493  C C     . SER A 1 68  ? -3.82869  -10.32866 0.84187   1.000 15.39000 ? 259 SER A C     1 
ATOM   494  O O     . SER A 1 68  ? -3.42884  -11.17080 1.65647   1.000 13.98000 ? 259 SER A O     1 
ATOM   495  C CB    . SER A 1 68  ? -5.35163  -10.91004 -1.06474  1.000 13.94000 ? 259 SER A CB    1 
ATOM   496  O OG    . SER A 1 68  ? -6.69139  -11.25065 -1.38285  1.000 14.62000 ? 259 SER A OG    1 
ATOM   497  N N     . ILE A 1 69  ? -3.03378  -9.36974  0.36738   1.000 12.01000 ? 260 ILE A N     1 
ATOM   498  C CA    . ILE A 1 69  ? -1.65034  -9.26767  0.81741   1.000 13.29000 ? 260 ILE A CA    1 
ATOM   499  C C     . ILE A 1 69  ? -1.59486  -8.94291  2.30403   1.000 12.17000 ? 260 ILE A C     1 
ATOM   500  O O     . ILE A 1 69  ? -0.78100  -9.50891  3.04462   1.000 14.96000 ? 260 ILE A O     1 
ATOM   501  C CB    . ILE A 1 69  ? -0.89309  -8.22676  -0.03076  1.000 11.19000 ? 260 ILE A CB    1 
ATOM   502  C CG1   . ILE A 1 69  ? -0.67730  -8.76471  -1.45144  1.000 12.26000 ? 260 ILE A CG1   1 
ATOM   503  C CG2   . ILE A 1 69  ? 0.43537   -7.85878  0.64030   1.000 13.41000 ? 260 ILE A CG2   1 
ATOM   504  C CD1   . ILE A 1 69  ? -0.33882  -7.69175  -2.50276  1.000 11.68000 ? 260 ILE A CD1   1 
ATOM   505  N N     . LEU A 1 70  ? -2.45375  -8.03075  2.76464   1.000 11.54000 ? 261 LEU A N     1 
ATOM   506  C CA    . LEU A 1 70  ? -2.50398  -7.70790  4.18764   1.000 11.46000 ? 261 LEU A CA    1 
ATOM   507  C C     . LEU A 1 70  ? -2.84672  -8.94038  5.01421   1.000 15.07000 ? 261 LEU A C     1 
ATOM   508  O O     . LEU A 1 70  ? -2.23920  -9.18269  6.06691   1.000 14.17000 ? 261 LEU A O     1 
ATOM   509  C CB    . LEU A 1 70  ? -3.52929  -6.60022  4.42818   1.000 13.94000 ? 261 LEU A CB    1 
ATOM   510  C CG    . LEU A 1 70  ? -3.09818  -5.22307  3.90149   1.000 14.70000 ? 261 LEU A CG    1 
ATOM   511  C CD1   . LEU A 1 70  ? -4.23206  -4.20975  3.98461   1.000 15.31000 ? 261 LEU A CD1   1 
ATOM   512  C CD2   . LEU A 1 70  ? -1.87930  -4.74136  4.68207   1.000 19.98000 ? 261 LEU A CD2   1 
ATOM   513  N N     . GLU A 1 71  ? -3.81114  -9.73264  4.54172   1.000 16.44000 ? 262 GLU A N     1 
ATOM   514  C CA    . GLU A 1 71  ? -4.22940  -10.93826 5.25988   1.000 17.19000 ? 262 GLU A CA    1 
ATOM   515  C C     . GLU A 1 71  ? -3.09843  -11.95645 5.32627   1.000 17.30000 ? 262 GLU A C     1 
ATOM   516  O O     . GLU A 1 71  ? -2.86680  -12.57717 6.37152   1.000 16.58000 ? 262 GLU A O     1 
ATOM   517  C CB    . GLU A 1 71  ? -5.44952  -11.55955 4.57421   1.000 21.24000 ? 262 GLU A CB    1 
ATOM   518  C CG    . GLU A 1 71  ? -6.77279  -10.81230 4.75681   1.000 21.28000 ? 262 GLU A CG    1 
ATOM   519  C CD    . GLU A 1 71  ? -7.88324  -11.36283 3.85318   1.000 24.70000 ? 262 GLU A CD    1 
ATOM   520  O OE1   . GLU A 1 71  ? -7.57151  -12.11430 2.90130   1.000 28.18000 ? 262 GLU A OE1   1 
ATOM   521  O OE2   . GLU A 1 71  ? -9.07104  -11.03577 4.07966   1.000 32.19000 ? 262 GLU A OE2   1 
ATOM   522  N N     . ILE A 1 72  ? -2.38893  -12.14121 4.21457   1.000 13.78000 ? 263 ILE A N     1 
ATOM   523  C CA    . ILE A 1 72  ? -1.27279  -13.08026 4.16944   1.000 15.87000 ? 263 ILE A CA    1 
ATOM   524  C C     . ILE A 1 72  ? -0.16499  -12.64314 5.11527   1.000 17.50000 ? 263 ILE A C     1 
ATOM   525  O O     . ILE A 1 72  ? 0.45204   -13.46748 5.80560   1.000 17.86000 ? 263 ILE A O     1 
ATOM   526  C CB    . ILE A 1 72  ? -0.75741  -13.20621 2.72678   1.000 17.71000 ? 263 ILE A CB    1 
ATOM   527  C CG1   . ILE A 1 72  ? -1.83573  -13.81376 1.83261   1.000 16.06000 ? 263 ILE A CG1   1 
ATOM   528  C CG2   . ILE A 1 72  ? 0.53983   -14.02413 2.69820   1.000 15.52000 ? 263 ILE A CG2   1 
ATOM   529  C CD1   . ILE A 1 72  ? -1.51110  -13.71302 0.35305   1.000 14.39000 ? 263 ILE A CD1   1 
ATOM   530  N N     . MET A 1 73  ? 0.11374   -11.34192 5.15728   1.000 13.81000 ? 264 MET A N     1 
ATOM   531  C CA    . MET A 1 73  ? 1.18495   -10.84614 6.01199   1.000 19.15000 ? 264 MET A CA    1 
ATOM   532  C C     . MET A 1 73  ? 0.83461   -11.01409 7.48510   1.000 20.95000 ? 264 MET A C     1 
ATOM   533  O O     . MET A 1 73  ? 1.69223   -11.38248 8.29945   1.000 21.11000 ? 264 MET A O     1 
ATOM   534  C CB    . MET A 1 73  ? 1.46448   -9.37907  5.68530   1.000 14.43000 ? 264 MET A CB    1 
ATOM   535  C CG    . MET A 1 73  ? 2.31586   -9.18093  4.43643   1.000 19.79000 ? 264 MET A CG    1 
ATOM   536  S SD    . MET A 1 73  ? 2.88288   -7.47324  4.25776   1.000 21.92000 ? 264 MET A SD    1 
ATOM   537  C CE    . MET A 1 73  ? 1.33128   -6.61588  4.24225   1.000 18.10000 ? 264 MET A CE    1 
ATOM   538  N N     . HIS A 1 74  ? -0.42113  -10.73253 7.84302   1.000 18.53000 ? 265 HIS A N     1 
ATOM   539  C CA    . HIS A 1 74  ? -0.84775  -10.84256 9.23324   1.000 21.04000 ? 265 HIS A CA    1 
ATOM   540  C C     . HIS A 1 74  ? -0.77852  -12.28906 9.70822   1.000 23.88000 ? 265 HIS A C     1 
ATOM   541  O O     . HIS A 1 74  ? -0.35345  -12.56721 10.83824  1.000 23.06000 ? 265 HIS A O     1 
ATOM   542  C CB    . HIS A 1 74  ? -2.26793  -10.28288 9.36884   1.000 22.66000 ? 265 HIS A CB    1 
ATOM   543  C CG    . HIS A 1 74  ? -2.79032  -10.26959 10.77315  1.000 25.70000 ? 265 HIS A CG    1 
ATOM   544  N ND1   . HIS A 1 74  ? -2.25808  -9.46660  11.76030  1.000 29.78000 ? 265 HIS A ND1   1 
ATOM   545  C CD2   . HIS A 1 74  ? -3.81461  -10.94493 11.34956  1.000 29.00000 ? 265 HIS A CD2   1 
ATOM   546  C CE1   . HIS A 1 74  ? -2.92001  -9.66117  12.88906  1.000 29.03000 ? 265 HIS A CE1   1 
ATOM   547  N NE2   . HIS A 1 74  ? -3.86978  -10.55119 12.66697  1.000 25.68000 ? 265 HIS A NE2   1 
ATOM   548  N N     . LYS A 1 75  ? -1.17432  -13.22612 8.84793   1.000 19.11000 ? 266 LYS A N     1 
ATOM   549  C CA    . LYS A 1 75  ? -1.12713  -14.63714 9.22316   1.000 21.06000 ? 266 LYS A CA    1 
ATOM   550  C C     . LYS A 1 75  ? 0.31422   -15.11164 9.38899   1.000 24.52000 ? 266 LYS A C     1 
ATOM   551  O O     . LYS A 1 75  ? 0.62815   -15.84785 10.33263  1.000 25.99000 ? 266 LYS A O     1 
ATOM   552  C CB    . LYS A 1 75  ? -1.86236  -15.48012 8.18370   1.000 18.88000 ? 266 LYS A CB    1 
ATOM   553  C CG    . LYS A 1 75  ? -1.67497  -16.99518 8.35958   1.000 22.12000 ? 266 LYS A CG    1 
ATOM   554  C CD    . LYS A 1 75  ? -2.08476  -17.74596 7.09571   1.000 27.75000 ? 266 LYS A CD    1 
ATOM   555  C CE    . LYS A 1 75  ? -2.10858  -19.25310 7.31814   1.000 37.29000 ? 266 LYS A CE    1 
ATOM   556  N NZ    . LYS A 1 75  ? -1.11621  -19.70718 8.34414   1.000 30.89000 ? 266 LYS A NZ    1 
ATOM   557  N N     . GLU A 1 76  ? 1.20890   -14.68447 8.49286   1.000 18.32000 ? 267 GLU A N     1 
ATOM   558  C CA    . GLU A 1 76  ? 2.60789   -15.08381 8.60191   1.000 23.05000 ? 267 GLU A CA    1 
ATOM   559  C C     . GLU A 1 76  ? 3.23702   -14.54639 9.88761   1.000 24.91000 ? 267 GLU A C     1 
ATOM   560  O O     . GLU A 1 76  ? 3.97707   -15.26583 10.57549  1.000 22.79000 ? 267 GLU A O     1 
ATOM   561  C CB    . GLU A 1 76  ? 3.37388   -14.61728 7.36287   1.000 22.49000 ? 267 GLU A CB    1 
ATOM   562  C CG    . GLU A 1 76  ? 4.87106   -14.84966 7.42392   1.000 21.77000 ? 267 GLU A CG    1 
ATOM   563  C CD    . GLU A 1 76  ? 5.28246   -16.28943 7.14398   1.000 30.32000 ? 267 GLU A CD    1 
ATOM   564  O OE1   . GLU A 1 76  ? 4.39774   -17.17473 7.03162   1.000 25.58000 ? 267 GLU A OE1   1 
ATOM   565  O OE2   . GLU A 1 76  ? 6.50886   -16.52850 7.05152   1.000 29.61000 ? 267 GLU A OE2   1 
ATOM   566  N N     . ALA A 1 77  ? 2.92565   -13.29473 10.24393  1.000 20.67000 ? 268 ALA A N     1 
ATOM   567  C CA    . ALA A 1 77  ? 3.43354   -12.71036 11.48478  1.000 21.58000 ? 268 ALA A CA    1 
ATOM   568  C C     . ALA A 1 77  ? 2.97832   -13.50940 12.70333  1.000 24.61000 ? 268 ALA A C     1 
ATOM   569  O O     . ALA A 1 77  ? 3.76422   -13.77518 13.62321  1.000 23.12000 ? 268 ALA A O     1 
ATOM   570  C CB    . ALA A 1 77  ? 2.97643   -11.25533 11.60141  1.000 22.91000 ? 268 ALA A CB    1 
ATOM   571  N N     . GLN A 1 78  ? 1.69843   -13.88260 12.73922  1.000 22.06000 ? 269 GLN A N     1 
ATOM   572  C CA    . GLN A 1 78  ? 1.23184   -14.77383 13.79539  1.000 24.33000 ? 269 GLN A CA    1 
ATOM   573  C C     . GLN A 1 78  ? 2.01772   -16.08086 13.79784  1.000 26.61000 ? 269 GLN A C     1 
ATOM   574  O O     . GLN A 1 78  ? 2.45115   -16.55019 14.85745  1.000 28.05000 ? 269 GLN A O     1 
ATOM   575  C CB    . GLN A 1 78  ? -0.25987  -15.04912 13.62139  1.000 23.49000 ? 269 GLN A CB    1 
ATOM   576  C CG    . GLN A 1 78  ? -1.13147  -13.82928 13.83922  1.000 19.43000 ? 269 GLN A CG    1 
ATOM   577  C CD    . GLN A 1 78  ? -2.57792  -14.09182 13.44241  1.000 25.18000 ? 269 GLN A CD    1 
ATOM   578  O OE1   . GLN A 1 78  ? -2.84776  -14.81552 12.47743  1.000 28.05000 ? 269 GLN A OE1   1 
ATOM   579  N NE2   . GLN A 1 78  ? -3.51415  -13.51365 14.18801  1.000 24.23000 ? 269 GLN A NE2   1 
ATOM   580  N N     . ASP A 1 79  ? 2.23841   -16.65603 12.60848  1.000 25.51000 ? 270 ASP A N     1 
ATOM   581  C CA    . ASP A 1 79  ? 2.82694   -17.99110 12.48066  1.000 26.93000 ? 270 ASP A CA    1 
ATOM   582  C C     . ASP A 1 79  ? 4.28736   -18.03124 12.91324  1.000 29.64000 ? 270 ASP A C     1 
ATOM   583  O O     . ASP A 1 79  ? 4.77899   -19.08494 13.33459  1.000 26.31000 ? 270 ASP A O     1 
ATOM   584  C CB    . ASP A 1 79  ? 2.70722   -18.47482 11.03304  1.000 24.88000 ? 270 ASP A CB    1 
ATOM   585  C CG    . ASP A 1 79  ? 1.28803   -18.84193 10.65677  1.000 26.13000 ? 270 ASP A CG    1 
ATOM   586  O OD1   . ASP A 1 79  ? 0.40892   -18.74316 11.54282  1.000 25.79000 ? 270 ASP A OD1   1 
ATOM   587  O OD2   . ASP A 1 79  ? 1.05541   -19.21510 9.48337   1.000 27.82000 ? 270 ASP A OD2   1 
ATOM   588  N N     . ILE A 1 80  ? 5.00370   -16.91886 12.78023  1.000 27.21000 ? 271 ILE A N     1 
ATOM   589  C CA    . ILE A 1 80  ? 6.40052   -16.84021 13.17936  1.000 28.05000 ? 271 ILE A CA    1 
ATOM   590  C C     . ILE A 1 80  ? 6.55724   -16.06570 14.47971  1.000 29.26000 ? 271 ILE A C     1 
ATOM   591  O O     . ILE A 1 80  ? 7.68657   -15.81269 14.91645  1.000 33.29000 ? 271 ILE A O     1 
ATOM   592  C CB    . ILE A 1 80  ? 7.25957   -16.23748 12.05572  1.000 30.16000 ? 271 ILE A CB    1 
ATOM   593  C CG1   . ILE A 1 80  ? 6.84901   -14.78483 11.78840  1.000 24.64000 ? 271 ILE A CG1   1 
ATOM   594  C CG2   . ILE A 1 80  ? 7.07491   -17.04666 10.78134  1.000 28.47000 ? 271 ILE A CG2   1 
ATOM   595  C CD1   . ILE A 1 80  ? 7.93056   -13.93092 11.12836  1.000 27.98000 ? 271 ILE A CD1   1 
ATOM   596  N N     . LYS A 1 81  ? 5.44060   -15.70578 15.11993  1.000 27.02000 ? 272 LYS A N     1 
ATOM   597  C CA    . LYS A 1 81  ? 5.43031   -14.92066 16.35329  1.000 27.88000 ? 272 LYS A CA    1 
ATOM   598  C C     . LYS A 1 81  ? 6.26342   -13.65536 16.20282  1.000 33.30000 ? 272 LYS A C     1 
ATOM   599  O O     . LYS A 1 81  ? 7.12047   -13.32889 17.02705  1.000 31.70000 ? 272 LYS A O     1 
ATOM   600  C CB    . LYS A 1 81  ? 5.86947   -15.76421 17.54229  1.000 32.46000 ? 272 LYS A CB    1 
ATOM   601  C CG    . LYS A 1 81  ? 4.71411   -16.61637 17.97042  1.000 40.89000 ? 272 LYS A CG    1 
ATOM   602  C CD    . LYS A 1 81  ? 5.15670   -18.00510 18.29036  1.000 43.55000 ? 272 LYS A CD    1 
ATOM   603  C CE    . LYS A 1 81  ? 6.38596   -17.95768 19.15702  1.000 41.33000 ? 272 LYS A CE    1 
ATOM   604  N NZ    . LYS A 1 81  ? 6.75240   -19.31425 19.63899  1.000 48.00000 ? 272 LYS A NZ    1 
ATOM   605  N N     . PHE A 1 82  ? 6.01801   -12.97076 15.09398  1.000 30.54000 ? 273 PHE A N     1 
ATOM   606  C CA    . PHE A 1 82  ? 6.41223   -11.58693 14.92162  1.000 34.34000 ? 273 PHE A CA    1 
ATOM   607  C C     . PHE A 1 82  ? 5.50504   -10.74366 15.80429  1.000 35.37000 ? 273 PHE A C     1 
ATOM   608  O O     . PHE A 1 82  ? 4.28801   -10.70711 15.59587  1.000 35.69000 ? 273 PHE A O     1 
ATOM   609  C CB    . PHE A 1 82  ? 6.28059   -11.20728 13.45072  1.000 35.99000 ? 273 PHE A CB    1 
ATOM   610  C CG    . PHE A 1 82  ? 6.89618   -9.89821  13.10532  1.000 35.61000 ? 273 PHE A CG    1 
ATOM   611  C CD1   . PHE A 1 82  ? 6.11611   -8.75811  12.99849  1.000 36.96000 ? 273 PHE A CD1   1 
ATOM   612  C CD2   . PHE A 1 82  ? 8.25814   -9.80792  12.88661  1.000 35.93000 ? 273 PHE A CD2   1 
ATOM   613  C CE1   . PHE A 1 82  ? 6.69216   -7.54418  12.67935  1.000 41.44000 ? 273 PHE A CE1   1 
ATOM   614  C CE2   . PHE A 1 82  ? 8.84197   -8.60368  12.57155  1.000 39.45000 ? 273 PHE A CE2   1 
ATOM   615  C CZ    . PHE A 1 82  ? 8.06166   -7.46608  12.46637  1.000 40.65000 ? 273 PHE A CZ    1 
ATOM   616  N N     . THR A 1 83  ? 6.08396   -10.10219 16.81003  1.000 40.89000 ? 274 THR A N     1 
ATOM   617  C CA    . THR A 1 83  ? 5.29075   -9.39807  17.80864  1.000 45.97000 ? 274 THR A CA    1 
ATOM   618  C C     . THR A 1 83  ? 4.96121   -7.96507  17.40370  1.000 47.85000 ? 274 THR A C     1 
ATOM   619  O O     . THR A 1 83  ? 3.92139   -7.43670  17.81964  1.000 46.20000 ? 274 THR A O     1 
ATOM   620  C CB    . THR A 1 83  ? 6.03173   -9.40405  19.15169  1.000 48.29000 ? 274 THR A CB    1 
ATOM   621  O OG1   . THR A 1 83  ? 5.42191   -8.46432  20.04576  1.000 59.84000 ? 274 THR A OG1   1 
ATOM   622  C CG2   . THR A 1 83  ? 7.49985   -9.03962  18.95636  1.000 39.96000 ? 274 THR A CG2   1 
ATOM   623  N N     . GLU A 1 84  ? 5.81634   -7.33469  16.59943  1.000 47.65000 ? 275 GLU A N     1 
ATOM   624  C CA    . GLU A 1 84  ? 5.63564   -5.94341  16.21132  1.000 47.89000 ? 275 GLU A CA    1 
ATOM   625  C C     . GLU A 1 84  ? 4.45715   -5.78705  15.25210  1.000 47.80000 ? 275 GLU A C     1 
ATOM   626  O O     . GLU A 1 84  ? 4.02856   -6.73575  14.58485  1.000 46.10000 ? 275 GLU A O     1 
ATOM   627  C CB    . GLU A 1 84  ? 6.90322   -5.40450  15.54934  1.000 40.56000 ? 275 GLU A CB    1 
ATOM   628  C CG    . GLU A 1 84  ? 8.16008   -5.58967  16.36281  1.000 47.24000 ? 275 GLU A CG    1 
ATOM   629  C CD    . GLU A 1 84  ? 9.36412   -4.95105  15.69853  1.000 57.12000 ? 275 GLU A CD    1 
ATOM   630  O OE1   . GLU A 1 84  ? 9.51364   -3.70870  15.79512  1.000 58.03000 ? 275 GLU A OE1   1 
ATOM   631  O OE2   . GLU A 1 84  ? 10.15544  -5.68992  15.07251  1.000 56.98000 ? 275 GLU A OE2   1 
ATOM   632  N N     . GLU A 1 85  ? 3.94018   -4.56125  15.17722  1.000 48.62000 ? 276 GLU A N     1 
ATOM   633  C CA    . GLU A 1 85  ? 2.84805   -4.25656  14.26058  1.000 48.31000 ? 276 GLU A CA    1 
ATOM   634  C C     . GLU A 1 85  ? 3.38205   -4.08845  12.84406  1.000 38.04000 ? 276 GLU A C     1 
ATOM   635  O O     . GLU A 1 85  ? 4.48562   -3.57615  12.63834  1.000 43.39000 ? 276 GLU A O     1 
ATOM   636  C CB    . GLU A 1 85  ? 2.11230   -2.98680  14.69923  1.000 49.46000 ? 276 GLU A CB    1 
ATOM   637  C CG    . GLU A 1 85  ? 0.96089   -3.21399  15.68767  1.000 52.44000 ? 276 GLU A CG    1 
ATOM   638  C CD    . GLU A 1 85  ? 0.03859   -4.36534  15.29161  1.000 61.51000 ? 276 GLU A CD    1 
ATOM   639  O OE1   . GLU A 1 85  ? -1.02491  -4.09170  14.68861  1.000 65.08000 ? 276 GLU A OE1   1 
ATOM   640  O OE2   . GLU A 1 85  ? 0.36157   -5.53744  15.60190  1.000 56.97000 ? 276 GLU A OE2   1 
ATOM   641  N N     . ILE A 1 86  ? 2.59627   -4.53456  11.86921  1.000 37.97000 ? 277 ILE A N     1 
ATOM   642  C CA    . ILE A 1 86  ? 2.94531   -4.39081  10.45622  1.000 34.62000 ? 277 ILE A CA    1 
ATOM   643  C C     . ILE A 1 86  ? 2.01169   -3.36538  9.82515   1.000 25.18000 ? 277 ILE A C     1 
ATOM   644  O O     . ILE A 1 86  ? 0.93537   -3.73374  9.34142   1.000 21.93000 ? 277 ILE A O     1 
ATOM   645  C CB    . ILE A 1 86  ? 2.85474   -5.73435  9.71542   1.000 29.21000 ? 277 ILE A CB    1 
ATOM   646  C CG1   . ILE A 1 86  ? 3.76054   -6.77500  10.36910  1.000 32.89000 ? 277 ILE A CG1   1 
ATOM   647  C CG2   . ILE A 1 86  ? 3.20804   -5.57764  8.23003   1.000 24.76000 ? 277 ILE A CG2   1 
ATOM   648  C CD1   . ILE A 1 86  ? 3.35548   -8.17311  9.98604   1.000 30.11000 ? 277 ILE A CD1   1 
ATOM   649  N N     . PRO A 1 87  ? 2.36670   -2.08645  9.81321   1.000 25.70000 ? 278 PRO A N     1 
ATOM   650  C CA    . PRO A 1 87  ? 1.47968   -1.09011  9.20193   1.000 22.12000 ? 278 PRO A CA    1 
ATOM   651  C C     . PRO A 1 87  ? 1.40903   -1.28943  7.69771   1.000 20.71000 ? 278 PRO A C     1 
ATOM   652  O O     . PRO A 1 87  ? 2.32566   -1.82778  7.07581   1.000 17.78000 ? 278 PRO A O     1 
ATOM   653  C CB    . PRO A 1 87  ? 2.14783   0.24804   9.54436   1.000 24.31000 ? 278 PRO A CB    1 
ATOM   654  C CG    . PRO A 1 87  ? 3.24209   -0.08110  10.52973  1.000 30.81000 ? 278 PRO A CG    1 
ATOM   655  C CD    . PRO A 1 87  ? 3.63011   -1.49434  10.26944  1.000 25.53000 ? 278 PRO A CD    1 
ATOM   656  N N     . LEU A 1 88  ? 0.30317   -0.85876  7.11051   1.000 19.25000 ? 279 LEU A N     1 
ATOM   657  C CA    . LEU A 1 88  ? 0.23623   -0.77214  5.65859   1.000 16.36000 ? 279 LEU A CA    1 
ATOM   658  C C     . LEU A 1 88  ? 1.02898   0.44503   5.18956   1.000 15.05000 ? 279 LEU A C     1 
ATOM   659  O O     . LEU A 1 88  ? 0.86601   1.53931   5.73492   1.000 16.81000 ? 279 LEU A O     1 
ATOM   660  C CB    . LEU A 1 88  ? -1.21807  -0.68063  5.21058   1.000 11.92000 ? 279 LEU A CB    1 
ATOM   661  C CG    . LEU A 1 88  ? -1.44909  -0.30485  3.75265   1.000 15.22000 ? 279 LEU A CG    1 
ATOM   662  C CD1   . LEU A 1 88  ? -0.94342  -1.41768  2.84806   1.000 13.55000 ? 279 LEU A CD1   1 
ATOM   663  C CD2   . LEU A 1 88  ? -2.93126  -0.02213  3.53677   1.000 16.44000 ? 279 LEU A CD2   1 
ATOM   664  N N     . LYS A 1 89  ? 1.89745   0.26069   4.19234   1.000 12.65000 ? 280 LYS A N     1 
ATOM   665  C CA    . LYS A 1 89  ? 2.70940   1.35260   3.64979   1.000 12.36000 ? 280 LYS A CA    1 
ATOM   666  C C     . LYS A 1 89  ? 2.42266   1.49284   2.16444   1.000 11.38000 ? 280 LYS A C     1 
ATOM   667  O O     . LYS A 1 89  ? 2.65135   0.55572   1.38765   1.000 11.70000 ? 280 LYS A O     1 
ATOM   668  C CB    . LYS A 1 89  ? 4.20979   1.12814   3.87569   1.000 12.67000 ? 280 LYS A CB    1 
ATOM   669  C CG    . LYS A 1 89  ? 4.66432   1.37479   5.29957   1.000 15.34000 ? 280 LYS A CG    1 
ATOM   670  C CD    . LYS A 1 89  ? 6.18500   1.22133   5.45396   1.000 16.28000 ? 280 LYS A CD    1 
ATOM   671  C CE    . LYS A 1 89  ? 6.57109   1.33042   6.91098   1.000 18.49000 ? 280 LYS A CE    1 
ATOM   672  N NZ    . LYS A 1 89  ? 8.02499   1.17510   7.15447   1.000 17.59000 ? 280 LYS A NZ    1 
ATOM   673  N N     . ILE A 1 90  ? 1.92732   2.66086   1.77938   1.000 11.12000 ? 281 ILE A N     1 
ATOM   674  C CA    . ILE A 1 90  ? 1.62387   2.99099   0.39455   1.000 8.86000  ? 281 ILE A CA    1 
ATOM   675  C C     . ILE A 1 90  ? 2.60750   4.05837   -0.05898  1.000 13.70000 ? 281 ILE A C     1 
ATOM   676  O O     . ILE A 1 90  ? 2.80926   5.06728   0.64063   1.000 10.93000 ? 281 ILE A O     1 
ATOM   677  C CB    . ILE A 1 90  ? 0.17755   3.48940   0.25434   1.000 10.39000 ? 281 ILE A CB    1 
ATOM   678  C CG1   . ILE A 1 90  ? -0.80336  2.36500   0.59389   1.000 9.38000  ? 281 ILE A CG1   1 
ATOM   679  C CG2   . ILE A 1 90  ? -0.06593  4.02517   -1.14087  1.000 7.58000  ? 281 ILE A CG2   1 
ATOM   680  C CD1   . ILE A 1 90  ? -2.20688  2.85948   0.85866   1.000 11.55000 ? 281 ILE A CD1   1 
ATOM   681  N N     . LEU A 1 91  ? 3.22419   3.83387   -1.21807  1.000 8.50000  ? 282 LEU A N     1 
ATOM   682  C CA    . LEU A 1 91  ? 4.05869   4.83540   -1.85727  1.000 11.68000 ? 282 LEU A CA    1 
ATOM   683  C C     . LEU A 1 91  ? 3.22521   5.65145   -2.82750  1.000 13.51000 ? 282 LEU A C     1 
ATOM   684  O O     . LEU A 1 91  ? 2.43677   5.10298   -3.60800  1.000 13.40000 ? 282 LEU A O     1 
ATOM   685  C CB    . LEU A 1 91  ? 5.21971   4.18474   -2.60747  1.000 11.71000 ? 282 LEU A CB    1 
ATOM   686  C CG    . LEU A 1 91  ? 6.05674   3.26477   -1.73471  1.000 13.58000 ? 282 LEU A CG    1 
ATOM   687  C CD1   . LEU A 1 91  ? 6.89151   2.36319   -2.63171  1.000 18.13000 ? 282 LEU A CD1   1 
ATOM   688  C CD2   . LEU A 1 91  ? 6.93283   4.11126   -0.80195  1.000 16.09000 ? 282 LEU A CD2   1 
ATOM   689  N N     . ALA A 1 92  ? 3.42047   6.96178   -2.79660  1.000 11.27000 ? 283 ALA A N     1 
ATOM   690  C CA    . ALA A 1 92  ? 2.68552   7.84374   -3.68944  1.000 10.11000 ? 283 ALA A CA    1 
ATOM   691  C C     . ALA A 1 92  ? 3.60794   8.95525   -4.14887  1.000 12.47000 ? 283 ALA A C     1 
ATOM   692  O O     . ALA A 1 92  ? 4.29396   9.56180   -3.32173  1.000 11.16000 ? 283 ALA A O     1 
ATOM   693  C CB    . ALA A 1 92  ? 1.46232   8.43313   -2.99104  1.000 14.15000 ? 283 ALA A CB    1 
ATOM   694  N N     . HIS A 1 93  ? 3.60049   9.23325   -5.45127  1.000 12.01000 ? 284 HIS A N     1 
ATOM   695  C CA    . HIS A 1 93  ? 4.38530   10.34565  -5.97595  1.000 13.62000 ? 284 HIS A CA    1 
ATOM   696  C C     . HIS A 1 93  ? 3.98444   11.64721  -5.29670  1.000 12.00000 ? 284 HIS A C     1 
ATOM   697  O O     . HIS A 1 93  ? 2.79925   11.92257  -5.09636  1.000 12.00000 ? 284 HIS A O     1 
ATOM   698  C CB    . HIS A 1 93  ? 4.19496   10.46328  -7.48740  1.000 15.34000 ? 284 HIS A CB    1 
ATOM   699  C CG    . HIS A 1 93  ? 5.19719   11.34959  -8.15551  1.000 15.55000 ? 284 HIS A CG    1 
ATOM   700  N ND1   . HIS A 1 93  ? 5.15914   12.72561  -8.05771  1.000 15.96000 ? 284 HIS A ND1   1 
ATOM   701  C CD2   . HIS A 1 93  ? 6.27342   11.05741  -8.92211  1.000 17.02000 ? 284 HIS A CD2   1 
ATOM   702  C CE1   . HIS A 1 93  ? 6.16267   13.24088  -8.74655  1.000 18.51000 ? 284 HIS A CE1   1 
ATOM   703  N NE2   . HIS A 1 93  ? 6.85391   12.24829  -9.28079  1.000 17.17000 ? 284 HIS A NE2   1 
ATOM   704  N N     . ASN A 1 94  ? 4.99148   12.45031  -4.95292  1.000 13.90000 ? 285 ASN A N     1 
ATOM   705  C CA    . ASN A 1 94  ? 4.77071   13.71115  -4.24835  1.000 10.39000 ? 285 ASN A CA    1 
ATOM   706  C C     . ASN A 1 94  ? 3.72041   14.59260  -4.92711  1.000 14.74000 ? 285 ASN A C     1 
ATOM   707  O O     . ASN A 1 94  ? 3.01028   15.35032  -4.24756  1.000 11.97000 ? 285 ASN A O     1 
ATOM   708  C CB    . ASN A 1 94  ? 6.10167   14.45829  -4.14565  1.000 12.75000 ? 285 ASN A CB    1 
ATOM   709  C CG    . ASN A 1 94  ? 6.05434   15.62805  -3.18114  1.000 12.29000 ? 285 ASN A CG    1 
ATOM   710  O OD1   . ASN A 1 94  ? 5.77640   15.46032  -1.99539  1.000 12.74000 ? 285 ASN A OD1   1 
ATOM   711  N ND2   . ASN A 1 94  ? 6.34776   16.81912  -3.68411  1.000 16.58000 ? 285 ASN A ND2   1 
ATOM   712  N N     . ASN A 1 95  ? 3.60355   14.51901  -6.25638  1.000 10.52000 ? 286 ASN A N     1 
ATOM   713  C CA    . ASN A 1 95  ? 2.64566   15.37213  -6.94807  1.000 14.48000 ? 286 ASN A CA    1 
ATOM   714  C C     . ASN A 1 95  ? 1.20424   15.09319  -6.52502  1.000 17.84000 ? 286 ASN A C     1 
ATOM   715  O O     . ASN A 1 95  ? 0.33636   15.93155  -6.77521  1.000 14.29000 ? 286 ASN A O     1 
ATOM   716  C CB    . ASN A 1 95  ? 2.78167   15.21270  -8.46008  1.000 16.66000 ? 286 ASN A CB    1 
ATOM   717  C CG    . ASN A 1 95  ? 4.07678   15.80081  -9.00398  1.000 18.77000 ? 286 ASN A CG    1 
ATOM   718  O OD1   . ASN A 1 95  ? 4.80079   16.50582  -8.30479  1.000 19.84000 ? 286 ASN A OD1   1 
ATOM   719  N ND2   . ASN A 1 95  ? 4.37630   15.49441  -10.25582 1.000 20.95000 ? 286 ASN A ND2   1 
ATOM   720  N N     . PHE A 1 96  ? 0.92549   13.94620  -5.88935  1.000 13.60000 ? 287 PHE A N     1 
ATOM   721  C CA    . PHE A 1 96  ? -0.43827  13.60110  -5.49123  1.000 15.23000 ? 287 PHE A CA    1 
ATOM   722  C C     . PHE A 1 96  ? -0.72105  13.80911  -4.00900  1.000 14.86000 ? 287 PHE A C     1 
ATOM   723  O O     . PHE A 1 96  ? -1.86275  13.61952  -3.58612  1.000 19.82000 ? 287 PHE A O     1 
ATOM   724  C CB    . PHE A 1 96  ? -0.75533  12.13517  -5.82096  1.000 20.51000 ? 287 PHE A CB    1 
ATOM   725  C CG    . PHE A 1 96  ? -0.28435  11.69452  -7.17825  1.000 15.00000 ? 287 PHE A CG    1 
ATOM   726  C CD1   . PHE A 1 96  ? -0.53478  12.46629  -8.29677  1.000 21.20000 ? 287 PHE A CD1   1 
ATOM   727  C CD2   . PHE A 1 96  ? 0.40462   10.49298  -7.33033  1.000 22.28000 ? 287 PHE A CD2   1 
ATOM   728  C CE1   . PHE A 1 96  ? -0.09891  12.05694  -9.54484  1.000 25.49000 ? 287 PHE A CE1   1 
ATOM   729  C CE2   . PHE A 1 96  ? 0.83439   10.07718  -8.57569  1.000 24.33000 ? 287 PHE A CE2   1 
ATOM   730  C CZ    . PHE A 1 96  ? 0.58585   10.86282  -9.68030  1.000 25.97000 ? 287 PHE A CZ    1 
ATOM   731  N N     . VAL A 1 97  ? 0.26350   14.15842  -3.19530  1.000 14.09000 ? 288 VAL A N     1 
ATOM   732  C CA    . VAL A 1 97  ? 0.01751   14.08207  -1.75647  1.000 15.27000 ? 288 VAL A CA    1 
ATOM   733  C C     . VAL A 1 97  ? -0.64892  15.33360  -1.18883  1.000 17.10000 ? 288 VAL A C     1 
ATOM   734  O O     . VAL A 1 97  ? -1.36338  15.22945  -0.18124  1.000 16.13000 ? 288 VAL A O     1 
ATOM   735  C CB    . VAL A 1 97  ? 1.29970   13.72657  -0.98071  1.000 16.34000 ? 288 VAL A CB    1 
ATOM   736  C CG1   . VAL A 1 97  ? 1.73207   12.29646  -1.32470  1.000 19.35000 ? 288 VAL A CG1   1 
ATOM   737  C CG2   . VAL A 1 97  ? 2.40349   14.65574  -1.30995  1.000 21.81000 ? 288 VAL A CG2   1 
ATOM   738  N N     . GLY A 1 98  ? -0.47875  16.50034  -1.81778  1.000 18.64000 ? 289 GLY A N     1 
ATOM   739  C CA    . GLY A 1 98  ? -1.23391  17.67156  -1.38350  1.000 15.60000 ? 289 GLY A CA    1 
ATOM   740  C C     . GLY A 1 98  ? -2.73470  17.43199  -1.34104  1.000 16.92000 ? 289 GLY A C     1 
ATOM   741  O O     . GLY A 1 98  ? -3.41386  17.82606  -0.38489  1.000 16.92000 ? 289 GLY A O     1 
ATOM   742  N N     . ARG A 1 99  ? -3.27383  16.75902  -2.36126  1.000 14.79000 ? 290 ARG A N     1 
ATOM   743  C CA    . ARG A 1 99  ? -4.71890  16.52847  -2.39994  1.000 17.03000 ? 290 ARG A CA    1 
ATOM   744  C C     . ARG A 1 99  ? -5.13921  15.47538  -1.38320  1.000 14.12000 ? 290 ARG A C     1 
ATOM   745  O O     . ARG A 1 99  ? -6.21680  15.57495  -0.78071  1.000 14.14000 ? 290 ARG A O     1 
ATOM   746  C CB    . ARG A 1 99  ? -5.15616  16.10968  -3.80254  1.000 17.71000 ? 290 ARG A CB    1 
ATOM   747  C CG    . ARG A 1 99  ? -6.66164  15.85661  -3.92750  1.000 14.49000 ? 290 ARG A CG    1 
ATOM   748  C CD    . ARG A 1 99  ? -7.07461  15.56611  -5.36425  1.000 20.32000 ? 290 ARG A CD    1 
ATOM   749  N NE    . ARG A 1 99  ? -6.65719  16.64114  -6.26547  1.000 22.72000 ? 290 ARG A NE    1 
ATOM   750  C CZ    . ARG A 1 99  ? -7.49024  17.47171  -6.87802  1.000 20.69000 ? 290 ARG A CZ    1 
ATOM   751  N NH1   . ARG A 1 99  ? -8.80027  17.35758  -6.70826  1.000 20.01000 ? 290 ARG A NH1   1 
ATOM   752  N NH2   . ARG A 1 99  ? -7.00851  18.42025  -7.66595  1.000 26.07000 ? 290 ARG A NH2   1 
ATOM   753  N N     . LEU A 1 100 ? -4.30953  14.44803  -1.19297  1.000 14.75000 ? 291 LEU A N     1 
ATOM   754  C CA    . LEU A 1 100 ? -4.59138  13.44571  -0.17515  1.000 14.52000 ? 291 LEU A CA    1 
ATOM   755  C C     . LEU A 1 100 ? -4.66507  14.07640  1.21182   1.000 13.82000 ? 291 LEU A C     1 
ATOM   756  O O     . LEU A 1 100 ? -5.56084  13.76133  2.00637   1.000 12.76000 ? 291 LEU A O     1 
ATOM   757  C CB    . LEU A 1 100 ? -3.50680  12.36701  -0.21942  1.000 10.42000 ? 291 LEU A CB    1 
ATOM   758  C CG    . LEU A 1 100 ? -3.53572  11.29278  0.87015   1.000 12.12000 ? 291 LEU A CG    1 
ATOM   759  C CD1   . LEU A 1 100 ? -4.80575  10.45729  0.79860   1.000 14.24000 ? 291 LEU A CD1   1 
ATOM   760  C CD2   . LEU A 1 100 ? -2.32743  10.40916  0.69454   1.000 11.42000 ? 291 LEU A CD2   1 
ATOM   761  N N     . ILE A 1 101 ? -3.73039  14.97487  1.51583   1.000 11.93000 ? 292 ILE A N     1 
ATOM   762  C CA    . ILE A 1 101 ? -3.71293  15.63171  2.81998   1.000 14.26000 ? 292 ILE A CA    1 
ATOM   763  C C     . ILE A 1 101 ? -4.83600  16.65391  2.91565   1.000 16.57000 ? 292 ILE A C     1 
ATOM   764  O O     . ILE A 1 101 ? -5.61681  16.65634  3.87824   1.000 16.69000 ? 292 ILE A O     1 
ATOM   765  C CB    . ILE A 1 101 ? -2.33788  16.27304  3.05875   1.000 13.67000 ? 292 ILE A CB    1 
ATOM   766  C CG1   . ILE A 1 101 ? -1.28333  15.16976  3.13698   1.000 15.91000 ? 292 ILE A CG1   1 
ATOM   767  C CG2   . ILE A 1 101 ? -2.34533  17.10260  4.34014   1.000 14.39000 ? 292 ILE A CG2   1 
ATOM   768  C CD1   . ILE A 1 101 ? 0.10169   15.70030  3.40498   1.000 21.53000 ? 292 ILE A CD1   1 
ATOM   769  N N     . GLY A 1 102 ? -4.93952  17.52823  1.91862   1.000 15.07000 ? 293 GLY A N     1 
ATOM   770  C CA    . GLY A 1 102 ? -5.93102  18.58159  1.90739   1.000 16.72000 ? 293 GLY A CA    1 
ATOM   771  C C     . GLY A 1 102 ? -5.54547  19.75457  2.79514   1.000 20.62000 ? 293 GLY A C     1 
ATOM   772  O O     . GLY A 1 102 ? -4.67951  19.66403  3.66657   1.000 17.52000 ? 293 GLY A O     1 
ATOM   773  N N     . LYS A 1 103 ? -6.20849  20.88768  2.55446   1.000 22.47000 ? 294 LYS A N     1 
ATOM   774  C CA    . LYS A 1 103 ? -5.99146  22.07317  3.37970   1.000 25.55000 ? 294 LYS A CA    1 
ATOM   775  C C     . LYS A 1 103 ? -6.16571  21.74655  4.84794   1.000 22.87000 ? 294 LYS A C     1 
ATOM   776  O O     . LYS A 1 103 ? -7.14778  21.10954  5.24025   1.000 26.38000 ? 294 LYS A O     1 
ATOM   777  C CB    . LYS A 1 103 ? -6.96210  23.19023  3.00839   1.000 30.88000 ? 294 LYS A CB    1 
ATOM   778  C CG    . LYS A 1 103 ? -6.38444  24.23122  2.10156   1.000 34.28000 ? 294 LYS A CG    1 
ATOM   779  C CD    . LYS A 1 103 ? -6.49118  23.73200  0.68387   1.000 37.51000 ? 294 LYS A CD    1 
ATOM   780  C CE    . LYS A 1 103 ? -7.09134  24.79516  -0.22354  1.000 38.25000 ? 294 LYS A CE    1 
ATOM   781  N NZ    . LYS A 1 103 ? -7.25666  24.29606  -1.62476  1.000 44.45000 ? 294 LYS A NZ    1 
ATOM   782  N N     . GLU A 1 104 ? -5.20623  22.19637  5.65404   1.000 23.93000 ? 295 GLU A N     1 
ATOM   783  C CA    . GLU A 1 104 ? -5.21879  21.97553  7.09714   1.000 29.83000 ? 295 GLU A CA    1 
ATOM   784  C C     . GLU A 1 104 ? -5.36527  20.49927  7.43599   1.000 27.30000 ? 295 GLU A C     1 
ATOM   785  O O     . GLU A 1 104 ? -5.85678  20.14905  8.51160   1.000 23.67000 ? 295 GLU A O     1 
ATOM   786  C CB    . GLU A 1 104 ? -6.33204  22.78919  7.77032   1.000 33.07000 ? 295 GLU A CB    1 
ATOM   787  C CG    . GLU A 1 104 ? -6.41195  24.23547  7.31283   1.000 34.63000 ? 295 GLU A CG    1 
ATOM   788  C CD    . GLU A 1 104 ? -5.13160  25.00419  7.57256   1.000 38.85000 ? 295 GLU A CD    1 
ATOM   789  O OE1   . GLU A 1 104 ? -4.91658  26.02448  6.88484   1.000 47.57000 ? 295 GLU A OE1   1 
ATOM   790  O OE2   . GLU A 1 104 ? -4.34318  24.59986  8.46119   1.000 42.84000 ? 295 GLU A OE2   1 
ATOM   791  N N     . GLY A 1 105 ? -4.95214  19.62580  6.51821   1.000 23.05000 ? 296 GLY A N     1 
ATOM   792  C CA    . GLY A 1 105 ? -5.05923  18.20016  6.75580   1.000 19.70000 ? 296 GLY A CA    1 
ATOM   793  C C     . GLY A 1 105 ? -6.46664  17.65417  6.73347   1.000 19.89000 ? 296 GLY A C     1 
ATOM   794  O O     . GLY A 1 105 ? -6.68354  16.52356  7.17780   1.000 18.62000 ? 296 GLY A O     1 
ATOM   795  N N     . ARG A 1 106 ? -7.42787  18.40927  6.19299   1.000 19.57000 ? 297 ARG A N     1 
ATOM   796  C CA    . ARG A 1 106 ? -8.83612  18.03181  6.32535   1.000 22.49000 ? 297 ARG A CA    1 
ATOM   797  C C     . ARG A 1 106 ? -9.13036  16.69933  5.64479   1.000 24.08000 ? 297 ARG A C     1 
ATOM   798  O O     . ARG A 1 106 ? -9.87247  15.86869  6.18663   1.000 21.05000 ? 297 ARG A O     1 
ATOM   799  C CB    . ARG A 1 106 ? -9.74090  19.13419  5.75700   1.000 25.29000 ? 297 ARG A CB    1 
ATOM   800  C CG    . ARG A 1 106 ? -10.47622 19.95565  6.82354   1.000 32.14000 ? 297 ARG A CG    1 
ATOM   801  C CD    . ARG A 1 106 ? -10.55418 21.44120  6.45214   1.000 44.21000 ? 297 ARG A CD    1 
ATOM   802  N NE    . ARG A 1 106 ? -10.77095 22.30755  7.61641   1.000 47.41000 ? 297 ARG A NE    1 
ATOM   803  C CZ    . ARG A 1 106 ? -10.50069 23.61205  7.64458   1.000 46.09000 ? 297 ARG A CZ    1 
ATOM   804  N NH1   . ARG A 1 106 ? -10.00166 24.21439  6.57204   1.000 46.49000 ? 297 ARG A NH1   1 
ATOM   805  N NH2   . ARG A 1 106 ? -10.72597 24.31817  8.74635   1.000 49.45000 ? 297 ARG A NH2   1 
ATOM   806  N N     . ASN A 1 107 ? -8.54693  16.46441  4.46696   1.000 16.96000 ? 298 ASN A N     1 
ATOM   807  C CA    . ASN A 1 107 ? -8.86260  15.24306  3.73665   1.000 15.60000 ? 298 ASN A CA    1 
ATOM   808  C C     . ASN A 1 107 ? -8.30722  14.02262  4.46035   1.000 17.15000 ? 298 ASN A C     1 
ATOM   809  O O     . ASN A 1 107 ? -9.00431  13.01537  4.62699   1.000 19.92000 ? 298 ASN A O     1 
ATOM   810  C CB    . ASN A 1 107 ? -8.32548  15.32693  2.30673   1.000 18.97000 ? 298 ASN A CB    1 
ATOM   811  C CG    . ASN A 1 107 ? -9.20243  16.17959  1.39867   1.000 24.71000 ? 298 ASN A CG    1 
ATOM   812  O OD1   . ASN A 1 107 ? -10.34052 16.50362  1.74576   1.000 32.46000 ? 298 ASN A OD1   1 
ATOM   813  N ND2   . ASN A 1 107 ? -8.67850  16.54394  0.22568   1.000 21.39000 ? 298 ASN A ND2   1 
ATOM   814  N N     . LEU A 1 108 ? -7.05821  14.10166  4.91600   1.000 15.10000 ? 299 LEU A N     1 
ATOM   815  C CA    . LEU A 1 108 ? -6.45338  12.95178  5.57481   1.000 13.11000 ? 299 LEU A CA    1 
ATOM   816  C C     . LEU A 1 108 ? -7.14781  12.66345  6.89807   1.000 19.03000 ? 299 LEU A C     1 
ATOM   817  O O     . LEU A 1 108 ? -7.38521  11.49751  7.24685   1.000 15.14000 ? 299 LEU A O     1 
ATOM   818  C CB    . LEU A 1 108 ? -4.96125  13.19783  5.77617   1.000 16.51000 ? 299 LEU A CB    1 
ATOM   819  C CG    . LEU A 1 108 ? -4.19082  11.99857  6.31989   1.000 14.77000 ? 299 LEU A CG    1 
ATOM   820  C CD1   . LEU A 1 108 ? -4.01750  11.01627  5.17719   1.000 21.43000 ? 299 LEU A CD1   1 
ATOM   821  C CD2   . LEU A 1 108 ? -2.83676  12.39285  6.87583   1.000 24.51000 ? 299 LEU A CD2   1 
ATOM   822  N N     . LYS A 1 109 ? -7.51931  13.71521  7.63093   1.000 16.41000 ? 300 LYS A N     1 
ATOM   823  C CA    . LYS A 1 109 ? -8.28804  13.52070  8.85373   1.000 18.09000 ? 300 LYS A CA    1 
ATOM   824  C C     . LYS A 1 109 ? -9.63862  12.87621  8.56114   1.000 18.99000 ? 300 LYS A C     1 
ATOM   825  O O     . LYS A 1 109 ? -10.13129 12.07016  9.35417   1.000 18.02000 ? 300 LYS A O     1 
ATOM   826  C CB    . LYS A 1 109 ? -8.47384  14.85643  9.57463   1.000 21.44000 ? 300 LYS A CB    1 
ATOM   827  C CG    . LYS A 1 109 ? -7.17357  15.50444  10.07090  1.000 25.72000 ? 300 LYS A CG    1 
ATOM   828  C CD    . LYS A 1 109 ? -7.47974  16.72265  10.96432  1.000 30.72000 ? 300 LYS A CD    1 
ATOM   829  C CE    . LYS A 1 109 ? -6.25250  17.59703  11.20441  1.000 38.94000 ? 300 LYS A CE    1 
ATOM   830  N NZ    . LYS A 1 109 ? -6.49149  19.02689  10.82849  1.000 34.67000 ? 300 LYS A NZ    1 
ATOM   831  N N     . LYS A 1 110 ? -10.26106 13.21126  7.43193   1.000 20.41000 ? 301 LYS A N     1 
ATOM   832  C CA    . LYS A 1 110 ? -11.53261 12.55804  7.12738   1.000 22.04000 ? 301 LYS A CA    1 
ATOM   833  C C     . LYS A 1 110 ? -11.33499 11.06338  6.89875   1.000 19.66000 ? 301 LYS A C     1 
ATOM   834  O O     . LYS A 1 110 ? -12.12944 10.24461  7.38071   1.000 18.44000 ? 301 LYS A O     1 
ATOM   835  C CB    . LYS A 1 110 ? -12.20412 13.19996  5.92005   1.000 22.49000 ? 301 LYS A CB    1 
ATOM   836  C CG    . LYS A 1 110 ? -13.44880 12.42858  5.45160   1.000 23.86000 ? 301 LYS A CG    1 
ATOM   837  C CD    . LYS A 1 110 ? -14.44742 13.29768  4.70305   1.000 29.49000 ? 301 LYS A CD    1 
ATOM   838  C CE    . LYS A 1 110 ? -15.41003 12.43933  3.87534   1.000 37.22000 ? 301 LYS A CE    1 
ATOM   839  N NZ    . LYS A 1 110 ? -15.92739 11.24724  4.61521   1.000 33.16000 ? 301 LYS A NZ    1 
ATOM   840  N N     . ILE A 1 111 ? -10.27066 10.68430  6.18514   1.000 19.54000 ? 302 ILE A N     1 
ATOM   841  C CA    . ILE A 1 111 ? -10.01294 9.26096   5.96449   1.000 16.79000 ? 302 ILE A CA    1 
ATOM   842  C C     . ILE A 1 111 ? -9.73283  8.56023   7.28756   1.000 17.35000 ? 302 ILE A C     1 
ATOM   843  O O     . ILE A 1 111 ? -10.24245 7.46454   7.54052   1.000 19.38000 ? 302 ILE A O     1 
ATOM   844  C CB    . ILE A 1 111 ? -8.86484  9.06456   4.95770   1.000 17.05000 ? 302 ILE A CB    1 
ATOM   845  C CG1   . ILE A 1 111 ? -9.23216  9.68134   3.60912   1.000 14.63000 ? 302 ILE A CG1   1 
ATOM   846  C CG2   . ILE A 1 111 ? -8.53241  7.57219   4.79448   1.000 15.45000 ? 302 ILE A CG2   1 
ATOM   847  C CD1   . ILE A 1 111 ? -8.08366  9.67111   2.63743   1.000 18.61000 ? 302 ILE A CD1   1 
ATOM   848  N N     . GLU A 1 112 ? -8.94592  9.18674   8.16610   1.000 15.48000 ? 303 GLU A N     1 
ATOM   849  C CA    . GLU A 1 112 ? -8.69482  8.58217   9.47385   1.000 17.83000 ? 303 GLU A CA    1 
ATOM   850  C C     . GLU A 1 112 ? -9.99377  8.32532   10.24006  1.000 23.75000 ? 303 GLU A C     1 
ATOM   851  O O     . GLU A 1 112 ? -10.17031 7.25004   10.82447  1.000 25.39000 ? 303 GLU A O     1 
ATOM   852  C CB    . GLU A 1 112 ? -7.75455  9.47092   10.28667  1.000 23.12000 ? 303 GLU A CB    1 
ATOM   853  C CG    . GLU A 1 112 ? -6.29345  9.34508   9.88666   1.000 16.63000 ? 303 GLU A CG    1 
ATOM   854  C CD    . GLU A 1 112 ? -5.38958  10.25990  10.69355  1.000 20.07000 ? 303 GLU A CD    1 
ATOM   855  O OE1   . GLU A 1 112 ? -5.76218  11.43476  10.91553  1.000 18.73000 ? 303 GLU A OE1   1 
ATOM   856  O OE2   . GLU A 1 112 ? -4.29739  9.81048   11.09806  1.000 16.16000 ? 303 GLU A OE2   1 
ATOM   857  N N     . GLN A 1 113 ? -10.91994 9.28977   10.24162  1.000 21.90000 ? 304 GLN A N     1 
ATOM   858  C CA    . GLN A 1 113 ? -12.18555 9.09690   10.95485  1.000 25.51000 ? 304 GLN A CA    1 
ATOM   859  C C     . GLN A 1 113 ? -13.04177 8.01448   10.30090  1.000 25.46000 ? 304 GLN A C     1 
ATOM   860  O O     . GLN A 1 113 ? -13.57482 7.13806   10.99106  1.000 25.54000 ? 304 GLN A O     1 
ATOM   861  C CB    . GLN A 1 113 ? -12.97579 10.40823  11.01695  1.000 22.80000 ? 304 GLN A CB    1 
ATOM   862  C CG    . GLN A 1 113 ? -12.23747 11.62826  11.56055  1.000 29.60000 ? 304 GLN A CG    1 
ATOM   863  C CD    . GLN A 1 113 ? -11.43326 11.34814  12.81895  1.000 41.26000 ? 304 GLN A CD    1 
ATOM   864  O OE1   . GLN A 1 113 ? -10.20025 11.23157  12.77480  1.000 41.82000 ? 304 GLN A OE1   1 
ATOM   865  N NE2   . GLN A 1 113 ? -12.12190 11.26792  13.95530  1.000 43.36000 ? 304 GLN A NE2   1 
ATOM   866  N N     . ASP A 1 114 ? -13.18890 8.07284   8.96650   1.000 24.73000 ? 305 ASP A N     1 
ATOM   867  C CA    . ASP A 1 114 ? -14.09739 7.18807   8.22601   1.000 24.95000 ? 305 ASP A CA    1 
ATOM   868  C C     . ASP A 1 114 ? -13.65943 5.74174   8.28001   1.000 29.87000 ? 305 ASP A C     1 
ATOM   869  O O     . ASP A 1 114 ? -14.42298 4.85376   8.68451   1.000 27.08000 ? 305 ASP A O     1 
ATOM   870  C CB    . ASP A 1 114 ? -14.13779 7.56291   6.74781   1.000 25.86000 ? 305 ASP A CB    1 
ATOM   871  C CG    . ASP A 1 114 ? -14.86586 8.80808   6.48208   1.000 26.88000 ? 305 ASP A CG    1 
ATOM   872  O OD1   . ASP A 1 114 ? -15.64751 9.22391   7.35330   1.000 27.85000 ? 305 ASP A OD1   1 
ATOM   873  O OD2   . ASP A 1 114 ? -14.64137 9.35101   5.37926   1.000 28.67000 ? 305 ASP A OD2   1 
ATOM   874  N N     . THR A 1 115 ? -12.34639 5.53032   8.40273   1.000 33.34000 ? 306 THR A N     1 
ATOM   875  C CA    . THR A 1 115 ? -11.80186 4.14477   8.41806   1.000 34.11000 ? 306 THR A CA    1 
ATOM   876  C C     . THR A 1 115 ? -11.22208 3.70032   9.75666   1.000 30.31000 ? 306 THR A C     1 
ATOM   877  O O     . THR A 1 115 ? -10.80205 2.57468   9.83594   1.000 40.86000 ? 306 THR A O     1 
ATOM   878  C CB    . THR A 1 115 ? -10.71778 4.03647   7.34906   1.000 24.77000 ? 306 THR A CB    1 
ATOM   879  O OG1   . THR A 1 115 ? -9.62646  4.79506   7.81888   1.000 22.37000 ? 306 THR A OG1   1 
ATOM   880  C CG2   . THR A 1 115 ? -11.16754 4.56946   6.01220   1.000 23.06000 ? 306 THR A CG2   1 
ATOM   881  N N     . ASP A 1 116 ? -11.19232 4.55892   10.75516  1.000 33.47000 ? 307 ASP A N     1 
ATOM   882  C CA    . ASP A 1 116 ? -10.59781 4.23946   12.07076  1.000 30.04000 ? 307 ASP A CA    1 
ATOM   883  C C     . ASP A 1 116 ? -9.13977  3.80697   11.94909  1.000 40.62000 ? 307 ASP A C     1 
ATOM   884  O O     . ASP A 1 116 ? -8.81687  2.73020   12.41456  1.000 46.94000 ? 307 ASP A O     1 
ATOM   885  C CB    . ASP A 1 116 ? -11.36448 3.21854   12.92530  1.000 46.05000 ? 307 ASP A CB    1 
ATOM   886  C CG    . ASP A 1 116 ? -10.75577 3.13478   14.32062  1.000 52.02000 ? 307 ASP A CG    1 
ATOM   887  O OD1   . ASP A 1 116 ? -10.21812 2.08841   14.66232  1.000 56.64000 ? 307 ASP A OD1   1 
ATOM   888  O OD2   . ASP A 1 116 ? -10.78733 4.14959   15.03814  1.000 56.96000 ? 307 ASP A OD2   1 
ATOM   889  N N     . THR A 1 117 ? -8.32762  4.64302   11.34272  1.000 26.20000 ? 308 THR A N     1 
ATOM   890  C CA    . THR A 1 117 ? -6.89497  4.36957   11.25687  1.000 24.18000 ? 308 THR A CA    1 
ATOM   891  C C     . THR A 1 117 ? -6.14970  5.63504   11.64615  1.000 25.53000 ? 308 THR A C     1 
ATOM   892  O O     . THR A 1 117 ? -6.71645  6.68990   11.76126  1.000 24.70000 ? 308 THR A O     1 
ATOM   893  C CB    . THR A 1 117 ? -6.46051  4.02128   9.82781   1.000 17.96000 ? 308 THR A CB    1 
ATOM   894  O OG1   . THR A 1 117 ? -6.87695  5.02899   8.92042   1.000 16.03000 ? 308 THR A OG1   1 
ATOM   895  C CG2   . THR A 1 117 ? -6.89143  2.64619   9.37649   1.000 19.79000 ? 308 THR A CG2   1 
ATOM   896  N N     . LYS A 1 118 ? -4.88363  5.45875   11.84947  1.000 19.78000 ? 309 LYS A N     1 
ATOM   897  C CA    . LYS A 1 118 ? -3.95806  6.56313   12.06451  1.000 21.04000 ? 309 LYS A CA    1 
ATOM   898  C C     . LYS A 1 118 ? -2.98097  6.57656   10.89849  1.000 19.19000 ? 309 LYS A C     1 
ATOM   899  O O     . LYS A 1 118 ? -2.25519  5.59993   10.68367  1.000 17.16000 ? 309 LYS A O     1 
ATOM   900  C CB    . LYS A 1 118 ? -3.21386  6.42427   13.39465  1.000 23.95000 ? 309 LYS A CB    1 
ATOM   901  C CG    . LYS A 1 118 ? -2.06003  7.39250   13.55622  1.000 25.36000 ? 309 LYS A CG    1 
ATOM   902  C CD    . LYS A 1 118 ? -2.48958  8.72522   14.20629  1.000 32.98000 ? 309 LYS A CD    1 
ATOM   903  C CE    . LYS A 1 118 ? -1.56686  9.91205   13.82414  1.000 33.71000 ? 309 LYS A CE    1 
ATOM   904  N NZ    . LYS A 1 118 ? -0.13563  9.64301   14.12823  1.000 32.03000 ? 309 LYS A NZ    1 
ATOM   905  N N     . ILE A 1 119 ? -2.97386  7.66815   10.13920  1.000 17.70000 ? 310 ILE A N     1 
ATOM   906  C CA    . ILE A 1 119 ? -2.18754  7.75820   8.91513   1.000 14.34000 ? 310 ILE A CA    1 
ATOM   907  C C     . ILE A 1 119 ? -1.16531  8.86928   9.06843   1.000 16.50000 ? 310 ILE A C     1 
ATOM   908  O O     . ILE A 1 119 ? -1.52481  10.00581  9.39062   1.000 15.71000 ? 310 ILE A O     1 
ATOM   909  C CB    . ILE A 1 119 ? -3.07550  8.01780   7.68741   1.000 15.48000 ? 310 ILE A CB    1 
ATOM   910  C CG1   . ILE A 1 119 ? -4.18675  6.96761   7.59721   1.000 15.22000 ? 310 ILE A CG1   1 
ATOM   911  C CG2   . ILE A 1 119 ? -2.22607  8.06593   6.43233   1.000 15.32000 ? 310 ILE A CG2   1 
ATOM   912  C CD1   . ILE A 1 119 ? -5.33721  7.39436   6.70061   1.000 16.44000 ? 310 ILE A CD1   1 
ATOM   913  N N     . THR A 1 120 ? 0.09959   8.54284   8.82870   1.000 17.12000 ? 311 THR A N     1 
ATOM   914  C CA    . THR A 1 120 ? 1.17920   9.51940   8.80875   1.000 21.71000 ? 311 THR A CA    1 
ATOM   915  C C     . THR A 1 120 ? 1.92468   9.39819   7.48291   1.000 20.13000 ? 311 THR A C     1 
ATOM   916  O O     . THR A 1 120 ? 2.09216   8.29597   6.94981   1.000 19.48000 ? 311 THR A O     1 
ATOM   917  C CB    . THR A 1 120 ? 2.12674   9.31490   9.99452   1.000 20.29000 ? 311 THR A CB    1 
ATOM   918  O OG1   . THR A 1 120 ? 2.72898   8.02276   9.90317   1.000 26.91000 ? 311 THR A OG1   1 
ATOM   919  C CG2   . THR A 1 120 ? 1.36322   9.38939   11.30235  1.000 23.07000 ? 311 THR A CG2   1 
ATOM   920  N N     . ILE A 1 121 ? 2.34514   10.53014  6.93532   1.000 17.78000 ? 312 ILE A N     1 
ATOM   921  C CA    . ILE A 1 121 ? 3.03115   10.56513  5.64936   1.000 14.21000 ? 312 ILE A CA    1 
ATOM   922  C C     . ILE A 1 121 ? 4.46881   11.00227  5.87739   1.000 20.22000 ? 312 ILE A C     1 
ATOM   923  O O     . ILE A 1 121 ? 4.73268   11.87372  6.71455   1.000 16.90000 ? 312 ILE A O     1 
ATOM   924  C CB    . ILE A 1 121 ? 2.29814   11.50106  4.67120   1.000 16.69000 ? 312 ILE A CB    1 
ATOM   925  C CG1   . ILE A 1 121 ? 0.86458   10.99159  4.49263   1.000 16.90000 ? 312 ILE A CG1   1 
ATOM   926  C CG2   . ILE A 1 121 ? 3.07233   11.62261  3.34950   1.000 15.06000 ? 312 ILE A CG2   1 
ATOM   927  C CD1   . ILE A 1 121 ? 0.10358   11.62521  3.35414   1.000 16.27000 ? 312 ILE A CD1   1 
ATOM   928  N N     . SER A 1 122 ? 5.39938   10.38989  5.14472   1.000 15.52000 ? 313 SER A N     1 
ATOM   929  C CA    . SER A 1 122 ? 6.81221   10.67396  5.36463   1.000 17.26000 ? 313 SER A CA    1 
ATOM   930  C C     . SER A 1 122 ? 7.08182   12.15277  5.08807   1.000 16.76000 ? 313 SER A C     1 
ATOM   931  O O     . SER A 1 122 ? 6.36874   12.79512  4.31026   1.000 16.89000 ? 313 SER A O     1 
ATOM   932  C CB    . SER A 1 122 ? 7.70203   9.81539   4.46303   1.000 15.81000 ? 313 SER A CB    1 
ATOM   933  O OG    . SER A 1 122 ? 7.39322   10.00846  3.09946   1.000 16.16000 ? 313 SER A OG    1 
ATOM   934  N N     . PRO A 1 123 ? 8.08772   12.72615  5.73266   1.000 20.13000 ? 314 PRO A N     1 
ATOM   935  C CA    . PRO A 1 123 ? 8.31278   14.16710  5.58855   1.000 20.44000 ? 314 PRO A CA    1 
ATOM   936  C C     . PRO A 1 123 ? 8.83617   14.52492  4.20661   1.000 20.24000 ? 314 PRO A C     1 
ATOM   937  O O     . PRO A 1 123 ? 9.56688   13.76257  3.56785   1.000 17.15000 ? 314 PRO A O     1 
ATOM   938  C CB    . PRO A 1 123 ? 9.33939   14.48039  6.68010   1.000 20.72000 ? 314 PRO A CB    1 
ATOM   939  C CG    . PRO A 1 123 ? 9.93730   13.18377  7.03686   1.000 27.82000 ? 314 PRO A CG    1 
ATOM   940  C CD    . PRO A 1 123 ? 8.91093   12.13305  6.78945   1.000 17.93000 ? 314 PRO A CD    1 
ATOM   941  N N     . LEU A 1 124 ? 8.43715   15.71443  3.75362   1.000 16.98000 ? 315 LEU A N     1 
ATOM   942  C CA    . LEU A 1 124 ? 8.74120   16.16175  2.39606   1.000 16.72000 ? 315 LEU A CA    1 
ATOM   943  C C     . LEU A 1 124 ? 10.24314  16.18898  2.12445   1.000 18.29000 ? 315 LEU A C     1 
ATOM   944  O O     . LEU A 1 124 ? 10.69140  15.88317  1.01126   1.000 15.41000 ? 315 LEU A O     1 
ATOM   945  C CB    . LEU A 1 124 ? 8.12620   17.54429  2.17116   1.000 20.75000 ? 315 LEU A CB    1 
ATOM   946  C CG    . LEU A 1 124 ? 8.30819   18.16279  0.78349   1.000 16.45000 ? 315 LEU A CG    1 
ATOM   947  C CD1   . LEU A 1 124 ? 7.67075   17.29324  -0.25335  1.000 15.92000 ? 315 LEU A CD1   1 
ATOM   948  C CD2   . LEU A 1 124 ? 7.72226   19.55570  0.72725   1.000 19.03000 ? 315 LEU A CD2   1 
ATOM   949  N N     . GLN A 1 125 ? 11.03887  16.54859  3.12642   1.000 17.84000 ? 316 GLN A N     1 
ATOM   950  C CA    . GLN A 1 125 ? 12.47515  16.67893  2.93716   1.000 18.29000 ? 316 GLN A CA    1 
ATOM   951  C C     . GLN A 1 125 ? 13.22158  15.35346  3.04338   1.000 21.20000 ? 316 GLN A C     1 
ATOM   952  O O     . GLN A 1 125 ? 14.44560  15.34427  2.88453   1.000 26.50000 ? 316 GLN A O     1 
ATOM   953  C CB    . GLN A 1 125 ? 13.03600  17.68378  3.94722   1.000 24.27000 ? 316 GLN A CB    1 
ATOM   954  C CG    . GLN A 1 125 ? 12.80988  17.26414  5.37598   1.000 24.24000 ? 316 GLN A CG    1 
ATOM   955  C CD    . GLN A 1 125 ? 11.59843  17.91183  5.99339   1.000 26.47000 ? 316 GLN A CD    1 
ATOM   956  O OE1   . GLN A 1 125 ? 10.48436  17.80843  5.48314   1.000 25.29000 ? 316 GLN A OE1   1 
ATOM   957  N NE2   . GLN A 1 125 ? 11.80556  18.58382  7.11810   1.000 38.95000 ? 316 GLN A NE2   1 
ATOM   958  N N     . GLU A 1 126 ? 12.53365  14.23579  3.30019   1.000 18.26000 ? 317 GLU A N     1 
ATOM   959  C CA    . GLU A 1 126 ? 13.15667  12.92834  3.12527   1.000 19.52000 ? 317 GLU A CA    1 
ATOM   960  C C     . GLU A 1 126 ? 13.08957  12.41497  1.68898   1.000 20.23000 ? 317 GLU A C     1 
ATOM   961  O O     . GLU A 1 126 ? 13.68374  11.37131  1.39574   1.000 19.89000 ? 317 GLU A O     1 
ATOM   962  C CB    . GLU A 1 126 ? 12.51005  11.89824  4.05299   1.000 26.14000 ? 317 GLU A CB    1 
ATOM   963  C CG    . GLU A 1 126 ? 13.07037  11.86943  5.45815   1.000 28.57000 ? 317 GLU A CG    1 
ATOM   964  C CD    . GLU A 1 126 ? 12.34557  10.85657  6.32307   1.000 34.73000 ? 317 GLU A CD    1 
ATOM   965  O OE1   . GLU A 1 126 ? 11.78895  9.87631   5.76385   1.000 35.62000 ? 317 GLU A OE1   1 
ATOM   966  O OE2   . GLU A 1 126 ? 12.30026  11.06222  7.55318   1.000 36.00000 ? 317 GLU A OE2   1 
ATOM   967  N N     . LEU A 1 127 ? 12.38540  13.10255  0.78951   1.000 13.85000 ? 318 LEU A N     1 
ATOM   968  C CA    . LEU A 1 127 ? 12.47884  12.76254  -0.62282  1.000 18.39000 ? 318 LEU A CA    1 
ATOM   969  C C     . LEU A 1 127 ? 13.91593  12.94050  -1.10797  1.000 24.67000 ? 318 LEU A C     1 
ATOM   970  O O     . LEU A 1 127 ? 14.72618  13.63348  -0.49301  1.000 22.75000 ? 318 LEU A O     1 
ATOM   971  C CB    . LEU A 1 127 ? 11.54510  13.64245  -1.45935  1.000 17.88000 ? 318 LEU A CB    1 
ATOM   972  C CG    . LEU A 1 127 ? 10.04404  13.47311  -1.23364  1.000 15.01000 ? 318 LEU A CG    1 
ATOM   973  C CD1   . LEU A 1 127 ? 9.27958   14.46614  -2.08918  1.000 18.29000 ? 318 LEU A CD1   1 
ATOM   974  C CD2   . LEU A 1 127 ? 9.58517   12.03817  -1.54939  1.000 14.37000 ? 318 LEU A CD2   1 
ATOM   975  N N     . THR A 1 128 ? 14.23047  12.29143  -2.22025  1.000 22.55000 ? 319 THR A N     1 
ATOM   976  C CA    . THR A 1 128 ? 15.46838  12.52283  -2.94115  1.000 27.47000 ? 319 THR A CA    1 
ATOM   977  C C     . THR A 1 128 ? 15.10821  13.01829  -4.33303  1.000 31.09000 ? 319 THR A C     1 
ATOM   978  O O     . THR A 1 128 ? 13.94680  12.95947  -4.75031  1.000 28.39000 ? 319 THR A O     1 
ATOM   979  C CB    . THR A 1 128 ? 16.31637  11.24899  -3.01998  1.000 32.89000 ? 319 THR A CB    1 
ATOM   980  O OG1   . THR A 1 128 ? 15.63415  10.27390  -3.81653  1.000 35.75000 ? 319 THR A OG1   1 
ATOM   981  C CG2   . THR A 1 128 ? 16.52819  10.67537  -1.63864  1.000 31.84000 ? 319 THR A CG2   1 
ATOM   982  N N     . LEU A 1 129 ? 16.10072  13.53221  -5.05757  1.000 36.74000 ? 320 LEU A N     1 
ATOM   983  C CA    . LEU A 1 129 ? 15.78756  14.04029  -6.38910  1.000 36.70000 ? 320 LEU A CA    1 
ATOM   984  C C     . LEU A 1 129 ? 15.17661  12.95572  -7.26832  1.000 33.52000 ? 320 LEU A C     1 
ATOM   985  O O     . LEU A 1 129 ? 14.24087  13.22686  -8.02649  1.000 37.41000 ? 320 LEU A O     1 
ATOM   986  C CB    . LEU A 1 129 ? 17.03700  14.61175  -7.05366  1.000 41.15000 ? 320 LEU A CB    1 
ATOM   987  C CG    . LEU A 1 129 ? 16.83864  15.78516  -8.01652  1.000 48.80000 ? 320 LEU A CG    1 
ATOM   988  C CD1   . LEU A 1 129 ? 18.19292  16.45605  -8.28427  1.000 54.92000 ? 320 LEU A CD1   1 
ATOM   989  C CD2   . LEU A 1 129 ? 16.14565  15.36724  -9.32312  1.000 44.88000 ? 320 LEU A CD2   1 
ATOM   990  N N     . TYR A 1 130 ? 15.65899  11.72352  -7.15186  1.000 32.49000 ? 321 TYR A N     1 
ATOM   991  C CA    . TYR A 1 130 ? 15.24221  10.63969  -8.02835  1.000 29.29000 ? 321 TYR A CA    1 
ATOM   992  C C     . TYR A 1 130 ? 14.34838  9.61296   -7.34382  1.000 32.09000 ? 321 TYR A C     1 
ATOM   993  O O     . TYR A 1 130 ? 14.00473  8.60182   -7.96218  1.000 35.22000 ? 321 TYR A O     1 
ATOM   994  C CB    . TYR A 1 130 ? 16.48377  9.96368   -8.62357  1.000 32.53000 ? 321 TYR A CB    1 
ATOM   995  C CG    . TYR A 1 130 ? 17.31333  10.94495  -9.42470  1.000 30.63000 ? 321 TYR A CG    1 
ATOM   996  C CD1   . TYR A 1 130 ? 16.73022  11.71140  -10.42663 1.000 29.83000 ? 321 TYR A CD1   1 
ATOM   997  C CD2   . TYR A 1 130 ? 18.66864  11.13509  -9.15450  1.000 37.10000 ? 321 TYR A CD2   1 
ATOM   998  C CE1   . TYR A 1 130 ? 17.47116  12.62238  -11.16027 1.000 31.99000 ? 321 TYR A CE1   1 
ATOM   999  C CE2   . TYR A 1 130 ? 19.42288  12.04656  -9.88367  1.000 37.72000 ? 321 TYR A CE2   1 
ATOM   1000 C CZ    . TYR A 1 130 ? 18.81621  12.79029  -10.88334 1.000 37.69000 ? 321 TYR A CZ    1 
ATOM   1001 O OH    . TYR A 1 130 ? 19.54886  13.70210  -11.61633 1.000 43.62000 ? 321 TYR A OH    1 
ATOM   1002 N N     . ASN A 1 131 ? 13.95282  9.83768   -6.09174  1.000 28.08000 ? 322 ASN A N     1 
ATOM   1003 C CA    . ASN A 1 131 ? 12.87833  9.06658   -5.46917  1.000 28.88000 ? 322 ASN A CA    1 
ATOM   1004 C C     . ASN A 1 131 ? 11.83110  10.06042  -4.99208  1.000 22.08000 ? 322 ASN A C     1 
ATOM   1005 O O     . ASN A 1 131 ? 11.87286  10.51523  -3.83406  1.000 24.52000 ? 322 ASN A O     1 
ATOM   1006 C CB    . ASN A 1 131 ? 13.36222  8.19940   -4.31533  1.000 27.39000 ? 322 ASN A CB    1 
ATOM   1007 C CG    . ASN A 1 131 ? 12.27535  7.26056   -3.82521  1.000 37.21000 ? 322 ASN A CG    1 
ATOM   1008 O OD1   . ASN A 1 131 ? 11.25676  7.07281   -4.50196  1.000 34.69000 ? 322 ASN A OD1   1 
ATOM   1009 N ND2   . ASN A 1 131 ? 12.48167  6.66264   -2.65492  1.000 37.19000 ? 322 ASN A ND2   1 
ATOM   1010 N N     . PRO A 1 132 ? 10.89413  10.43673  -5.85382  1.000 18.65000 ? 323 PRO A N     1 
ATOM   1011 C CA    . PRO A 1 132 ? 9.84100   11.38341  -5.47528  1.000 16.04000 ? 323 PRO A CA    1 
ATOM   1012 C C     . PRO A 1 132 ? 8.70487   10.77539  -4.67211  1.000 14.51000 ? 323 PRO A C     1 
ATOM   1013 O O     . PRO A 1 132 ? 7.70144   11.45792  -4.44014  1.000 13.04000 ? 323 PRO A O     1 
ATOM   1014 C CB    . PRO A 1 132 ? 9.32338   11.85582  -6.83891  1.000 20.86000 ? 323 PRO A CB    1 
ATOM   1015 C CG    . PRO A 1 132 ? 9.47795   10.63456  -7.70575  1.000 21.97000 ? 323 PRO A CG    1 
ATOM   1016 C CD    . PRO A 1 132 ? 10.74791  9.95745   -7.23992  1.000 20.04000 ? 323 PRO A CD    1 
ATOM   1017 N N     . GLU A 1 133 ? 8.82266   9.52096   -4.25686  1.000 15.03000 ? 324 GLU A N     1 
ATOM   1018 C CA    . GLU A 1 133 ? 7.70810   8.82109   -3.64043  1.000 14.85000 ? 324 GLU A CA    1 
ATOM   1019 C C     . GLU A 1 133 ? 7.71465   9.03967   -2.13468  1.000 12.26000 ? 324 GLU A C     1 
ATOM   1020 O O     . GLU A 1 133 ? 8.71187   8.74560   -1.45233  1.000 13.81000 ? 324 GLU A O     1 
ATOM   1021 C CB    . GLU A 1 133 ? 7.75960   7.33822   -3.98868  1.000 15.57000 ? 324 GLU A CB    1 
ATOM   1022 C CG    . GLU A 1 133 ? 7.39560   7.09004   -5.44829  1.000 13.99000 ? 324 GLU A CG    1 
ATOM   1023 C CD    . GLU A 1 133 ? 7.24822   5.61738   -5.73568  1.000 19.70000 ? 324 GLU A CD    1 
ATOM   1024 O OE1   . GLU A 1 133 ? 8.02475   4.82923   -5.15752  1.000 17.49000 ? 324 GLU A OE1   1 
ATOM   1025 O OE2   . GLU A 1 133 ? 6.34369   5.26020   -6.51027  1.000 23.99000 ? 324 GLU A OE2   1 
ATOM   1026 N N     . ARG A 1 134 ? 6.60107   9.55396   -1.62788  1.000 11.00000 ? 325 ARG A N     1 
ATOM   1027 C CA    . ARG A 1 134 ? 6.35038   9.65881   -0.20151  1.000 12.63000 ? 325 ARG A CA    1 
ATOM   1028 C C     . ARG A 1 134 ? 5.79186   8.34360   0.31895   1.000 14.19000 ? 325 ARG A C     1 
ATOM   1029 O O     . ARG A 1 134 ? 5.07381   7.63455   -0.38969  1.000 13.32000 ? 325 ARG A O     1 
ATOM   1030 C CB    . ARG A 1 134 ? 5.34939   10.78438  0.07860   1.000 13.58000 ? 325 ARG A CB    1 
ATOM   1031 C CG    . ARG A 1 134 ? 5.72727   12.11640  -0.56560  1.000 14.84000 ? 325 ARG A CG    1 
ATOM   1032 C CD    . ARG A 1 134 ? 6.69734   12.89090  0.31827   1.000 13.15000 ? 325 ARG A CD    1 
ATOM   1033 N NE    . ARG A 1 134 ? 6.10443   13.35971  1.57869   1.000 16.40000 ? 325 ARG A NE    1 
ATOM   1034 C CZ    . ARG A 1 134 ? 5.35946   14.45558  1.70246   1.000 18.04000 ? 325 ARG A CZ    1 
ATOM   1035 N NH1   . ARG A 1 134 ? 5.05637   15.19202  0.63494   1.000 13.19000 ? 325 ARG A NH1   1 
ATOM   1036 N NH2   . ARG A 1 134 ? 4.89864   14.81200  2.90342   1.000 15.01000 ? 325 ARG A NH2   1 
ATOM   1037 N N     . THR A 1 135 ? 6.11381   8.01815   1.56895   1.000 11.72000 ? 326 THR A N     1 
ATOM   1038 C CA    . THR A 1 135 ? 5.59166   6.81967   2.20594   1.000 14.92000 ? 326 THR A CA    1 
ATOM   1039 C C     . THR A 1 135 ? 4.40188   7.18453   3.08553   1.000 16.38000 ? 326 THR A C     1 
ATOM   1040 O O     . THR A 1 135 ? 4.51457   8.01365   4.00146   1.000 14.27000 ? 326 THR A O     1 
ATOM   1041 C CB    . THR A 1 135 ? 6.67120   6.09929   3.00713   1.000 17.86000 ? 326 THR A CB    1 
ATOM   1042 O OG1   . THR A 1 135 ? 7.73707   5.73218   2.12245   1.000 15.40000 ? 326 THR A OG1   1 
ATOM   1043 C CG2   . THR A 1 135 ? 6.10522   4.84113   3.64578   1.000 13.36000 ? 326 THR A CG2   1 
ATOM   1044 N N     . ILE A 1 136 ? 3.26381   6.57533   2.79175   1.000 11.33000 ? 327 ILE A N     1 
ATOM   1045 C CA    . ILE A 1 136 ? 2.04036   6.75621   3.56457   1.000 10.63000 ? 327 ILE A CA    1 
ATOM   1046 C C     . ILE A 1 136 ? 1.91838   5.55092   4.47875   1.000 11.81000 ? 327 ILE A C     1 
ATOM   1047 O O     . ILE A 1 136 ? 1.72172   4.42388   4.00468   1.000 10.65000 ? 327 ILE A O     1 
ATOM   1048 C CB    . ILE A 1 136 ? 0.81057   6.87589   2.65693   1.000 11.94000 ? 327 ILE A CB    1 
ATOM   1049 C CG1   . ILE A 1 136 ? 0.96841   8.02265   1.65792   1.000 10.92000 ? 327 ILE A CG1   1 
ATOM   1050 C CG2   . ILE A 1 136 ? -0.47315  7.07685   3.48934   1.000 10.70000 ? 327 ILE A CG2   1 
ATOM   1051 C CD1   . ILE A 1 136 ? 0.08648   7.85728   0.42806   1.000 9.58000  ? 327 ILE A CD1   1 
ATOM   1052 N N     . THR A 1 137 ? 2.02565   5.76786   5.78799   1.000 13.87000 ? 328 THR A N     1 
ATOM   1053 C CA    . THR A 1 137 ? 1.99826   4.67731   6.75762   1.000 12.38000 ? 328 THR A CA    1 
ATOM   1054 C C     . THR A 1 137 ? 0.62892   4.64316   7.42765   1.000 16.97000 ? 328 THR A C     1 
ATOM   1055 O O     . THR A 1 137 ? 0.19131   5.63123   8.03009   1.000 14.08000 ? 328 THR A O     1 
ATOM   1056 C CB    . THR A 1 137 ? 3.10880   4.81546   7.80125   1.000 15.20000 ? 328 THR A CB    1 
ATOM   1057 O OG1   . THR A 1 137 ? 4.39272   4.70076   7.16058   1.000 13.56000 ? 328 THR A OG1   1 
ATOM   1058 C CG2   . THR A 1 137 ? 2.98532   3.71489   8.82708   1.000 17.25000 ? 328 THR A CG2   1 
ATOM   1059 N N     . VAL A 1 138 ? -0.04723  3.50812   7.31580   1.000 14.49000 ? 329 VAL A N     1 
ATOM   1060 C CA    . VAL A 1 138 ? -1.40986  3.35152   7.80405   1.000 14.30000 ? 329 VAL A CA    1 
ATOM   1061 C C     . VAL A 1 138 ? -1.38885  2.30235   8.90055   1.000 19.33000 ? 329 VAL A C     1 
ATOM   1062 O O     . VAL A 1 138 ? -1.08358  1.12820   8.64141   1.000 17.32000 ? 329 VAL A O     1 
ATOM   1063 C CB    . VAL A 1 138 ? -2.37781  2.94634   6.68595   1.000 12.85000 ? 329 VAL A CB    1 
ATOM   1064 C CG1   . VAL A 1 138 ? -3.81983  2.95946   7.20253   1.000 13.38000 ? 329 VAL A CG1   1 
ATOM   1065 C CG2   . VAL A 1 138 ? -2.20538  3.85387   5.49118   1.000 13.33000 ? 329 VAL A CG2   1 
ATOM   1066 N N     . LYS A 1 139 ? -1.72502  2.71905   10.11553  1.000 15.78000 ? 330 LYS A N     1 
ATOM   1067 C CA    . LYS A 1 139 ? -1.73506  1.83744   11.27377  1.000 20.64000 ? 330 LYS A CA    1 
ATOM   1068 C C     . LYS A 1 139 ? -3.17289  1.49335   11.61003  1.000 20.41000 ? 330 LYS A C     1 
ATOM   1069 O O     . LYS A 1 139 ? -4.01942  2.38750   11.75735  1.000 19.93000 ? 330 LYS A O     1 
ATOM   1070 C CB    . LYS A 1 139 ? -1.04077  2.47938   12.47485  1.000 20.29000 ? 330 LYS A CB    1 
ATOM   1071 C CG    . LYS A 1 139 ? 0.47257   2.65670   12.29381  1.000 24.86000 ? 330 LYS A CG    1 
ATOM   1072 C CD    . LYS A 1 139 ? 1.13068   3.23044   13.54470  1.000 35.29000 ? 330 LYS A CD    1 
ATOM   1073 C CE    . LYS A 1 139 ? 2.11474   4.36930   13.20382  1.000 35.38000 ? 330 LYS A CE    1 
ATOM   1074 N NZ    . LYS A 1 139 ? 3.50084   3.89673   12.91024  1.000 40.58000 ? 330 LYS A NZ    1 
ATOM   1075 N N     . GLY A 1 140 ? -3.44268  0.20135   11.72597  1.000 21.26000 ? 331 GLY A N     1 
ATOM   1076 C CA    . GLY A 1 140 ? -4.79948  -0.26398  11.89548  1.000 22.92000 ? 331 GLY A CA    1 
ATOM   1077 C C     . GLY A 1 140 ? -4.82407  -1.77427  11.84206  1.000 22.61000 ? 331 GLY A C     1 
ATOM   1078 O O     . GLY A 1 140 ? -3.78166  -2.42899  11.90205  1.000 30.45000 ? 331 GLY A O     1 
ATOM   1079 N N     . SER A 1 141 ? -6.03460  -2.31133  11.74266  1.000 24.22000 ? 332 SER A N     1 
ATOM   1080 C CA    . SER A 1 141 ? -6.21763  -3.73788  11.52807  1.000 21.96000 ? 332 SER A CA    1 
ATOM   1081 C C     . SER A 1 141 ? -6.21720  -4.03305  10.03126  1.000 22.60000 ? 332 SER A C     1 
ATOM   1082 O O     . SER A 1 141 ? -6.19162  -3.12590  9.20050   1.000 22.95000 ? 332 SER A O     1 
ATOM   1083 C CB    . SER A 1 141 ? -7.51786  -4.21538  12.17140  1.000 20.44000 ? 332 SER A CB    1 
ATOM   1084 O OG    . SER A 1 141 ? -8.63345  -3.79838  11.40067  1.000 22.72000 ? 332 SER A OG    1 
ATOM   1085 N N     . VAL A 1 142 ? -6.22960  -5.32652  9.69004   1.000 21.58000 ? 333 VAL A N     1 
ATOM   1086 C CA    . VAL A 1 142 ? -6.33624  -5.72356  8.28543   1.000 23.99000 ? 333 VAL A CA    1 
ATOM   1087 C C     . VAL A 1 142 ? -7.55597  -5.06848  7.65215   1.000 23.33000 ? 333 VAL A C     1 
ATOM   1088 O O     . VAL A 1 142 ? -7.49239  -4.49907  6.55616   1.000 22.97000 ? 333 VAL A O     1 
ATOM   1089 C CB    . VAL A 1 142 ? -6.40030  -7.25719  8.16024   1.000 20.79000 ? 333 VAL A CB    1 
ATOM   1090 C CG1   . VAL A 1 142 ? -6.87170  -7.65165  6.77665   1.000 22.86000 ? 333 VAL A CG1   1 
ATOM   1091 C CG2   . VAL A 1 142 ? -5.05698  -7.88343  8.46358   1.000 20.06000 ? 333 VAL A CG2   1 
ATOM   1092 N N     . GLU A 1 143 ? -8.68325  -5.11694  8.35699   1.000 19.85000 ? 334 GLU A N     1 
ATOM   1093 C CA    . GLU A 1 143 ? -9.91997  -4.57360  7.82018   1.000 21.85000 ? 334 GLU A CA    1 
ATOM   1094 C C     . GLU A 1 143 ? -9.85394  -3.05726  7.66131   1.000 20.89000 ? 334 GLU A C     1 
ATOM   1095 O O     . GLU A 1 143 ? -10.26957 -2.52015  6.62781   1.000 18.84000 ? 334 GLU A O     1 
ATOM   1096 C CB    . GLU A 1 143 ? -11.08808 -4.97494  8.72275   1.000 29.67000 ? 334 GLU A CB    1 
ATOM   1097 C CG    . GLU A 1 143 ? -11.58603 -6.38312  8.46705   1.000 33.86000 ? 334 GLU A CG    1 
ATOM   1098 C CD    . GLU A 1 143 ? -12.54100 -6.44802  7.28607   1.000 43.69000 ? 334 GLU A CD    1 
ATOM   1099 O OE1   . GLU A 1 143 ? -12.55973 -7.48742  6.58406   1.000 46.33000 ? 334 GLU A OE1   1 
ATOM   1100 O OE2   . GLU A 1 143 ? -13.27214 -5.45328  7.06223   1.000 48.51000 ? 334 GLU A OE2   1 
ATOM   1101 N N     . THR A 1 144 ? -9.36288  -2.34191  8.67187   1.000 16.82000 ? 335 THR A N     1 
ATOM   1102 C CA    . THR A 1 144 ? -9.36277  -0.88741  8.53360   1.000 19.56000 ? 335 THR A CA    1 
ATOM   1103 C C     . THR A 1 144 ? -8.27350  -0.41365  7.58416   1.000 16.41000 ? 335 THR A C     1 
ATOM   1104 O O     . THR A 1 144 ? -8.47264  0.55783   6.84854   1.000 16.95000 ? 335 THR A O     1 
ATOM   1105 C CB    . THR A 1 144 ? -9.20067  -0.20214  9.88591   1.000 19.42000 ? 335 THR A CB    1 
ATOM   1106 O OG1   . THR A 1 144 ? -8.03566  -0.68614  10.56526  1.000 21.46000 ? 335 THR A OG1   1 
ATOM   1107 C CG2   . THR A 1 144 ? -10.41604 -0.42746  10.73964  1.000 28.41000 ? 335 THR A CG2   1 
ATOM   1108 N N     . CYS A 1 145 ? -7.10971  -1.06540  7.60881   1.000 17.07000 ? 336 CYS A N     1 
ATOM   1109 C CA    . CYS A 1 145 ? -6.07330  -0.71602  6.64568   1.000 16.47000 ? 336 CYS A CA    1 
ATOM   1110 C C     . CYS A 1 145 ? -6.59035  -0.85025  5.22245   1.000 15.65000 ? 336 CYS A C     1 
ATOM   1111 O O     . CYS A 1 145 ? -6.35679  0.03132   4.39065   1.000 13.35000 ? 336 CYS A O     1 
ATOM   1112 C CB    . CYS A 1 145 ? -4.83508  -1.57791  6.85800   1.000 13.75000 ? 336 CYS A CB    1 
ATOM   1113 S SG    . CYS A 1 145 ? -3.91165  -1.10243  8.33753   1.000 19.01000 ? 336 CYS A SG    1 
ATOM   1114 N N     . ALA A 1 146 ? -7.33239  -1.92651  4.93374   1.000 15.23000 ? 337 ALA A N     1 
ATOM   1115 C CA    . ALA A 1 146 ? -7.87654  -2.10178  3.59170   1.000 15.54000 ? 337 ALA A CA    1 
ATOM   1116 C C     . ALA A 1 146 ? -8.83797  -0.97270  3.23018   1.000 14.21000 ? 337 ALA A C     1 
ATOM   1117 O O     . ALA A 1 146 ? -8.80410  -0.45725  2.10599   1.000 14.51000 ? 337 ALA A O     1 
ATOM   1118 C CB    . ALA A 1 146 ? -8.56722  -3.46437  3.47107   1.000 16.72000 ? 337 ALA A CB    1 
ATOM   1119 N N     . LYS A 1 147 ? -9.70513  -0.57622  4.16624   1.000 15.33000 ? 338 LYS A N     1 
ATOM   1120 C CA    . LYS A 1 147 ? -10.62298 0.52995   3.90052   1.000 16.69000 ? 338 LYS A CA    1 
ATOM   1121 C C     . LYS A 1 147 ? -9.86152  1.82620   3.65925   1.000 14.00000 ? 338 LYS A C     1 
ATOM   1122 O O     . LYS A 1 147 ? -10.21990 2.61053   2.76898   1.000 15.32000 ? 338 LYS A O     1 
ATOM   1123 C CB    . LYS A 1 147 ? -11.60332 0.70691   5.06512   1.000 18.69000 ? 338 LYS A CB    1 
ATOM   1124 C CG    . LYS A 1 147 ? -12.64875 -0.39242  5.18445   1.000 23.67000 ? 338 LYS A CG    1 
ATOM   1125 C CD    . LYS A 1 147 ? -13.04631 -0.94650  3.81902   1.000 24.28000 ? 338 LYS A CD    1 
ATOM   1126 C CE    . LYS A 1 147 ? -14.41766 -1.60481  3.85765   1.000 37.14000 ? 338 LYS A CE    1 
ATOM   1127 N NZ    . LYS A 1 147 ? -15.53012 -0.62300  3.66773   1.000 41.93000 ? 338 LYS A NZ    1 
ATOM   1128 N N     . ALA A 1 148 ? -8.81269  2.06474   4.45143   1.000 14.05000 ? 339 ALA A N     1 
ATOM   1129 C CA    . ALA A 1 148 ? -7.96973  3.23853   4.25519   1.000 15.93000 ? 339 ALA A CA    1 
ATOM   1130 C C     . ALA A 1 148 ? -7.33228  3.23874   2.87164   1.000 12.43000 ? 339 ALA A C     1 
ATOM   1131 O O     . ALA A 1 148 ? -7.30812  4.27427   2.19668   1.000 15.06000 ? 339 ALA A O     1 
ATOM   1132 C CB    . ALA A 1 148 ? -6.89950  3.29729   5.34265   1.000 15.59000 ? 339 ALA A CB    1 
ATOM   1133 N N     . GLU A 1 149 ? -6.83279  2.08570   2.41909   1.000 12.54000 ? 340 GLU A N     1 
ATOM   1134 C CA    . GLU A 1 149 ? -6.27516  2.01803   1.07103   1.000 11.19000 ? 340 GLU A CA    1 
ATOM   1135 C C     . GLU A 1 149 ? -7.29988  2.47025   0.04056   1.000 10.72000 ? 340 GLU A C     1 
ATOM   1136 O O     . GLU A 1 149 ? -6.97188  3.23178   -0.87679  1.000 11.30000 ? 340 GLU A O     1 
ATOM   1137 C CB    . GLU A 1 149 ? -5.78755  0.59919   0.75146   1.000 14.80000 ? 340 GLU A CB    1 
ATOM   1138 C CG    . GLU A 1 149 ? -5.21113  0.42653   -0.68740  1.000 11.20000 ? 340 GLU A CG    1 
ATOM   1139 C CD    . GLU A 1 149 ? -6.29775  0.18148   -1.74229  1.000 10.75000 ? 340 GLU A CD    1 
ATOM   1140 O OE1   . GLU A 1 149 ? -7.33947  -0.41440  -1.40070  1.000 11.24000 ? 340 GLU A OE1   1 
ATOM   1141 O OE2   . GLU A 1 149 ? -6.12845  0.58479   -2.91600  1.000 13.24000 ? 340 GLU A OE2   1 
ATOM   1142 N N     . GLU A 1 150 ? -8.53470  1.99666   0.16456   1.000 10.32000 ? 341 GLU A N     1 
ATOM   1143 C CA    . GLU A 1 150 ? -9.56041  2.40147   -0.83952  1.000 12.48000 ? 341 GLU A CA    1 
ATOM   1144 C C     . GLU A 1 150 ? -9.71065  3.93613   -0.90242  1.000 12.81000 ? 341 GLU A C     1 
ATOM   1145 O O     . GLU A 1 150 ? -9.74950  4.47555   -1.94964  1.000 11.59000 ? 341 GLU A O     1 
ATOM   1146 C CB    . GLU A 1 150 ? -10.93758 1.78744   -0.57226  1.000 15.14000 ? 341 GLU A CB    1 
ATOM   1147 C CG    . GLU A 1 150 ? -11.04808 0.27426   -0.62803  1.000 13.26000 ? 341 GLU A CG    1 
ATOM   1148 C CD    . GLU A 1 150 ? -12.38739 -0.27870  -0.13316  1.000 24.46000 ? 341 GLU A CD    1 
ATOM   1149 O OE1   . GLU A 1 150 ? -13.26261 0.50819   0.15501   1.000 18.37000 ? 341 GLU A OE1   1 
ATOM   1150 O OE2   . GLU A 1 150 ? -12.50008 -1.48652  -0.03020  1.000 19.71000 ? 341 GLU A OE2   1 
ATOM   1151 N N     . GLU A 1 151 ? -9.81805  4.57793   0.24959   1.000 12.46000 ? 342 GLU A N     1 
ATOM   1152 C CA    . GLU A 1 151 ? -10.05377 6.03244   0.30630   1.000 14.07000 ? 342 GLU A CA    1 
ATOM   1153 C C     . GLU A 1 151 ? -8.78887  6.77925   -0.14009  1.000 12.98000 ? 342 GLU A C     1 
ATOM   1154 O O     . GLU A 1 151 ? -8.88127  7.74501   -0.80469  1.000 10.58000 ? 342 GLU A O     1 
ATOM   1155 C CB    . GLU A 1 151 ? -10.43134 6.44844   1.71502   1.000 14.88000 ? 342 GLU A CB    1 
ATOM   1156 C CG    . GLU A 1 151 ? -11.66365 5.74471   2.22624   1.000 18.74000 ? 342 GLU A CG    1 
ATOM   1157 C CD    . GLU A 1 151 ? -12.79851 5.96641   1.26177   1.000 25.14000 ? 342 GLU A CD    1 
ATOM   1158 O OE1   . GLU A 1 151 ? -13.01653 7.08801   0.89243   1.000 29.02000 ? 342 GLU A OE1   1 
ATOM   1159 O OE2   . GLU A 1 151 ? -13.38910 5.02204   0.85392   1.000 29.60000 ? 342 GLU A OE2   1 
ATOM   1160 N N     . ILE A 1 152 ? -7.65475  6.27889   0.30625   1.000 11.16000 ? 343 ILE A N     1 
ATOM   1161 C CA    . ILE A 1 152 ? -6.37179  6.92281   -0.05667  1.000 8.92000  ? 343 ILE A CA    1 
ATOM   1162 C C     . ILE A 1 152 ? -6.20379  6.90529   -1.58242  1.000 11.43000 ? 343 ILE A C     1 
ATOM   1163 O O     . ILE A 1 152 ? -5.93409  7.91323   -2.15861  1.000 13.37000 ? 343 ILE A O     1 
ATOM   1164 C CB    . ILE A 1 152 ? -5.19786  6.23474   0.65814   1.000 10.38000 ? 343 ILE A CB    1 
ATOM   1165 C CG1   . ILE A 1 152 ? -5.18811  6.51981   2.15933   1.000 9.93000  ? 343 ILE A CG1   1 
ATOM   1166 C CG2   . ILE A 1 152 ? -3.88004  6.58966   -0.00772  1.000 9.23000  ? 343 ILE A CG2   1 
ATOM   1167 C CD1   . ILE A 1 152 ? -4.20185  5.71230   2.89729   1.000 11.34000 ? 343 ILE A CD1   1 
ATOM   1168 N N     . MET A 1 153 ? -6.37025  5.73766   -2.17921  1.000 11.59000 ? 344 MET A N     1 
ATOM   1169 C CA    . MET A 1 153 ? -6.15434  5.64430   -3.61812  1.000 11.48000 ? 344 MET A CA    1 
ATOM   1170 C C     . MET A 1 153 ? -7.20417  6.42439   -4.41209  1.000 14.04000 ? 344 MET A C     1 
ATOM   1171 O O     . MET A 1 153 ? -6.89478  6.94708   -5.48830  1.000 12.66000 ? 344 MET A O     1 
ATOM   1172 C CB    . MET A 1 153 ? -6.11424  4.17714   -4.03024  1.000 10.79000 ? 344 MET A CB    1 
ATOM   1173 C CG    . MET A 1 153 ? -4.75203  3.54956   -3.68139  1.000 10.90000 ? 344 MET A CG    1 
ATOM   1174 S SD    . MET A 1 153 ? -3.35697  4.42436   -4.45973  1.000 15.36000 ? 344 MET A SD    1 
ATOM   1175 C CE    . MET A 1 153 ? -3.72749  4.11857   -6.17408  1.000 14.42000 ? 344 MET A CE    1 
ATOM   1176 N N     . LYS A 1 154 ? -8.43468  6.53995   -3.90028  1.000 14.02000 ? 345 LYS A N     1 
ATOM   1177 C CA    . LYS A 1 154 ? -9.41601  7.40290   -4.55939  1.000 11.65000 ? 345 LYS A CA    1 
ATOM   1178 C C     . LYS A 1 154 ? -8.89879  8.82916   -4.70374  1.000 14.23000 ? 345 LYS A C     1 
ATOM   1179 O O     . LYS A 1 154 ? -9.05117  9.44832   -5.76884  1.000 12.83000 ? 345 LYS A O     1 
ATOM   1180 C CB    . LYS A 1 154 ? -10.72960 7.40934   -3.78134  1.000 15.45000 ? 345 LYS A CB    1 
ATOM   1181 C CG    . LYS A 1 154 ? -11.62677 6.22737   -4.05658  1.000 17.41000 ? 345 LYS A CG    1 
ATOM   1182 C CD    . LYS A 1 154 ? -12.85375 6.33562   -3.17962  1.000 21.07000 ? 345 LYS A CD    1 
ATOM   1183 C CE    . LYS A 1 154 ? -13.51139 5.00047   -2.94741  1.000 20.96000 ? 345 LYS A CE    1 
ATOM   1184 N NZ    . LYS A 1 154 ? -14.33920 5.04935   -1.70688  1.000 21.45000 ? 345 LYS A NZ    1 
ATOM   1185 N N     . LYS A 1 155 ? -8.28789  9.37485   -3.64415  1.000 12.07000 ? 346 LYS A N     1 
ATOM   1186 C CA    . LYS A 1 155 ? -7.79742  10.75417  -3.71493  1.000 13.69000 ? 346 LYS A CA    1 
ATOM   1187 C C     . LYS A 1 155 ? -6.55673  10.85584  -4.59104  1.000 13.88000 ? 346 LYS A C     1 
ATOM   1188 O O     . LYS A 1 155 ? -6.37001  11.86315  -5.29095  1.000 12.80000 ? 346 LYS A O     1 
ATOM   1189 C CB    . LYS A 1 155 ? -7.49924  11.29862  -2.31554  1.000 15.69000 ? 346 LYS A CB    1 
ATOM   1190 C CG    . LYS A 1 155 ? -8.71108  11.82923  -1.56011  1.000 18.73000 ? 346 LYS A CG    1 
ATOM   1191 C CD    . LYS A 1 155 ? -9.23850  13.15563  -2.16237  1.000 21.24000 ? 346 LYS A CD    1 
ATOM   1192 C CE    . LYS A 1 155 ? -10.53891 13.60879  -1.49303  1.000 29.42000 ? 346 LYS A CE    1 
ATOM   1193 N NZ    . LYS A 1 155 ? -11.69476 13.68974  -2.44950  1.000 32.54000 ? 346 LYS A NZ    1 
ATOM   1194 N N     . ILE A 1 156 ? -5.68012  9.84559   -4.52850  1.000 13.08000 ? 347 ILE A N     1 
ATOM   1195 C CA    . ILE A 1 156 ? -4.49347  9.80782   -5.38192  1.000 13.05000 ? 347 ILE A CA    1 
ATOM   1196 C C     . ILE A 1 156 ? -4.89550  9.81750   -6.85640  1.000 14.40000 ? 347 ILE A C     1 
ATOM   1197 O O     . ILE A 1 156 ? -4.35186  10.58753  -7.66606  1.000 13.35000 ? 347 ILE A O     1 
ATOM   1198 C CB    . ILE A 1 156 ? -3.62779  8.57707   -5.04298  1.000 14.41000 ? 347 ILE A CB    1 
ATOM   1199 C CG1   . ILE A 1 156 ? -3.09818  8.63228   -3.60880  1.000 13.95000 ? 347 ILE A CG1   1 
ATOM   1200 C CG2   . ILE A 1 156 ? -2.47077  8.45080   -5.99417  1.000 18.03000 ? 347 ILE A CG2   1 
ATOM   1201 C CD1   . ILE A 1 156 ? -2.25017  9.79867   -3.32730  1.000 22.54000 ? 347 ILE A CD1   1 
ATOM   1202 N N     . ARG A 1 157 ? -5.84845  8.95407   -7.22882  1.000 10.44000 ? 348 ARG A N     1 
ATOM   1203 C CA    . ARG A 1 157 ? -6.32484  8.91349   -8.60902  1.000 11.92000 ? 348 ARG A CA    1 
ATOM   1204 C C     . ARG A 1 157 ? -6.95903  10.24250  -9.00873  1.000 16.51000 ? 348 ARG A C     1 
ATOM   1205 O O     . ARG A 1 157 ? -6.76313  10.72335  -10.13368 1.000 15.53000 ? 348 ARG A O     1 
ATOM   1206 C CB    . ARG A 1 157 ? -7.32979  7.77090   -8.79640  1.000 14.28000 ? 348 ARG A CB    1 
ATOM   1207 C CG    . ARG A 1 157 ? -6.73090  6.35614   -8.72827  1.000 12.11000 ? 348 ARG A CG    1 
ATOM   1208 C CD    . ARG A 1 157 ? -7.75055  5.28135   -9.13922  1.000 15.60000 ? 348 ARG A CD    1 
ATOM   1209 N NE    . ARG A 1 157 ? -7.25745  3.99067   -8.68289  1.000 13.38000 ? 348 ARG A NE    1 
ATOM   1210 C CZ    . ARG A 1 157 ? -7.65463  3.39793   -7.56111  1.000 15.49000 ? 348 ARG A CZ    1 
ATOM   1211 N NH1   . ARG A 1 157 ? -8.59993  3.95776   -6.80938  1.000 11.03000 ? 348 ARG A NH1   1 
ATOM   1212 N NH2   . ARG A 1 157 ? -7.10151  2.24740   -7.19451  1.000 9.99000  ? 348 ARG A NH2   1 
ATOM   1213 N N     . GLU A 1 158 ? -7.72665  10.84699  -8.10092  1.000 15.40000 ? 349 GLU A N     1 
ATOM   1214 C CA    . GLU A 1 158 ? -8.31697  12.14975  -8.38925  1.000 16.56000 ? 349 GLU A CA    1 
ATOM   1215 C C     . GLU A 1 158 ? -7.23969  13.20308  -8.60657  1.000 12.67000 ? 349 GLU A C     1 
ATOM   1216 O O     . GLU A 1 158 ? -7.34596  14.02895  -9.51733  1.000 17.31000 ? 349 GLU A O     1 
ATOM   1217 C CB    . GLU A 1 158 ? -9.25657  12.56627  -7.25930  1.000 14.77000 ? 349 GLU A CB    1 
ATOM   1218 C CG    . GLU A 1 158 ? -9.92839  13.90931  -7.51873  1.000 16.40000 ? 349 GLU A CG    1 
ATOM   1219 C CD    . GLU A 1 158 ? -10.81494 14.32082  -6.37288  1.000 19.55000 ? 349 GLU A CD    1 
ATOM   1220 O OE1   . GLU A 1 158 ? -10.43934 15.26502  -5.66144  1.000 17.84000 ? 349 GLU A OE1   1 
ATOM   1221 O OE2   . GLU A 1 158 ? -11.88657 13.69943  -6.18841  1.000 15.81000 ? 349 GLU A OE2   1 
ATOM   1222 N N     . SER A 1 159 ? -6.18900  13.19051  -7.78552  1.000 12.54000 ? 350 SER A N     1 
ATOM   1223 C CA    . SER A 1 159 ? -5.06450  14.09015  -8.02559  1.000 15.72000 ? 350 SER A CA    1 
ATOM   1224 C C     . SER A 1 159 ? -4.40236  13.77278  -9.35738  1.000 17.68000 ? 350 SER A C     1 
ATOM   1225 O O     . SER A 1 159 ? -4.07664  14.66727  -10.15086 1.000 16.02000 ? 350 SER A O     1 
ATOM   1226 C CB    . SER A 1 159 ? -4.04169  13.97440  -6.89533  1.000 16.35000 ? 350 SER A CB    1 
ATOM   1227 O OG    . SER A 1 159 ? -2.94802  14.83496  -7.15403  1.000 20.86000 ? 350 SER A OG    1 
ATOM   1228 N N     . TYR A 1 160 ? -4.20096  12.49034  -9.61157  1.000 15.83000 ? 351 TYR A N     1 
ATOM   1229 C CA    . TYR A 1 160 ? -3.55120  12.06062  -10.83504 1.000 17.81000 ? 351 TYR A CA    1 
ATOM   1230 C C     . TYR A 1 160 ? -4.27075  12.58266  -12.07399 1.000 19.68000 ? 351 TYR A C     1 
ATOM   1231 O O     . TYR A 1 160 ? -3.62924  13.04214  -13.02660 1.000 20.75000 ? 351 TYR A O     1 
ATOM   1232 C CB    . TYR A 1 160 ? -3.49706  10.54508  -10.82323 1.000 18.79000 ? 351 TYR A CB    1 
ATOM   1233 C CG    . TYR A 1 160 ? -2.99085  9.94580   -12.07395 1.000 21.60000 ? 351 TYR A CG    1 
ATOM   1234 C CD1   . TYR A 1 160 ? -1.64257  9.99788   -12.38670 1.000 26.83000 ? 351 TYR A CD1   1 
ATOM   1235 C CD2   . TYR A 1 160 ? -3.85083  9.29470   -12.93546 1.000 24.64000 ? 351 TYR A CD2   1 
ATOM   1236 C CE1   . TYR A 1 160 ? -1.16476  9.42009   -13.52870 1.000 28.06000 ? 351 TYR A CE1   1 
ATOM   1237 C CE2   . TYR A 1 160 ? -3.38646  8.71699   -14.07687 1.000 28.32000 ? 351 TYR A CE2   1 
ATOM   1238 C CZ    . TYR A 1 160 ? -2.04158  8.78275   -14.37072 1.000 29.62000 ? 351 TYR A CZ    1 
ATOM   1239 O OH    . TYR A 1 160 ? -1.55881  8.20742   -15.51857 1.000 37.47000 ? 351 TYR A OH    1 
ATOM   1240 N N     . GLU A 1 161 ? -5.59837  12.55914  -12.06844 1.000 16.84000 ? 352 GLU A N     1 
ATOM   1241 C CA    . GLU A 1 161 ? -6.37475  12.97969  -13.22485 1.000 22.54000 ? 352 GLU A CA    1 
ATOM   1242 C C     . GLU A 1 161 ? -6.67244  14.47935  -13.26577 1.000 23.30000 ? 352 GLU A C     1 
ATOM   1243 O O     . GLU A 1 161 ? -7.25901  14.93573  -14.24621 1.000 30.56000 ? 352 GLU A O     1 
ATOM   1244 C CB    . GLU A 1 161 ? -7.69668  12.20268  -13.28052 1.000 23.57000 ? 352 GLU A CB    1 
ATOM   1245 C CG    . GLU A 1 161 ? -7.51602  10.69940  -13.45202 1.000 26.49000 ? 352 GLU A CG    1 
ATOM   1246 C CD    . GLU A 1 161 ? -7.29429  10.29553  -14.90566 1.000 31.18000 ? 352 GLU A CD    1 
ATOM   1247 O OE1   . GLU A 1 161 ? -7.78099  11.01658  -15.80834 1.000 35.47000 ? 352 GLU A OE1   1 
ATOM   1248 O OE2   . GLU A 1 161 ? -6.63969  9.26087   -15.14388 1.000 32.48000 ? 352 GLU A OE2   1 
ATOM   1249 N N     . ASN A 1 162 ? -6.28463  15.25843  -12.25522 1.000 21.64000 ? 353 ASN A N     1 
ATOM   1250 C CA    . ASN A 1 162 ? -6.66302  16.67475  -12.24296 1.000 25.70000 ? 353 ASN A CA    1 
ATOM   1251 C C     . ASN A 1 162 ? -5.50384  17.62644  -11.98818 1.000 32.13000 ? 353 ASN A C     1 
ATOM   1252 O O     . ASN A 1 162 ? -5.40797  18.65434  -12.66240 1.000 43.37000 ? 353 ASN A O     1 
ATOM   1253 C CB    . ASN A 1 162 ? -7.75917  16.92303  -11.18914 1.000 22.63000 ? 353 ASN A CB    1 
ATOM   1254 C CG    . ASN A 1 162 ? -9.09190  16.33371  -11.59437 1.000 26.14000 ? 353 ASN A CG    1 
ATOM   1255 O OD1   . ASN A 1 162 ? -9.48954  15.27104  -11.11446 1.000 24.47000 ? 353 ASN A OD1   1 
ATOM   1256 N ND2   . ASN A 1 162 ? -9.78541  17.01543  -12.48420 1.000 25.83000 ? 353 ASN A ND2   1 
ATOM   1257 N N     . ASP A 1 163 ? -4.63531  17.32672  -11.02700 1.000 23.20000 ? 354 ASP A N     1 
ATOM   1258 C CA    . ASP A 1 163 ? -3.54241  18.23546  -10.66272 1.000 30.43000 ? 354 ASP A CA    1 
ATOM   1259 C C     . ASP A 1 163 ? -2.51750  18.42507  -11.78307 1.000 31.85000 ? 354 ASP A C     1 
ATOM   1260 O O     . ASP A 1 163 ? -1.98000  17.45843  -12.31810 1.000 31.69000 ? 354 ASP A O     1 
ATOM   1261 C CB    . ASP A 1 163 ? -2.84400  17.72873  -9.40437  1.000 21.13000 ? 354 ASP A CB    1 
ATOM   1262 C CG    . ASP A 1 163 ? -3.65352  17.99443  -8.14409  1.000 31.74000 ? 354 ASP A CG    1 
ATOM   1263 O OD1   . ASP A 1 163 ? -4.27030  19.08611  -8.05032  1.000 29.65000 ? 354 ASP A OD1   1 
ATOM   1264 O OD2   . ASP A 1 163 ? -3.67829  17.11621  -7.24842  1.000 24.13000 ? 354 ASP A OD2   1 
ATOM   1265 O "O5'" . C   B 2 1   ? 14.42730  -19.22741 -1.41138  1.000 32.09000 ? 1   C   B "O5'" 1 
ATOM   1266 C "C5'" . C   B 2 1   ? 15.31185  -19.16558 -0.30334  1.000 24.07000 ? 1   C   B "C5'" 1 
ATOM   1267 C "C4'" . C   B 2 1   ? 15.21477  -17.83617 0.39555   1.000 25.53000 ? 1   C   B "C4'" 1 
ATOM   1268 O "O4'" . C   B 2 1   ? 15.90389  -16.81537 -0.36823  1.000 25.59000 ? 1   C   B "O4'" 1 
ATOM   1269 C "C3'" . C   B 2 1   ? 13.81839  -17.26673 0.56687   1.000 23.75000 ? 1   C   B "C3'" 1 
ATOM   1270 O "O3'" . C   B 2 1   ? 13.07243  -17.90084 1.59855   1.000 31.06000 ? 1   C   B "O3'" 1 
ATOM   1271 C "C2'" . C   B 2 1   ? 14.10135  -15.77408 0.79097   1.000 28.64000 ? 1   C   B "C2'" 1 
ATOM   1272 O "O2'" . C   B 2 1   ? 14.50173  -15.50489 2.12906   1.000 23.71000 ? 1   C   B "O2'" 1 
ATOM   1273 C "C1'" . C   B 2 1   ? 15.32240  -15.55195 -0.10725  1.000 23.74000 ? 1   C   B "C1'" 1 
ATOM   1274 N N1    . C   B 2 1   ? 14.98914  -14.87828 -1.38993  1.000 26.99000 ? 1   C   B N1    1 
ATOM   1275 C C2    . C   B 2 1   ? 14.84393  -13.48262 -1.39848  1.000 27.25000 ? 1   C   B C2    1 
ATOM   1276 O O2    . C   B 2 1   ? 14.98245  -12.84249 -0.34207  1.000 24.26000 ? 1   C   B O2    1 
ATOM   1277 N N3    . C   B 2 1   ? 14.54976  -12.85114 -2.56122  1.000 27.32000 ? 1   C   B N3    1 
ATOM   1278 C C4    . C   B 2 1   ? 14.40538  -13.56531 -3.68593  1.000 31.54000 ? 1   C   B C4    1 
ATOM   1279 N N4    . C   B 2 1   ? 14.11712  -12.88976 -4.80861  1.000 31.44000 ? 1   C   B N4    1 
ATOM   1280 C C5    . C   B 2 1   ? 14.55101  -14.98935 -3.70619  1.000 24.93000 ? 1   C   B C5    1 
ATOM   1281 C C6    . C   B 2 1   ? 14.84235  -15.60119 -2.54631  1.000 25.41000 ? 1   C   B C6    1 
ATOM   1282 P P     . A   B 2 2   ? 11.45471  -17.88133 1.57596   1.000 29.67000 ? 2   A   B P     1 
ATOM   1283 O OP1   . A   B 2 2   ? 11.04839  -16.46125 1.35030   1.000 26.15000 ? 2   A   B OP1   1 
ATOM   1284 O OP2   . A   B 2 2   ? 10.91057  -18.59552 2.75524   1.000 29.31000 ? 2   A   B OP2   1 
ATOM   1285 O "O5'" . A   B 2 2   ? 11.06466  -18.70298 0.26016   1.000 26.98000 ? 2   A   B "O5'" 1 
ATOM   1286 C "C5'" . A   B 2 2   ? 11.11513  -20.12830 0.21145   1.000 24.77000 ? 2   A   B "C5'" 1 
ATOM   1287 C "C4'" . A   B 2 2   ? 9.94902   -20.71266 -0.55892  1.000 24.98000 ? 2   A   B "C4'" 1 
ATOM   1288 O "O4'" . A   B 2 2   ? 8.85094   -20.95970 0.36259   1.000 30.85000 ? 2   A   B "O4'" 1 
ATOM   1289 C "C3'" . A   B 2 2   ? 9.37224   -19.82861 -1.66697  1.000 24.90000 ? 2   A   B "C3'" 1 
ATOM   1290 O "O3'" . A   B 2 2   ? 8.80994   -20.65433 -2.69154  1.000 23.34000 ? 2   A   B "O3'" 1 
ATOM   1291 C "C2'" . A   B 2 2   ? 8.23444   -19.11043 -0.94831  1.000 22.91000 ? 2   A   B "C2'" 1 
ATOM   1292 O "O2'" . A   B 2 2   ? 7.23278   -18.61838 -1.81377  1.000 22.37000 ? 2   A   B "O2'" 1 
ATOM   1293 C "C1'" . A   B 2 2   ? 7.70972   -20.22221 -0.04370  1.000 22.91000 ? 2   A   B "C1'" 1 
ATOM   1294 N N9    . A   B 2 2   ? 7.02832   -19.77509 1.17356   1.000 21.83000 ? 2   A   B N9    1 
ATOM   1295 C C8    . A   B 2 2   ? 7.56396   -19.11550 2.25658   1.000 20.43000 ? 2   A   B C8    1 
ATOM   1296 N N7    . A   B 2 2   ? 6.68264   -18.89121 3.20810   1.000 23.55000 ? 2   A   B N7    1 
ATOM   1297 C C5    . A   B 2 2   ? 5.50374   -19.44791 2.71955   1.000 20.78000 ? 2   A   B C5    1 
ATOM   1298 C C6    . A   B 2 2   ? 4.19493   -19.53657 3.24302   1.000 22.56000 ? 2   A   B C6    1 
ATOM   1299 N N6    . A   B 2 2   ? 3.82648   -19.04830 4.43113   1.000 23.82000 ? 2   A   B N6    1 
ATOM   1300 N N1    . A   B 2 2   ? 3.26058   -20.14738 2.49313   1.000 22.89000 ? 2   A   B N1    1 
ATOM   1301 C C2    . A   B 2 2   ? 3.61079   -20.63003 1.29874   1.000 23.25000 ? 2   A   B C2    1 
ATOM   1302 N N3    . A   B 2 2   ? 4.79636   -20.60970 0.69486   1.000 26.33000 ? 2   A   B N3    1 
ATOM   1303 C C4    . A   B 2 2   ? 5.71008   -20.00402 1.47395   1.000 20.74000 ? 2   A   B C4    1 
ATOM   1304 P P     . C   B 2 3   ? 9.59884   -20.91307 -4.06592  1.000 24.64000 ? 3   C   B P     1 
ATOM   1305 O OP1   . C   B 2 3   ? 8.84348   -21.92832 -4.84351  1.000 22.62000 ? 3   C   B OP1   1 
ATOM   1306 O OP2   . C   B 2 3   ? 11.04196  -21.13425 -3.73030  1.000 20.87000 ? 3   C   B OP2   1 
ATOM   1307 O "O5'" . C   B 2 3   ? 9.57699   -19.50789 -4.81465  1.000 25.65000 ? 3   C   B "O5'" 1 
ATOM   1308 C "C5'" . C   B 2 3   ? 8.55667   -19.16638 -5.74459  1.000 23.53000 ? 3   C   B "C5'" 1 
ATOM   1309 C "C4'" . C   B 2 3   ? 8.91040   -17.91154 -6.49714  1.000 22.82000 ? 3   C   B "C4'" 1 
ATOM   1310 O "O4'" . C   B 2 3   ? 8.97953   -16.79733 -5.56494  1.000 25.86000 ? 3   C   B "O4'" 1 
ATOM   1311 C "C3'" . C   B 2 3   ? 10.24859  -17.93012 -7.23365  1.000 26.72000 ? 3   C   B "C3'" 1 
ATOM   1312 O "O3'" . C   B 2 3   ? 10.12516  -17.16202 -8.43300  1.000 26.68000 ? 3   C   B "O3'" 1 
ATOM   1313 C "C2'" . C   B 2 3   ? 11.17927  -17.20551 -6.25710  1.000 25.08000 ? 3   C   B "C2'" 1 
ATOM   1314 O "O2'" . C   B 2 3   ? 12.30016  -16.60231 -6.85802  1.000 25.56000 ? 3   C   B "O2'" 1 
ATOM   1315 C "C1'" . C   B 2 3   ? 10.24121  -16.16165 -5.66816  1.000 21.91000 ? 3   C   B "C1'" 1 
ATOM   1316 N N1    . C   B 2 3   ? 10.59582  -15.68744 -4.32229  1.000 24.53000 ? 3   C   B N1    1 
ATOM   1317 C C2    . C   B 2 3   ? 10.86264  -14.32644 -4.11811  1.000 23.87000 ? 3   C   B C2    1 
ATOM   1318 O O2    . C   B 2 3   ? 10.86273  -13.53325 -5.08079  1.000 24.73000 ? 3   C   B O2    1 
ATOM   1319 N N3    . C   B 2 3   ? 11.14420  -13.90333 -2.86773  1.000 20.85000 ? 3   C   B N3    1 
ATOM   1320 C C4    . C   B 2 3   ? 11.13622  -14.75956 -1.84395  1.000 24.33000 ? 3   C   B C4    1 
ATOM   1321 N N4    . C   B 2 3   ? 11.41068  -14.26852 -0.63255  1.000 26.39000 ? 3   C   B N4    1 
ATOM   1322 C C5    . C   B 2 3   ? 10.84896  -16.15094 -2.01946  1.000 25.04000 ? 3   C   B C5    1 
ATOM   1323 C C6    . C   B 2 3   ? 10.57827  -16.56097 -3.26486  1.000 23.99000 ? 3   C   B C6    1 
ATOM   1324 P P     . G   B 2 4   ? 10.24020  -17.85892 -9.88048  1.000 28.84000 ? 4   G   B P     1 
ATOM   1325 O OP1   . G   B 2 4   ? 10.63153  -19.28222 -9.67878  1.000 31.97000 ? 4   G   B OP1   1 
ATOM   1326 O OP2   . G   B 2 4   ? 11.04277  -16.94816 -10.73374 1.000 26.73000 ? 4   G   B OP2   1 
ATOM   1327 O "O5'" . G   B 2 4   ? 8.75671   -17.83151 -10.46688 1.000 28.07000 ? 4   G   B "O5'" 1 
ATOM   1328 C "C5'" . G   B 2 4   ? 7.82433   -18.84769 -10.13741 1.000 24.23000 ? 4   G   B "C5'" 1 
ATOM   1329 C "C4'" . G   B 2 4   ? 6.41678   -18.31999 -10.17338 1.000 27.87000 ? 4   G   B "C4'" 1 
ATOM   1330 O "O4'" . G   B 2 4   ? 6.22232   -17.37997 -9.08598  1.000 22.96000 ? 4   G   B "O4'" 1 
ATOM   1331 C "C3'" . G   B 2 4   ? 6.04869   -17.53431 -11.42475 1.000 25.88000 ? 4   G   B "C3'" 1 
ATOM   1332 O "O3'" . G   B 2 4   ? 5.65209   -18.38441 -12.48981 1.000 21.69000 ? 4   G   B "O3'" 1 
ATOM   1333 C "C2'" . G   B 2 4   ? 4.93123   -16.61607 -10.93513 1.000 23.72000 ? 4   G   B "C2'" 1 
ATOM   1334 O "O2'" . G   B 2 4   ? 3.68786   -17.30501 -10.92889 1.000 20.97000 ? 4   G   B "O2'" 1 
ATOM   1335 C "C1'" . G   B 2 4   ? 5.34293   -16.35401 -9.48576  1.000 25.24000 ? 4   G   B "C1'" 1 
ATOM   1336 N N9    . G   B 2 4   ? 5.99943   -15.04813 -9.28319  1.000 23.52000 ? 4   G   B N9    1 
ATOM   1337 C C8    . G   B 2 4   ? 7.28162   -14.80798 -8.83391  1.000 21.09000 ? 4   G   B C8    1 
ATOM   1338 N N7    . G   B 2 4   ? 7.54476   -13.52997 -8.72027  1.000 21.58000 ? 4   G   B N7    1 
ATOM   1339 C C5    . G   B 2 4   ? 6.36160   -12.89146 -9.09678  1.000 20.37000 ? 4   G   B C5    1 
ATOM   1340 C C6    . G   B 2 4   ? 6.03562   -11.50992 -9.18376  1.000 19.02000 ? 4   G   B C6    1 
ATOM   1341 O O6    . G   B 2 4   ? 6.75316   -10.53157 -8.92036  1.000 17.07000 ? 4   G   B O6    1 
ATOM   1342 N N1    . G   B 2 4   ? 4.72754   -11.31668 -9.63379  1.000 16.86000 ? 4   G   B N1    1 
ATOM   1343 C C2    . G   B 2 4   ? 3.84002   -12.32281 -9.93292  1.000 18.52000 ? 4   G   B C2    1 
ATOM   1344 N N2    . G   B 2 4   ? 2.61395   -11.95498 -10.34500 1.000 16.38000 ? 4   G   B N2    1 
ATOM   1345 N N3    . G   B 2 4   ? 4.13908   -13.61455 -9.86029  1.000 20.70000 ? 4   G   B N3    1 
ATOM   1346 C C4    . G   B 2 4   ? 5.40098   -13.82106 -9.43636  1.000 20.12000 ? 4   G   B C4    1 
ATOM   1347 P P     . G   B 2 5   ? 6.10555   -18.08020 -14.00083 1.000 29.81000 ? 5   G   B P     1 
ATOM   1348 O OP1   . G   B 2 5   ? 5.54296   -19.14982 -14.86197 1.000 32.06000 ? 5   G   B OP1   1 
ATOM   1349 O OP2   . G   B 2 5   ? 7.55098   -17.76648 -14.07566 1.000 26.28000 ? 5   G   B OP2   1 
ATOM   1350 O "O5'" . G   B 2 5   ? 5.36657   -16.71269 -14.35593 1.000 27.55000 ? 5   G   B "O5'" 1 
ATOM   1351 C "C5'" . G   B 2 5   ? 3.95863   -16.56141 -14.21230 1.000 25.29000 ? 5   G   B "C5'" 1 
ATOM   1352 C "C4'" . G   B 2 5   ? 3.54921   -15.14216 -14.50804 1.000 22.32000 ? 5   G   B "C4'" 1 
ATOM   1353 O "O4'" . G   B 2 5   ? 4.05663   -14.25381 -13.46479 1.000 22.10000 ? 5   G   B "O4'" 1 
ATOM   1354 C "C3'" . G   B 2 5   ? 4.08113   -14.58345 -15.83634 1.000 22.85000 ? 5   G   B "C3'" 1 
ATOM   1355 O "O3'" . G   B 2 5   ? 3.12418   -13.69888 -16.40972 1.000 27.65000 ? 5   G   B "O3'" 1 
ATOM   1356 C "C2'" . G   B 2 5   ? 5.26442   -13.73767 -15.38565 1.000 25.21000 ? 5   G   B "C2'" 1 
ATOM   1357 O "O2'" . G   B 2 5   ? 5.63190   -12.70169 -16.27131 1.000 25.69000 ? 5   G   B "O2'" 1 
ATOM   1358 C "C1'" . G   B 2 5   ? 4.72758   -13.17296 -14.08201 1.000 24.03000 ? 5   G   B "C1'" 1 
ATOM   1359 N N9    . G   B 2 5   ? 5.76284   -12.57088 -13.22716 1.000 25.34000 ? 5   G   B N9    1 
ATOM   1360 C C8    . G   B 2 5   ? 5.77336   -11.26519 -12.78490 1.000 22.05000 ? 5   G   B C8    1 
ATOM   1361 N N7    . G   B 2 5   ? 6.83540   -10.94838 -12.09604 1.000 27.74000 ? 5   G   B N7    1 
ATOM   1362 C C5    . G   B 2 5   ? 7.60110   -12.11203 -12.10603 1.000 25.67000 ? 5   G   B C5    1 
ATOM   1363 C C6    . G   B 2 5   ? 8.86689   -12.39436 -11.52725 1.000 30.01000 ? 5   G   B C6    1 
ATOM   1364 O O6    . G   B 2 5   ? 9.60594   -11.66147 -10.86371 1.000 25.94000 ? 5   G   B O6    1 
ATOM   1365 N N1    . G   B 2 5   ? 9.27023   -13.70106 -11.78259 1.000 33.43000 ? 5   G   B N1    1 
ATOM   1366 C C2    . G   B 2 5   ? 8.55372   -14.62316 -12.50728 1.000 34.01000 ? 5   G   B C2    1 
ATOM   1367 N N2    . G   B 2 5   ? 9.11301   -15.84068 -12.64847 1.000 34.68000 ? 5   G   B N2    1 
ATOM   1368 N N3    . G   B 2 5   ? 7.37318   -14.37625 -13.05084 1.000 28.57000 ? 5   G   B N3    1 
ATOM   1369 C C4    . G   B 2 5   ? 6.95805   -13.11508 -12.81503 1.000 28.00000 ? 5   G   B C4    1 
ATOM   1370 P P     . C   B 2 6   ? 1.79125   -14.24899 -17.11763 1.000 27.78000 ? 6   C   B P     1 
ATOM   1371 O OP1   . C   B 2 6   ? 0.71413   -14.28565 -16.08101 1.000 29.84000 ? 6   C   B OP1   1 
ATOM   1372 O OP2   . C   B 2 6   ? 2.12906   -15.48384 -17.87306 1.000 23.03000 ? 6   C   B OP2   1 
ATOM   1373 O "O5'" . C   B 2 6   ? 1.40841   -13.08627 -18.13553 1.000 29.29000 ? 6   C   B "O5'" 1 
ATOM   1374 C "C5'" . C   B 2 6   ? 2.16844   -12.85547 -19.31940 1.000 21.65000 ? 6   C   B "C5'" 1 
ATOM   1375 C "C4'" . C   B 2 6   ? 1.86140   -11.50823 -19.91628 1.000 24.74000 ? 6   C   B "C4'" 1 
ATOM   1376 O "O4'" . C   B 2 6   ? 0.43016   -11.39514 -20.17296 1.000 21.78000 ? 6   C   B "O4'" 1 
ATOM   1377 C "C3'" . C   B 2 6   ? 2.22085   -10.31987 -19.03514 1.000 23.77000 ? 6   C   B "C3'" 1 
ATOM   1378 O "O3'" . C   B 2 6   ? 2.52194   -9.22022  -19.87987 1.000 26.78000 ? 6   C   B "O3'" 1 
ATOM   1379 C "C2'" . C   B 2 6   ? 0.90813   -10.03465 -18.31404 1.000 23.56000 ? 6   C   B "C2'" 1 
ATOM   1380 O "O2'" . C   B 2 6   ? 0.78578   -8.71880  -17.81712 1.000 23.42000 ? 6   C   B "O2'" 1 
ATOM   1381 C "C1'" . C   B 2 6   ? -0.11204  -10.32312 -19.41805 1.000 23.79000 ? 6   C   B "C1'" 1 
ATOM   1382 N N1    . C   B 2 6   ? -1.42097  -10.74608 -18.90247 1.000 18.80000 ? 6   C   B N1    1 
ATOM   1383 C C2    . C   B 2 6   ? -2.57869  -9.97969  -19.11821 1.000 17.81000 ? 6   C   B C2    1 
ATOM   1384 O O2    . C   B 2 6   ? -2.55169  -8.89973  -19.74514 1.000 16.46000 ? 6   C   B O2    1 
ATOM   1385 N N3    . C   B 2 6   ? -3.73071  -10.43486 -18.59630 1.000 16.64000 ? 6   C   B N3    1 
ATOM   1386 C C4    . C   B 2 6   ? -3.76849  -11.56992 -17.91062 1.000 15.45000 ? 6   C   B C4    1 
ATOM   1387 N N4    . C   B 2 6   ? -4.94715  -11.95028 -17.43829 1.000 14.29000 ? 6   C   B N4    1 
ATOM   1388 C C5    . C   B 2 6   ? -2.61243  -12.37375 -17.68502 1.000 17.16000 ? 6   C   B C5    1 
ATOM   1389 C C6    . C   B 2 6   ? -1.47045  -11.91478 -18.19541 1.000 19.14000 ? 6   C   B C6    1 
ATOM   1390 P P     . A   B 2 7   ? 3.78661   -8.28837  -19.57010 1.000 33.23000 ? 7   A   B P     1 
ATOM   1391 O OP1   . A   B 2 7   ? 4.54210   -8.91464  -18.44976 1.000 31.43000 ? 7   A   B OP1   1 
ATOM   1392 O OP2   . A   B 2 7   ? 3.31274   -6.88635  -19.45475 1.000 30.95000 ? 7   A   B OP2   1 
ATOM   1393 O "O5'" . A   B 2 7   ? 4.71187   -8.52694  -20.83799 1.000 35.86000 ? 7   A   B "O5'" 1 
ATOM   1394 C "C5'" . A   B 2 7   ? 4.97410   -7.47657  -21.73361 1.000 32.49000 ? 7   A   B "C5'" 1 
ATOM   1395 C "C4'" . A   B 2 7   ? 4.85438   -7.91360  -23.16591 1.000 27.52000 ? 7   A   B "C4'" 1 
ATOM   1396 O "O4'" . A   B 2 7   ? 3.65158   -8.70753  -23.35920 1.000 29.61000 ? 7   A   B "O4'" 1 
ATOM   1397 C "C3'" . A   B 2 7   ? 4.69845   -6.74402  -24.11627 1.000 30.99000 ? 7   A   B "C3'" 1 
ATOM   1398 O "O3'" . A   B 2 7   ? 5.94617   -6.19458  -24.47854 1.000 39.53000 ? 7   A   B "O3'" 1 
ATOM   1399 C "C2'" . A   B 2 7   ? 3.89522   -7.32334  -25.26903 1.000 31.09000 ? 7   A   B "C2'" 1 
ATOM   1400 O "O2'" . A   B 2 7   ? 4.73347   -8.06692  -26.14152 1.000 35.66000 ? 7   A   B "O2'" 1 
ATOM   1401 C "C1'" . A   B 2 7   ? 2.97687   -8.29086  -24.52785 1.000 24.47000 ? 7   A   B "C1'" 1 
ATOM   1402 N N9    . A   B 2 7   ? 1.70545   -7.67181  -24.10086 1.000 26.47000 ? 7   A   B N9    1 
ATOM   1403 C C8    . A   B 2 7   ? 1.32642   -7.46518  -22.79199 1.000 27.67000 ? 7   A   B C8    1 
ATOM   1404 N N7    . A   B 2 7   ? 0.13796   -6.93007  -22.65548 1.000 28.39000 ? 7   A   B N7    1 
ATOM   1405 C C5    . A   B 2 7   ? -0.31332  -6.78072  -23.96713 1.000 27.37000 ? 7   A   B C5    1 
ATOM   1406 C C6    . A   B 2 7   ? -1.52023  -6.27018  -24.49823 1.000 29.16000 ? 7   A   B C6    1 
ATOM   1407 N N6    . A   B 2 7   ? -2.51326  -5.78803  -23.73624 1.000 27.64000 ? 7   A   B N6    1 
ATOM   1408 N N1    . A   B 2 7   ? -1.66771  -6.26010  -25.84740 1.000 24.66000 ? 7   A   B N1    1 
ATOM   1409 C C2    . A   B 2 7   ? -0.65737  -6.74220  -26.59469 1.000 27.05000 ? 7   A   B C2    1 
ATOM   1410 N N3    . A   B 2 7   ? 0.52071   -7.24677  -26.20879 1.000 24.76000 ? 7   A   B N3    1 
ATOM   1411 C C4    . A   B 2 7   ? 0.63627   -7.24113  -24.86902 1.000 27.78000 ? 7   A   B C4    1 
ATOM   1412 P P     . C   B 2 8   ? 6.26688   -4.68018  -24.07278 1.000 35.46000 ? 8   C   B P     1 
ATOM   1413 O OP1   . C   B 2 8   ? 7.73724   -4.48834  -24.20613 1.000 56.22000 ? 8   C   B OP1   1 
ATOM   1414 O OP2   . C   B 2 8   ? 5.62022   -4.41835  -22.77165 1.000 31.76000 ? 8   C   B OP2   1 
ATOM   1415 O "O5'" . C   B 2 8   ? 5.54272   -3.83898  -25.21483 1.000 40.07000 ? 8   C   B "O5'" 1 
ATOM   1416 C "C5'" . C   B 2 8   ? 5.87978   -4.03699  -26.58093 1.000 41.94000 ? 8   C   B "C5'" 1 
ATOM   1417 C "C4'" . C   B 2 8   ? 4.78656   -3.54875  -27.49933 1.000 46.12000 ? 8   C   B "C4'" 1 
ATOM   1418 O "O4'" . C   B 2 8   ? 3.58476   -4.34338  -27.29611 1.000 41.17000 ? 8   C   B "O4'" 1 
ATOM   1419 C "C3'" . C   B 2 8   ? 4.32501   -2.11220  -27.27812 1.000 51.31000 ? 8   C   B "C3'" 1 
ATOM   1420 O "O3'" . C   B 2 8   ? 5.16882   -1.14876  -27.88990 1.000 56.73000 ? 8   C   B "O3'" 1 
ATOM   1421 C "C2'" . C   B 2 8   ? 2.90718   -2.12930  -27.83555 1.000 49.86000 ? 8   C   B "C2'" 1 
ATOM   1422 O "O2'" . C   B 2 8   ? 2.92795   -2.06255  -29.25628 1.000 47.84000 ? 8   C   B "O2'" 1 
ATOM   1423 C "C1'" . C   B 2 8   ? 2.43770   -3.52601  -27.41892 1.000 44.00000 ? 8   C   B "C1'" 1 
ATOM   1424 N N1    . C   B 2 8   ? 1.71589   -3.51272  -26.11984 1.000 40.66000 ? 8   C   B N1    1 
ATOM   1425 C C2    . C   B 2 8   ? 0.34489   -3.20117  -26.08918 1.000 38.63000 ? 8   C   B C2    1 
ATOM   1426 O O2    . C   B 2 8   ? -0.25090  -2.93886  -27.14693 1.000 38.36000 ? 8   C   B O2    1 
ATOM   1427 N N3    . C   B 2 8   ? -0.30791  -3.19149  -24.90044 1.000 32.48000 ? 8   C   B N3    1 
ATOM   1428 C C4    . C   B 2 8   ? 0.34295   -3.47379  -23.76682 1.000 34.64000 ? 8   C   B C4    1 
ATOM   1429 N N4    . C   B 2 8   ? -0.34509  -3.45508  -22.61919 1.000 34.94000 ? 8   C   B N4    1 
ATOM   1430 C C5    . C   B 2 8   ? 1.73388   -3.79679  -23.76405 1.000 36.50000 ? 8   C   B C5    1 
ATOM   1431 C C6    . C   B 2 8   ? 2.36714   -3.80105  -24.94625 1.000 38.21000 ? 8   C   B C6    1 
HETATM 1432 O O     . HOH C 3 .   ? 9.33395   -9.83587  -9.33588  1.000 30.00000 ? 401 HOH A O     1 
HETATM 1433 O O     . HOH C 3 .   ? -11.66670 16.36605  -3.92323  1.000 29.00000 ? 402 HOH A O     1 
HETATM 1434 O O     . HOH C 3 .   ? 4.31692   6.32322   -7.42272  1.000 27.19000 ? 403 HOH A O     1 
HETATM 1435 O O     . HOH C 3 .   ? 6.65178   17.36464  -6.84812  1.000 23.27000 ? 404 HOH A O     1 
HETATM 1436 O O     . HOH C 3 .   ? 1.99334   -17.88817 6.93854   1.000 20.10000 ? 405 HOH A O     1 
HETATM 1437 O O     . HOH C 3 .   ? 0.42254   3.90287   -4.59024  1.000 12.07000 ? 406 HOH A O     1 
HETATM 1438 O O     . HOH C 3 .   ? -11.83784 -0.13785  -4.02749  1.000 22.65000 ? 407 HOH A O     1 
HETATM 1439 O O     . HOH C 3 .   ? -14.08492 2.59299   1.36803   1.000 26.91000 ? 408 HOH A O     1 
HETATM 1440 O O     . HOH C 3 .   ? 9.16827   7.52366   1.00712   1.000 15.12000 ? 409 HOH A O     1 
HETATM 1441 O O     . HOH C 3 .   ? 9.21556   11.42196  1.99393   1.000 14.77000 ? 410 HOH A O     1 
HETATM 1442 O O     . HOH C 3 .   ? -12.62666 -5.42843  -10.92463 1.000 30.93000 ? 411 HOH A O     1 
HETATM 1443 O O     . HOH C 3 .   ? 1.32296   17.27260  -3.96851  1.000 18.89000 ? 412 HOH A O     1 
HETATM 1444 O O     . HOH C 3 .   ? -15.68367 -0.92427  1.11102   1.000 34.52000 ? 413 HOH A O     1 
HETATM 1445 O O     . HOH C 3 .   ? -5.64778  3.49660   -11.03062 1.000 16.46000 ? 414 HOH A O     1 
HETATM 1446 O O     . HOH C 3 .   ? 12.27526  -3.30560  -3.79453  1.000 26.74000 ? 415 HOH A O     1 
HETATM 1447 O O     . HOH C 3 .   ? 2.84259   -2.51695  3.81293   1.000 19.65000 ? 416 HOH A O     1 
HETATM 1448 O O     . HOH C 3 .   ? -7.91606  0.91459   -4.78880  1.000 12.95000 ? 417 HOH A O     1 
HETATM 1449 O O     . HOH C 3 .   ? -1.94290  -17.75824 12.15971  1.000 21.80000 ? 418 HOH A O     1 
HETATM 1450 O O     . HOH C 3 .   ? 1.16774   -18.36917 0.84827   1.000 18.27000 ? 419 HOH A O     1 
HETATM 1451 O O     . HOH C 3 .   ? -11.56694 -6.33597  -12.90187 1.000 28.69000 ? 420 HOH A O     1 
HETATM 1452 O O     . HOH C 3 .   ? 5.33419   7.06919   6.46683   1.000 19.18000 ? 421 HOH A O     1 
HETATM 1453 O O     . HOH C 3 .   ? -4.44897  -12.51197 8.49055   1.000 21.04000 ? 422 HOH A O     1 
HETATM 1454 O O     . HOH C 3 .   ? -10.71865 -3.37071  0.49800   1.000 20.61000 ? 423 HOH A O     1 
HETATM 1455 O O     . HOH C 3 .   ? 7.47094   -15.02621 3.97907   1.000 15.33000 ? 424 HOH A O     1 
HETATM 1456 O O     . HOH C 3 .   ? -7.40995  -12.47586 -3.64083  1.000 20.44000 ? 425 HOH A O     1 
HETATM 1457 O O     . HOH C 3 .   ? 0.35985   -13.51257 -11.63300 1.000 20.51000 ? 426 HOH A O     1 
HETATM 1458 O O     . HOH C 3 .   ? -7.55296  1.48316   -11.09672 1.000 22.05000 ? 427 HOH A O     1 
HETATM 1459 O O     . HOH C 3 .   ? -9.42531  -9.65980  -1.17425  1.000 21.22000 ? 428 HOH A O     1 
HETATM 1460 O O     . HOH C 3 .   ? 12.80372  9.91942   -9.99195  1.000 31.07000 ? 429 HOH A O     1 
HETATM 1461 O O     . HOH C 3 .   ? -7.93874  0.39040   13.45785  1.000 32.05000 ? 430 HOH A O     1 
HETATM 1462 O O     . HOH C 3 .   ? 9.39468   4.37886   3.79701   1.000 26.14000 ? 431 HOH A O     1 
HETATM 1463 O O     . HOH C 3 .   ? -9.00507  -5.74371  -13.82025 1.000 17.37000 ? 432 HOH A O     1 
HETATM 1464 O O     . HOH C 3 .   ? 6.67972   -2.46629  5.05046   1.000 17.49000 ? 433 HOH A O     1 
HETATM 1465 O O     . HOH C 3 .   ? -4.06226  -0.44187  -9.82193  1.000 18.00000 ? 434 HOH A O     1 
HETATM 1466 O O     . HOH C 3 .   ? -9.64340  2.89700   -4.25070  1.000 14.33000 ? 435 HOH A O     1 
HETATM 1467 O O     . HOH C 3 .   ? 7.94143   0.41500   9.84200   1.000 29.17000 ? 436 HOH A O     1 
HETATM 1468 O O     . HOH C 3 .   ? -12.61870 -4.60383  -3.69375  1.000 20.30000 ? 437 HOH A O     1 
HETATM 1469 O O     . HOH C 3 .   ? 9.67500   2.50939   5.16407   1.000 29.01000 ? 438 HOH A O     1 
HETATM 1470 O O     . HOH C 3 .   ? 11.31034  -10.98125 -3.92371  1.000 26.91000 ? 439 HOH A O     1 
HETATM 1471 O O     . HOH C 3 .   ? -12.21911 -3.80630  5.01958   1.000 30.63000 ? 440 HOH A O     1 
HETATM 1472 O O     . HOH C 3 .   ? -1.04200  -1.78603  11.52995  1.000 32.38000 ? 441 HOH A O     1 
HETATM 1473 O O     . HOH C 3 .   ? -4.56086  1.83297   -8.52823  1.000 20.94000 ? 442 HOH A O     1 
HETATM 1474 O O     . HOH C 3 .   ? -7.67044  -2.69250  0.28501   1.000 13.73000 ? 443 HOH A O     1 
HETATM 1475 O O     . HOH C 3 .   ? -4.88995  2.58649   14.48400  1.000 32.94000 ? 444 HOH A O     1 
HETATM 1476 O O     . HOH C 3 .   ? -12.54437 8.29771   3.72093   1.000 22.59000 ? 445 HOH A O     1 
HETATM 1477 O O     . HOH C 3 .   ? 0.39809   -16.30621 5.30797   1.000 20.24000 ? 446 HOH A O     1 
HETATM 1478 O O     . HOH C 3 .   ? 3.27356   -9.65873  -13.28576 1.000 24.38000 ? 447 HOH A O     1 
HETATM 1479 O O     . HOH C 3 .   ? 2.23158   7.31754   -7.13581  1.000 22.00000 ? 448 HOH A O     1 
HETATM 1480 O O     . HOH C 3 .   ? -11.23669 9.43240   -0.39977  1.000 20.19000 ? 449 HOH A O     1 
HETATM 1481 O O     . HOH C 3 .   ? -2.65203  -10.75648 -14.61724 1.000 24.87000 ? 450 HOH A O     1 
HETATM 1482 O O     . HOH C 3 .   ? -5.36858  -11.26693 -14.09226 1.000 16.73000 ? 451 HOH A O     1 
HETATM 1483 O O     . HOH C 3 .   ? -1.71107  16.95618  -4.91819  1.000 17.37000 ? 452 HOH A O     1 
HETATM 1484 O O     . HOH C 3 .   ? 0.89985   -10.30401 -12.47134 1.000 17.69000 ? 453 HOH A O     1 
HETATM 1485 O O     . HOH C 3 .   ? -6.80380  -15.22730 -3.25154  1.000 28.33000 ? 454 HOH A O     1 
HETATM 1486 O O     . HOH C 3 .   ? -10.92821 5.58775   -7.67809  1.000 21.05000 ? 455 HOH A O     1 
HETATM 1487 O O     . HOH C 3 .   ? 0.75196   5.34986   -6.86234  1.000 31.22000 ? 456 HOH A O     1 
HETATM 1488 O O     . HOH C 3 .   ? 0.67568   6.09749   10.95258  1.000 25.31000 ? 457 HOH A O     1 
HETATM 1489 O O     . HOH C 3 .   ? -5.00548  7.10205   -16.68066 1.000 31.05000 ? 458 HOH A O     1 
HETATM 1490 O O     . HOH C 3 .   ? 11.99127  -8.01751  6.67119   1.000 24.26000 ? 459 HOH A O     1 
HETATM 1491 O O     . HOH C 3 .   ? -4.53186  -16.58993 -2.49069  1.000 27.64000 ? 460 HOH A O     1 
HETATM 1492 O O     . HOH C 3 .   ? -13.32193 -2.06081  -3.07569  1.000 23.21000 ? 461 HOH A O     1 
HETATM 1493 O O     . HOH C 3 .   ? 10.99995  9.41264   1.96981   1.000 22.10000 ? 462 HOH A O     1 
HETATM 1494 O O     . HOH C 3 .   ? 2.25215   13.31587  -12.17297 1.000 31.31000 ? 463 HOH A O     1 
HETATM 1495 O O     . HOH C 3 .   ? -11.54930 -5.39121  -0.96315  1.000 19.92000 ? 464 HOH A O     1 
HETATM 1496 O O     . HOH C 3 .   ? -12.14195 10.66564  1.71039   1.000 26.74000 ? 465 HOH A O     1 
HETATM 1497 O O     . HOH C 3 .   ? -10.03793 -11.56360 -3.19058  1.000 23.15000 ? 466 HOH A O     1 
HETATM 1498 O O     . HOH C 3 .   ? -1.46797  19.59830  -4.46800  1.000 33.07000 ? 467 HOH A O     1 
HETATM 1499 O O     . HOH C 3 .   ? -12.20149 2.44192   -4.77699  1.000 21.01000 ? 468 HOH A O     1 
HETATM 1500 O O     . HOH C 3 .   ? 16.58932  15.85305  -13.86644 1.000 27.44000 ? 469 HOH A O     1 
HETATM 1501 O O     . HOH C 3 .   ? -11.75928 -8.15510  -0.77181  1.000 18.92000 ? 470 HOH A O     1 
HETATM 1502 O O     . HOH D 3 .   ? 1.80430   -15.76028 -11.03816 1.000 26.37000 ? 101 HOH B O     1 
HETATM 1503 O O     . HOH D 3 .   ? 10.85417  -20.40111 4.54831   1.000 26.76000 ? 102 HOH B O     1 
HETATM 1504 O O     . HOH D 3 .   ? 12.07645  -11.89389 0.12556   1.000 26.48000 ? 103 HOH B O     1 
HETATM 1505 O O     . HOH D 3 .   ? 14.91394  -17.28696 3.97007   1.000 21.14000 ? 104 HOH B O     1 
HETATM 1506 O O     . HOH D 3 .   ? 12.96320  -13.38448 2.66369   1.000 22.13000 ? 105 HOH B O     1 
HETATM 1507 O O     . HOH D 3 .   ? 10.33370  -13.95259 2.58997   1.000 20.34000 ? 106 HOH B O     1 
HETATM 1508 O O     . HOH D 3 .   ? 0.15107   -10.97381 -14.82872 1.000 30.40000 ? 107 HOH B O     1 
HETATM 1509 O O     . HOH D 3 .   ? 12.84442  -21.92707 4.06986   1.000 26.35000 ? 108 HOH B O     1 
# 
